data_9JHL
#
_entry.id   9JHL
#
_cell.length_a   1.00
_cell.length_b   1.00
_cell.length_c   1.00
_cell.angle_alpha   90.00
_cell.angle_beta   90.00
_cell.angle_gamma   90.00
#
_symmetry.space_group_name_H-M   'P 1'
#
loop_
_entity.id
_entity.type
_entity.pdbx_description
1 polymer 'Clostridium perfringen Argonaute'
2 polymer "DNA (5'-D(P*TP*GP*AP*GP*GP*TP*AP*GP*TP*AP*GP*GP*TP*TP*GP*TP*AP*TP*AP*GP*T)-3')"
3 polymer 'DNA (29-MER)'
4 non-polymer 'MANGANESE (II) ION'
#
loop_
_entity_poly.entity_id
_entity_poly.type
_entity_poly.pdbx_seq_one_letter_code
_entity_poly.pdbx_strand_id
1 'polypeptide(L)'
;MVGGYKVSNLTVEAFEGIGSVNPMLFYQYKVTGKGKYDNVYKIIKSARYKMHSKNRFKPVFIKDDKLYTLEKLPDIEDLD
FANINFVKSEVLSIEDNMSIYGEVVEYYINLKLKKVKVLGKYPKYRINYSKEILSNTLLTRELKDEFKKSNKGFNLKRKF
RISPVVNKMGKVILYLSCSADFSTNKNIYEMLKEGLEVEGLAVKSEWSNISGNLVIESVLETKISEPTSLGQSLIDYYKN
NNQGYRVKDFTDEDLNANIVNVRGNKKIYMYIPHALKPIITREYLAKNDPEFSKEIEQLIKMNMNYRYETLKSFVNDIGV
IEELNNLSFKNKYYEDVKLLGYSSGKIDEPVLMGAKGIIKNKMQIFSNGFYKLPEGKVRFGVLYPKEFDGVSRKAIRAIY
DFSKEGKYHGESNKYIAEHLINVEFNPKECIFEGYELGDITEYKKAALKLNNYNNVDFVIAIVPNMSDEEIENSYNPFKK
IWAELNLPSQMISVKTAEIFANSRDNTALYYLHNIVLGILGKIGGIPWVVKDMKGDVDCFVGLDVGTREKGIHYPACSVV
FDKYGKLINYYKPNIPQNGEKINTEILQEIFDKVLISYEEENGAYPKNIVIHRAGFSREDLDWYENYFGKKNIKFNIIEV
KKSTPLKIASINEGNITNPEKGSYILRGNKAYMVTTDIKENLGSPKPLKIEKSYGDIDMLTALSQIYALTQIHVGATKSL
RLPITTGYADKICKAIEFIPQGRVDNRLFFL
;
A,B
2 'polydeoxyribonucleotide'
;(DT)(DG)(DA)(DG)(DG)(DT)(DA)(DG)(DT)(DA)(DG)(DG)(DT)(DT)(DG)(DT)(DA)(DT)(DA)(DG)
(DT)
;
C,D
3 'polydeoxyribonucleotide'
;(DA)(DT)(DA)(DT)(DA)(DC)(DT)(DA)(DT)(DA)(DC)(DA)(DA)(DC)(DC)(DT)(DA)(DC)(DT)(DA)
(DC)(DC)(DT)(DC)(DA)(DT)(DA)(DT)(DA)
;
E,F
#
loop_
_chem_comp.id
_chem_comp.type
_chem_comp.name
_chem_comp.formula
DA DNA linking 2'-DEOXYADENOSINE-5'-MONOPHOSPHATE 'C10 H14 N5 O6 P'
DC DNA linking 2'-DEOXYCYTIDINE-5'-MONOPHOSPHATE 'C9 H14 N3 O7 P'
DG DNA linking 2'-DEOXYGUANOSINE-5'-MONOPHOSPHATE 'C10 H14 N5 O7 P'
DT DNA linking THYMIDINE-5'-MONOPHOSPHATE 'C10 H15 N2 O8 P'
MN non-polymer 'MANGANESE (II) ION' 'Mn 2'
#
# COMPACT_ATOMS: atom_id res chain seq x y z
N VAL A 7 8.78 -45.69 20.80
CA VAL A 7 9.12 -44.29 20.60
C VAL A 7 8.36 -43.43 21.60
N SER A 8 8.52 -42.11 21.49
CA SER A 8 7.84 -41.17 22.37
C SER A 8 6.49 -40.80 21.74
N ASN A 9 5.41 -41.00 22.49
CA ASN A 9 4.10 -40.56 22.06
C ASN A 9 4.04 -39.05 22.02
N LEU A 10 3.17 -38.53 21.16
CA LEU A 10 2.93 -37.11 21.05
C LEU A 10 1.48 -36.83 21.40
N THR A 11 1.26 -35.72 22.10
CA THR A 11 -0.08 -35.32 22.47
C THR A 11 -0.19 -33.81 22.35
N VAL A 12 -1.42 -33.32 22.44
CA VAL A 12 -1.66 -31.88 22.43
C VAL A 12 -2.27 -31.48 23.76
N GLU A 13 -2.32 -30.17 23.99
CA GLU A 13 -2.93 -29.61 25.19
C GLU A 13 -4.44 -29.72 25.05
N ALA A 14 -4.96 -30.88 25.46
CA ALA A 14 -6.36 -31.22 25.32
C ALA A 14 -6.77 -32.12 26.47
N PHE A 15 -7.96 -31.88 27.00
CA PHE A 15 -8.50 -32.70 28.07
C PHE A 15 -9.86 -33.24 27.66
N GLU A 16 -10.05 -34.54 27.81
CA GLU A 16 -11.30 -35.17 27.42
C GLU A 16 -12.38 -34.90 28.47
N GLY A 17 -13.60 -34.62 28.00
CA GLY A 17 -14.72 -34.43 28.90
C GLY A 17 -15.35 -35.77 29.28
N ILE A 18 -15.60 -35.94 30.56
CA ILE A 18 -16.28 -37.14 31.06
C ILE A 18 -17.78 -36.92 30.92
N GLY A 19 -18.42 -37.75 30.12
CA GLY A 19 -19.83 -37.59 29.83
C GLY A 19 -20.08 -36.62 28.68
N SER A 20 -21.29 -36.69 28.15
CA SER A 20 -21.66 -35.90 26.98
C SER A 20 -22.60 -34.78 27.37
N VAL A 21 -22.87 -33.91 26.40
CA VAL A 21 -23.87 -32.87 26.57
C VAL A 21 -25.14 -33.28 25.83
N ASN A 22 -26.29 -32.90 26.36
CA ASN A 22 -27.56 -33.27 25.76
C ASN A 22 -28.07 -32.15 24.85
N PRO A 23 -28.93 -32.47 23.88
CA PRO A 23 -29.62 -31.40 23.15
C PRO A 23 -30.56 -30.64 24.07
N MET A 24 -30.35 -29.34 24.16
CA MET A 24 -31.06 -28.51 25.12
C MET A 24 -31.80 -27.39 24.40
N LEU A 25 -32.82 -26.87 25.07
CA LEU A 25 -33.78 -25.97 24.46
C LEU A 25 -33.17 -24.59 24.21
N PHE A 26 -33.23 -24.15 22.95
CA PHE A 26 -32.76 -22.83 22.56
C PHE A 26 -33.92 -21.96 22.13
N TYR A 27 -33.70 -20.65 22.19
CA TYR A 27 -34.72 -19.65 21.88
C TYR A 27 -34.21 -18.79 20.74
N GLN A 28 -34.62 -19.14 19.53
CA GLN A 28 -34.09 -18.52 18.31
C GLN A 28 -34.63 -17.11 18.17
N TYR A 29 -33.71 -16.15 18.05
CA TYR A 29 -34.08 -14.74 17.90
C TYR A 29 -33.67 -14.26 16.51
N LYS A 30 -34.18 -13.08 16.13
CA LYS A 30 -33.98 -12.52 14.79
C LYS A 30 -33.41 -11.12 14.89
N VAL A 31 -32.36 -10.86 14.11
CA VAL A 31 -31.78 -9.53 14.00
C VAL A 31 -32.09 -9.00 12.61
N THR A 32 -32.65 -7.79 12.54
CA THR A 32 -33.00 -7.15 11.29
C THR A 32 -32.28 -5.80 11.23
N GLY A 33 -31.98 -5.35 10.01
CA GLY A 33 -31.26 -4.11 9.80
C GLY A 33 -32.13 -2.88 9.97
N LYS A 34 -32.38 -2.51 11.23
CA LYS A 34 -33.32 -1.46 11.56
C LYS A 34 -32.83 -0.07 11.13
N GLY A 35 -31.51 0.10 10.98
CA GLY A 35 -30.95 1.39 10.61
C GLY A 35 -31.15 1.73 9.14
N LYS A 36 -30.33 2.67 8.66
CA LYS A 36 -30.39 3.10 7.27
C LYS A 36 -29.86 2.01 6.33
N TYR A 37 -29.02 1.12 6.85
CA TYR A 37 -28.58 -0.07 6.13
C TYR A 37 -29.67 -1.14 6.14
N ASP A 38 -29.33 -2.30 5.58
CA ASP A 38 -30.18 -3.48 5.77
C ASP A 38 -29.32 -4.74 5.93
N ASN A 39 -28.01 -4.60 6.12
CA ASN A 39 -27.12 -5.75 6.24
C ASN A 39 -27.04 -6.15 7.72
N VAL A 40 -27.50 -7.36 8.02
CA VAL A 40 -27.51 -7.84 9.40
C VAL A 40 -26.22 -8.54 9.79
N TYR A 41 -25.42 -8.95 8.80
CA TYR A 41 -24.13 -9.60 9.08
C TYR A 41 -23.13 -8.63 9.68
N LYS A 42 -23.25 -7.34 9.36
CA LYS A 42 -22.36 -6.33 9.93
C LYS A 42 -22.78 -5.89 11.32
N ILE A 43 -23.90 -6.40 11.86
CA ILE A 43 -24.36 -6.05 13.19
C ILE A 43 -24.69 -7.26 14.05
N ILE A 44 -24.48 -8.47 13.56
CA ILE A 44 -24.91 -9.68 14.28
C ILE A 44 -24.11 -9.87 15.58
N LYS A 45 -22.79 -9.59 15.54
CA LYS A 45 -21.98 -9.78 16.73
C LYS A 45 -22.18 -8.65 17.73
N SER A 46 -22.44 -7.44 17.22
CA SER A 46 -22.76 -6.31 18.10
C SER A 46 -24.09 -6.54 18.79
N ALA A 47 -25.06 -7.10 18.07
CA ALA A 47 -26.35 -7.43 18.67
C ALA A 47 -26.21 -8.52 19.72
N ARG A 48 -25.35 -9.52 19.44
CA ARG A 48 -25.04 -10.56 20.42
C ARG A 48 -24.44 -9.96 21.68
N TYR A 49 -23.47 -9.06 21.53
CA TYR A 49 -22.79 -8.50 22.70
C TYR A 49 -23.70 -7.58 23.49
N LYS A 50 -24.55 -6.80 22.81
CA LYS A 50 -25.44 -5.91 23.54
C LYS A 50 -26.57 -6.66 24.23
N MET A 51 -27.04 -7.77 23.64
CA MET A 51 -28.06 -8.53 24.34
C MET A 51 -27.46 -9.37 25.46
N HIS A 52 -26.19 -9.75 25.34
CA HIS A 52 -25.50 -10.42 26.44
C HIS A 52 -25.25 -9.46 27.59
N SER A 53 -24.80 -8.25 27.30
CA SER A 53 -24.40 -7.31 28.35
C SER A 53 -25.62 -6.64 29.00
N LYS A 54 -26.67 -6.36 28.23
CA LYS A 54 -27.82 -5.66 28.77
C LYS A 54 -28.77 -6.59 29.53
N ASN A 55 -28.45 -7.87 29.68
CA ASN A 55 -29.33 -8.77 30.40
C ASN A 55 -28.52 -9.65 31.35
N ARG A 56 -27.66 -8.99 32.14
CA ARG A 56 -26.84 -9.54 33.25
C ARG A 56 -26.09 -10.82 32.87
N PHE A 57 -25.47 -10.79 31.68
CA PHE A 57 -24.42 -11.73 31.25
C PHE A 57 -24.93 -13.17 31.16
N LYS A 58 -25.97 -13.34 30.35
CA LYS A 58 -26.68 -14.57 30.05
C LYS A 58 -26.31 -15.05 28.65
N PRO A 59 -26.31 -16.36 28.39
CA PRO A 59 -25.65 -16.89 27.19
C PRO A 59 -26.38 -16.56 25.89
N VAL A 60 -25.66 -15.90 24.99
CA VAL A 60 -26.18 -15.51 23.68
C VAL A 60 -25.22 -16.03 22.62
N PHE A 61 -25.74 -16.75 21.63
CA PHE A 61 -24.92 -17.41 20.64
C PHE A 61 -25.33 -16.95 19.25
N ILE A 62 -24.47 -17.23 18.26
CA ILE A 62 -24.63 -16.73 16.90
C ILE A 62 -24.62 -17.88 15.92
N LYS A 63 -25.72 -18.06 15.21
CA LYS A 63 -25.74 -18.78 13.93
C LYS A 63 -25.91 -17.66 12.92
N ASP A 64 -25.83 -17.98 11.62
CA ASP A 64 -25.61 -17.10 10.44
C ASP A 64 -26.40 -15.79 10.53
N ASP A 65 -27.68 -15.81 10.88
CA ASP A 65 -28.44 -14.59 11.05
C ASP A 65 -29.23 -14.53 12.36
N LYS A 66 -29.13 -15.57 13.19
CA LYS A 66 -30.02 -15.72 14.33
C LYS A 66 -29.25 -15.74 15.64
N LEU A 67 -29.92 -15.32 16.70
CA LEU A 67 -29.40 -15.40 18.05
C LEU A 67 -30.10 -16.54 18.79
N TYR A 68 -29.32 -17.33 19.51
CA TYR A 68 -29.82 -18.48 20.27
C TYR A 68 -29.51 -18.29 21.74
N THR A 69 -30.49 -18.59 22.59
CA THR A 69 -30.42 -18.26 24.00
C THR A 69 -30.97 -19.43 24.82
N LEU A 70 -30.31 -19.68 25.96
CA LEU A 70 -30.64 -20.81 26.82
C LEU A 70 -31.82 -20.59 27.76
N GLU A 71 -32.24 -19.34 27.98
CA GLU A 71 -33.45 -19.12 28.76
C GLU A 71 -34.17 -17.87 28.25
N LYS A 72 -35.41 -17.70 28.69
CA LYS A 72 -36.34 -16.77 28.05
C LYS A 72 -35.97 -15.34 28.37
N LEU A 73 -35.45 -14.63 27.37
CA LEU A 73 -35.07 -13.25 27.54
C LEU A 73 -35.98 -12.37 26.69
N PRO A 74 -36.34 -11.18 27.18
CA PRO A 74 -37.28 -10.35 26.42
C PRO A 74 -36.64 -9.77 25.16
N ASP A 75 -37.46 -9.67 24.12
CA ASP A 75 -37.01 -9.07 22.86
C ASP A 75 -36.70 -7.59 23.05
N ILE A 76 -35.50 -7.20 22.67
CA ILE A 76 -34.96 -5.88 23.01
C ILE A 76 -35.08 -4.99 21.78
N GLU A 77 -35.89 -3.94 21.90
CA GLU A 77 -35.99 -2.88 20.91
C GLU A 77 -35.20 -1.64 21.31
N ASP A 78 -34.49 -1.69 22.45
CA ASP A 78 -33.79 -0.51 22.95
C ASP A 78 -32.56 -0.19 22.12
N LEU A 79 -31.98 -1.18 21.45
CA LEU A 79 -30.83 -0.94 20.61
C LEU A 79 -31.24 -0.19 19.35
N ASP A 80 -30.49 0.86 19.01
CA ASP A 80 -30.83 1.68 17.86
C ASP A 80 -30.48 0.99 16.55
N PHE A 81 -29.56 0.01 16.57
CA PHE A 81 -29.11 -0.64 15.35
C PHE A 81 -29.68 -2.04 15.15
N ALA A 82 -30.25 -2.66 16.18
CA ALA A 82 -30.66 -4.06 16.13
C ALA A 82 -31.97 -4.24 16.87
N ASN A 83 -33.00 -4.69 16.15
CA ASN A 83 -34.28 -5.03 16.75
C ASN A 83 -34.41 -6.54 16.93
N ILE A 84 -33.78 -7.01 18.02
CA ILE A 84 -33.74 -8.45 18.32
C ILE A 84 -35.12 -8.90 18.78
N ASN A 85 -35.66 -9.92 18.12
CA ASN A 85 -37.04 -10.35 18.33
C ASN A 85 -37.14 -11.87 18.34
N PHE A 86 -37.93 -12.40 19.26
CA PHE A 86 -38.15 -13.84 19.38
C PHE A 86 -38.86 -14.39 18.14
N VAL A 87 -38.46 -15.57 17.71
CA VAL A 87 -39.09 -16.23 16.57
C VAL A 87 -39.73 -17.53 17.02
N LYS A 88 -38.92 -18.46 17.51
CA LYS A 88 -39.41 -19.79 17.82
C LYS A 88 -38.53 -20.43 18.88
N SER A 89 -38.97 -21.59 19.35
CA SER A 89 -38.33 -22.34 20.42
C SER A 89 -37.98 -23.72 19.90
N GLU A 90 -36.69 -23.99 19.72
CA GLU A 90 -36.25 -25.20 19.04
C GLU A 90 -35.11 -25.85 19.80
N VAL A 91 -35.23 -27.16 20.00
CA VAL A 91 -34.16 -27.99 20.54
C VAL A 91 -33.22 -28.29 19.37
N LEU A 92 -32.08 -27.62 19.33
CA LEU A 92 -31.13 -27.84 18.25
C LEU A 92 -30.39 -29.16 18.44
N SER A 93 -30.24 -29.90 17.36
CA SER A 93 -29.55 -31.19 17.40
C SER A 93 -28.05 -30.96 17.45
N ILE A 94 -27.31 -31.96 17.97
CA ILE A 94 -25.87 -31.81 18.13
C ILE A 94 -25.17 -31.96 16.78
N GLU A 95 -25.76 -32.74 15.87
CA GLU A 95 -25.06 -33.12 14.64
C GLU A 95 -24.91 -31.95 13.68
N ASP A 96 -25.79 -30.97 13.75
CA ASP A 96 -25.76 -29.83 12.83
C ASP A 96 -25.22 -28.56 13.47
N ASN A 97 -24.96 -28.58 14.77
CA ASN A 97 -24.65 -27.39 15.55
C ASN A 97 -23.46 -27.64 16.48
N MET A 98 -22.36 -28.12 15.89
CA MET A 98 -21.14 -28.39 16.65
C MET A 98 -20.60 -27.13 17.31
N SER A 99 -20.52 -26.03 16.54
CA SER A 99 -19.91 -24.80 17.03
C SER A 99 -20.77 -24.14 18.10
N ILE A 100 -22.09 -24.27 17.98
CA ILE A 100 -22.99 -23.65 18.95
C ILE A 100 -22.88 -24.36 20.30
N TYR A 101 -22.81 -25.68 20.29
CA TYR A 101 -22.65 -26.41 21.55
C TYR A 101 -21.23 -26.27 22.09
N GLY A 102 -20.24 -26.04 21.23
CA GLY A 102 -18.92 -25.68 21.72
C GLY A 102 -18.93 -24.35 22.46
N GLU A 103 -19.68 -23.38 21.93
CA GLU A 103 -19.81 -22.10 22.61
C GLU A 103 -20.66 -22.21 23.88
N VAL A 104 -21.61 -23.15 23.91
CA VAL A 104 -22.38 -23.44 25.13
C VAL A 104 -21.46 -23.98 26.21
N VAL A 105 -20.61 -24.94 25.86
CA VAL A 105 -19.69 -25.54 26.82
C VAL A 105 -18.68 -24.51 27.30
N GLU A 106 -18.21 -23.64 26.41
CA GLU A 106 -17.23 -22.66 26.85
C GLU A 106 -17.88 -21.56 27.70
N TYR A 107 -19.16 -21.26 27.45
CA TYR A 107 -19.90 -20.36 28.32
C TYR A 107 -20.04 -20.93 29.72
N TYR A 108 -20.41 -22.22 29.81
CA TYR A 108 -20.62 -22.80 31.13
C TYR A 108 -19.31 -23.04 31.86
N ILE A 109 -18.21 -23.22 31.13
CA ILE A 109 -16.88 -23.22 31.75
C ILE A 109 -16.56 -21.83 32.32
N ASN A 110 -16.86 -20.77 31.55
CA ASN A 110 -16.68 -19.40 32.04
C ASN A 110 -17.52 -19.11 33.28
N LEU A 111 -18.77 -19.56 33.28
CA LEU A 111 -19.66 -19.28 34.41
C LEU A 111 -19.30 -20.14 35.61
N LYS A 112 -18.70 -21.31 35.39
CA LYS A 112 -18.23 -22.11 36.52
C LYS A 112 -16.95 -21.53 37.10
N LEU A 113 -16.10 -20.94 36.26
CA LEU A 113 -14.82 -20.43 36.76
C LEU A 113 -14.95 -19.04 37.35
N LYS A 114 -16.03 -18.31 37.04
CA LYS A 114 -16.28 -17.03 37.69
C LYS A 114 -16.50 -17.19 39.20
N LYS A 115 -17.05 -18.31 39.63
CA LYS A 115 -17.35 -18.54 41.04
C LYS A 115 -16.18 -19.12 41.83
N VAL A 116 -14.98 -19.14 41.26
CA VAL A 116 -13.82 -19.75 41.89
C VAL A 116 -12.95 -18.65 42.50
N LYS A 117 -12.56 -18.83 43.76
CA LYS A 117 -11.83 -17.81 44.52
C LYS A 117 -10.46 -18.33 44.93
N VAL A 118 -9.51 -17.41 45.05
CA VAL A 118 -8.22 -17.67 45.70
C VAL A 118 -8.16 -16.91 47.00
N LEU A 119 -7.69 -17.58 48.05
CA LEU A 119 -7.59 -17.12 49.43
C LEU A 119 -8.95 -16.68 50.00
N GLY A 120 -10.05 -17.18 49.47
CA GLY A 120 -11.38 -16.93 49.99
C GLY A 120 -11.93 -15.53 49.78
N LYS A 121 -11.15 -14.60 49.23
CA LYS A 121 -11.55 -13.20 49.15
C LYS A 121 -11.44 -12.70 47.73
N TYR A 122 -10.45 -13.19 47.01
CA TYR A 122 -10.07 -12.65 45.72
C TYR A 122 -10.57 -13.54 44.59
N PRO A 123 -11.15 -12.95 43.54
CA PRO A 123 -11.56 -13.76 42.38
C PRO A 123 -10.35 -14.30 41.65
N LYS A 124 -10.38 -15.60 41.34
CA LYS A 124 -9.23 -16.21 40.69
C LYS A 124 -9.17 -15.83 39.22
N TYR A 125 -10.29 -15.91 38.52
CA TYR A 125 -10.33 -15.73 37.08
C TYR A 125 -11.06 -14.45 36.72
N ARG A 126 -10.61 -13.80 35.66
CA ARG A 126 -11.30 -12.65 35.09
C ARG A 126 -12.10 -13.13 33.89
N ILE A 127 -13.40 -13.25 34.06
CA ILE A 127 -14.30 -13.85 33.08
C ILE A 127 -15.01 -12.74 32.32
N ASN A 128 -14.84 -12.71 31.00
CA ASN A 128 -15.65 -11.89 30.13
C ASN A 128 -16.56 -12.74 29.23
N TYR A 129 -16.72 -14.03 29.58
CA TYR A 129 -17.55 -15.00 28.86
C TYR A 129 -17.13 -15.12 27.39
N SER A 130 -15.88 -15.50 27.21
CA SER A 130 -15.28 -15.66 25.90
C SER A 130 -14.44 -16.92 25.91
N LYS A 131 -13.65 -17.12 24.85
CA LYS A 131 -12.66 -18.18 24.87
C LYS A 131 -11.48 -17.80 25.75
N GLU A 132 -11.25 -16.51 25.96
CA GLU A 132 -10.08 -16.02 26.68
C GLU A 132 -10.42 -15.88 28.15
N ILE A 133 -9.55 -16.43 29.01
CA ILE A 133 -9.75 -16.38 30.46
C ILE A 133 -8.43 -15.95 31.09
N LEU A 134 -8.42 -14.77 31.71
CA LEU A 134 -7.29 -14.34 32.52
C LEU A 134 -7.50 -14.83 33.94
N SER A 135 -6.48 -15.47 34.50
CA SER A 135 -6.47 -15.81 35.91
C SER A 135 -5.65 -14.74 36.63
N ASN A 136 -6.17 -14.24 37.75
CA ASN A 136 -5.47 -13.21 38.48
C ASN A 136 -4.24 -13.76 39.18
N THR A 137 -4.22 -15.05 39.48
CA THR A 137 -3.09 -15.71 40.11
C THR A 137 -2.39 -16.64 39.11
N LEU A 138 -1.19 -17.08 39.48
CA LEU A 138 -0.42 -18.02 38.68
C LEU A 138 -0.10 -19.27 39.46
N LEU A 139 -0.25 -20.41 38.79
CA LEU A 139 0.36 -21.64 39.28
C LEU A 139 1.86 -21.51 39.07
N THR A 140 2.63 -21.61 40.14
CA THR A 140 4.07 -21.49 40.03
C THR A 140 4.69 -22.82 39.61
N ARG A 141 6.02 -22.81 39.46
CA ARG A 141 6.75 -24.05 39.22
C ARG A 141 6.67 -25.02 40.40
N GLU A 142 6.48 -24.50 41.60
CA GLU A 142 6.32 -25.30 42.80
C GLU A 142 4.85 -25.67 43.06
N LEU A 143 3.98 -25.50 42.06
CA LEU A 143 2.58 -25.91 42.06
C LEU A 143 1.77 -25.21 43.15
N LYS A 144 1.87 -23.88 43.18
CA LYS A 144 1.17 -23.05 44.14
C LYS A 144 0.58 -21.83 43.44
N ASP A 145 -0.67 -21.53 43.76
CA ASP A 145 -1.35 -20.36 43.20
C ASP A 145 -0.85 -19.11 43.91
N GLU A 146 -0.09 -18.27 43.20
CA GLU A 146 0.50 -17.09 43.80
C GLU A 146 0.28 -15.88 42.90
N PHE A 147 -0.07 -14.76 43.51
CA PHE A 147 -0.12 -13.49 42.78
C PHE A 147 1.29 -13.04 42.44
N LYS A 148 1.57 -12.89 41.15
CA LYS A 148 2.88 -12.42 40.70
C LYS A 148 2.79 -10.92 40.48
N LYS A 149 3.06 -10.18 41.55
CA LYS A 149 3.07 -8.73 41.54
C LYS A 149 4.50 -8.25 41.80
N SER A 150 4.76 -7.00 41.44
CA SER A 150 6.00 -6.35 41.80
C SER A 150 5.71 -5.20 42.75
N ASN A 151 6.79 -4.54 43.20
CA ASN A 151 6.62 -3.37 44.04
C ASN A 151 6.16 -2.15 43.25
N LYS A 152 6.40 -2.13 41.94
CA LYS A 152 5.98 -1.02 41.10
C LYS A 152 4.61 -1.26 40.45
N GLY A 153 3.83 -2.21 40.95
CA GLY A 153 2.48 -2.41 40.50
C GLY A 153 2.33 -3.27 39.26
N PHE A 154 3.40 -3.91 38.80
CA PHE A 154 3.33 -4.75 37.61
C PHE A 154 2.72 -6.09 37.95
N ASN A 155 1.70 -6.49 37.20
CA ASN A 155 1.02 -7.76 37.40
C ASN A 155 1.43 -8.72 36.31
N LEU A 156 1.64 -9.97 36.68
CA LEU A 156 1.71 -11.07 35.73
C LEU A 156 0.47 -11.94 35.95
N LYS A 157 -0.23 -12.24 34.86
CA LYS A 157 -1.47 -13.02 34.92
C LYS A 157 -1.41 -14.14 33.89
N ARG A 158 -1.79 -15.34 34.31
CA ARG A 158 -1.82 -16.49 33.42
C ARG A 158 -3.08 -16.40 32.56
N LYS A 159 -2.90 -16.47 31.26
CA LYS A 159 -3.93 -16.08 30.30
C LYS A 159 -4.38 -17.30 29.51
N PHE A 160 -5.51 -17.88 29.90
CA PHE A 160 -5.99 -19.12 29.33
C PHE A 160 -6.85 -18.88 28.10
N ARG A 161 -6.86 -19.86 27.20
CA ARG A 161 -7.63 -19.80 25.96
C ARG A 161 -8.27 -21.16 25.76
N ILE A 162 -9.56 -21.26 26.05
CA ILE A 162 -10.29 -22.53 25.98
C ILE A 162 -10.92 -22.64 24.61
N SER A 163 -11.09 -23.87 24.13
CA SER A 163 -11.76 -24.15 22.86
C SER A 163 -12.35 -25.55 22.90
N PRO A 164 -13.49 -25.74 23.58
CA PRO A 164 -14.08 -27.07 23.63
C PRO A 164 -14.72 -27.45 22.32
N VAL A 165 -14.54 -28.71 21.94
CA VAL A 165 -15.03 -29.24 20.67
C VAL A 165 -15.99 -30.37 20.97
N VAL A 166 -17.22 -30.25 20.47
CA VAL A 166 -18.26 -31.25 20.67
C VAL A 166 -18.46 -32.00 19.36
N ASN A 167 -18.49 -33.33 19.41
CA ASN A 167 -18.75 -34.13 18.23
C ASN A 167 -20.25 -34.39 18.11
N LYS A 168 -20.63 -35.32 17.23
CA LYS A 168 -22.06 -35.57 17.01
C LYS A 168 -22.69 -36.33 18.16
N MET A 169 -21.91 -37.11 18.92
CA MET A 169 -22.46 -37.85 20.04
C MET A 169 -22.58 -37.00 21.29
N GLY A 170 -22.10 -35.77 21.27
CA GLY A 170 -22.14 -34.89 22.42
C GLY A 170 -20.89 -34.90 23.27
N LYS A 171 -19.90 -35.70 22.93
CA LYS A 171 -18.69 -35.77 23.73
C LYS A 171 -17.82 -34.54 23.51
N VAL A 172 -17.27 -34.02 24.60
CA VAL A 172 -16.60 -32.72 24.62
C VAL A 172 -15.10 -32.95 24.81
N ILE A 173 -14.28 -32.28 24.01
CA ILE A 173 -12.83 -32.31 24.14
C ILE A 173 -12.35 -30.88 24.33
N LEU A 174 -11.82 -30.59 25.51
CA LEU A 174 -11.42 -29.22 25.86
C LEU A 174 -10.01 -28.96 25.35
N TYR A 175 -9.90 -28.32 24.19
CA TYR A 175 -8.62 -27.84 23.71
C TYR A 175 -8.22 -26.62 24.50
N LEU A 176 -6.99 -26.62 25.01
CA LEU A 176 -6.51 -25.55 25.87
C LEU A 176 -5.19 -24.99 25.39
N SER A 177 -4.91 -23.78 25.85
CA SER A 177 -3.58 -23.18 25.78
C SER A 177 -3.51 -22.15 26.89
N CYS A 178 -2.31 -21.72 27.21
CA CYS A 178 -2.10 -20.71 28.23
C CYS A 178 -0.94 -19.81 27.83
N SER A 179 -1.16 -18.51 27.95
CA SER A 179 -0.15 -17.50 27.72
C SER A 179 0.03 -16.71 29.00
N ALA A 180 0.81 -15.64 28.93
CA ALA A 180 0.94 -14.72 30.04
C ALA A 180 0.35 -13.38 29.65
N ASP A 181 0.05 -12.57 30.66
CA ASP A 181 -0.55 -11.26 30.44
C ASP A 181 0.17 -10.24 31.31
N PHE A 182 0.82 -9.28 30.67
CA PHE A 182 1.47 -8.18 31.37
C PHE A 182 0.43 -7.07 31.59
N SER A 183 0.15 -6.77 32.85
CA SER A 183 -0.75 -5.68 33.18
C SER A 183 -0.21 -4.94 34.39
N THR A 184 -0.83 -3.82 34.69
CA THR A 184 -0.50 -3.06 35.88
C THR A 184 -1.77 -2.38 36.40
N ASN A 185 -1.80 -2.18 37.71
CA ASN A 185 -2.88 -1.48 38.36
C ASN A 185 -2.59 0.00 38.59
N LYS A 186 -1.35 0.43 38.32
CA LYS A 186 -0.94 1.81 38.52
C LYS A 186 -1.05 2.57 37.21
N ASN A 187 -2.00 3.48 37.14
CA ASN A 187 -2.14 4.38 36.00
C ASN A 187 -1.17 5.55 36.14
N ILE A 188 -1.32 6.55 35.27
CA ILE A 188 -0.39 7.68 35.27
C ILE A 188 -0.74 8.65 36.38
N TYR A 189 -1.99 8.64 36.86
CA TYR A 189 -2.35 9.45 38.02
C TYR A 189 -1.60 9.00 39.26
N GLU A 190 -1.48 7.69 39.46
CA GLU A 190 -0.75 7.19 40.61
C GLU A 190 0.76 7.35 40.45
N MET A 191 1.26 7.35 39.21
CA MET A 191 2.69 7.60 39.02
C MET A 191 3.03 9.07 39.17
N LEU A 192 2.07 9.96 38.90
CA LEU A 192 2.29 11.38 39.18
C LEU A 192 2.12 11.68 40.67
N LYS A 193 1.25 10.95 41.35
CA LYS A 193 1.17 11.04 42.80
C LYS A 193 2.44 10.50 43.45
N GLU A 194 3.06 9.50 42.84
CA GLU A 194 4.37 9.02 43.25
C GLU A 194 5.51 9.87 42.71
N GLY A 195 5.32 10.51 41.56
CA GLY A 195 6.37 11.36 41.02
C GLY A 195 7.38 10.64 40.15
N LEU A 196 6.94 9.99 39.08
CA LEU A 196 7.82 9.23 38.21
C LEU A 196 7.96 9.94 36.85
N GLU A 197 9.08 9.68 36.18
CA GLU A 197 9.34 10.24 34.86
C GLU A 197 8.43 9.59 33.82
N VAL A 198 7.46 10.35 33.33
CA VAL A 198 6.46 9.81 32.42
C VAL A 198 6.48 10.47 31.04
N GLU A 199 7.50 11.27 30.76
CA GLU A 199 7.60 11.85 29.43
C GLU A 199 8.12 10.82 28.44
N GLY A 200 7.34 10.54 27.40
CA GLY A 200 7.74 9.62 26.37
C GLY A 200 7.32 8.18 26.56
N LEU A 201 6.44 7.89 27.53
CA LEU A 201 6.02 6.53 27.76
C LEU A 201 4.94 6.12 26.75
N ALA A 202 5.10 4.93 26.19
CA ALA A 202 4.04 4.32 25.38
C ALA A 202 2.93 3.87 26.31
N VAL A 203 1.72 4.40 26.11
CA VAL A 203 0.61 4.18 27.02
C VAL A 203 -0.61 3.74 26.21
N LYS A 204 -1.66 3.38 26.93
CA LYS A 204 -2.97 3.13 26.34
C LYS A 204 -4.03 3.80 27.19
N SER A 205 -5.16 4.11 26.56
CA SER A 205 -6.30 4.67 27.24
C SER A 205 -7.28 3.54 27.55
N GLU A 206 -7.60 3.38 28.83
CA GLU A 206 -8.58 2.38 29.24
C GLU A 206 -10.02 2.86 29.05
N TRP A 207 -10.24 4.06 28.53
CA TRP A 207 -11.58 4.58 28.34
C TRP A 207 -11.97 4.64 26.88
N SER A 208 -11.17 4.07 25.99
CA SER A 208 -11.50 4.00 24.57
C SER A 208 -11.01 2.67 24.03
N ASN A 209 -11.64 2.23 22.94
CA ASN A 209 -11.28 0.98 22.27
C ASN A 209 -10.45 1.20 21.01
N ILE A 210 -9.97 2.42 20.77
CA ILE A 210 -9.23 2.71 19.56
C ILE A 210 -7.83 2.13 19.67
N SER A 211 -7.45 1.32 18.67
CA SER A 211 -6.16 0.66 18.64
C SER A 211 -5.16 1.56 17.90
N GLY A 212 -4.26 2.17 18.66
CA GLY A 212 -3.26 3.05 18.08
C GLY A 212 -2.16 3.33 19.06
N ASN A 213 -1.01 3.76 18.52
CA ASN A 213 0.18 4.03 19.32
C ASN A 213 -0.01 5.35 20.08
N LEU A 214 -0.09 5.28 21.40
CA LEU A 214 -0.25 6.45 22.25
C LEU A 214 1.01 6.65 23.08
N VAL A 215 1.72 7.74 22.83
CA VAL A 215 2.90 8.10 23.61
C VAL A 215 2.70 9.50 24.19
N ILE A 216 3.26 9.72 25.38
CA ILE A 216 3.10 10.99 26.06
C ILE A 216 4.09 12.00 25.48
N GLU A 217 3.57 13.16 25.07
CA GLU A 217 4.46 14.25 24.67
C GLU A 217 5.10 14.91 25.87
N SER A 218 4.29 15.37 26.82
CA SER A 218 4.78 16.10 27.98
C SER A 218 3.71 16.05 29.07
N VAL A 219 3.92 16.80 30.13
CA VAL A 219 2.96 16.96 31.22
C VAL A 219 2.69 18.44 31.38
N LEU A 220 1.47 18.88 31.08
CA LEU A 220 1.12 20.28 31.21
C LEU A 220 0.85 20.62 32.66
N GLU A 221 1.17 21.87 33.04
CA GLU A 221 0.88 22.33 34.40
C GLU A 221 -0.59 22.70 34.60
N THR A 222 -1.38 22.70 33.53
CA THR A 222 -2.80 23.01 33.63
C THR A 222 -3.53 21.86 34.32
N LYS A 223 -4.40 22.20 35.26
CA LYS A 223 -5.22 21.20 35.94
C LYS A 223 -6.38 20.79 35.05
N ILE A 224 -6.95 19.61 35.35
CA ILE A 224 -7.99 19.05 34.48
C ILE A 224 -9.31 19.77 34.68
N SER A 225 -9.48 20.46 35.81
CA SER A 225 -10.72 21.18 36.06
C SER A 225 -10.75 22.53 35.35
N GLU A 226 -9.59 23.06 34.99
CA GLU A 226 -9.51 24.34 34.32
C GLU A 226 -9.99 24.21 32.88
N PRO A 227 -10.76 25.17 32.37
CA PRO A 227 -11.28 25.06 31.00
C PRO A 227 -10.17 25.15 29.96
N THR A 228 -10.19 24.19 29.03
CA THR A 228 -9.05 23.92 28.16
C THR A 228 -9.07 24.85 26.95
N SER A 229 -8.23 24.52 25.96
CA SER A 229 -8.15 25.31 24.74
C SER A 229 -9.34 25.12 23.83
N LEU A 230 -10.13 24.07 24.03
CA LEU A 230 -11.34 23.85 23.24
C LEU A 230 -12.55 24.61 23.76
N GLY A 231 -12.37 25.46 24.78
CA GLY A 231 -13.47 26.21 25.36
C GLY A 231 -14.13 25.53 26.54
N GLN A 232 -13.98 24.22 26.69
CA GLN A 232 -14.54 23.48 27.80
C GLN A 232 -13.45 22.65 28.46
N SER A 233 -13.64 22.31 29.72
CA SER A 233 -12.66 21.53 30.45
C SER A 233 -12.75 20.06 30.05
N LEU A 234 -11.76 19.28 30.53
CA LEU A 234 -11.72 17.86 30.17
C LEU A 234 -12.80 17.08 30.91
N ILE A 235 -13.11 17.45 32.15
CA ILE A 235 -14.16 16.77 32.90
C ILE A 235 -15.52 17.07 32.27
N ASP A 236 -15.70 18.30 31.79
CA ASP A 236 -16.88 18.63 31.00
C ASP A 236 -16.88 17.88 29.66
N TYR A 237 -15.69 17.60 29.13
CA TYR A 237 -15.61 16.85 27.87
C TYR A 237 -15.97 15.39 28.07
N TYR A 238 -15.69 14.84 29.25
CA TYR A 238 -16.12 13.46 29.51
C TYR A 238 -17.59 13.40 29.91
N LYS A 239 -18.12 14.45 30.54
CA LYS A 239 -19.55 14.46 30.85
C LYS A 239 -20.39 14.66 29.59
N ASN A 240 -19.87 15.41 28.61
CA ASN A 240 -20.62 15.63 27.38
C ASN A 240 -20.64 14.41 26.47
N ASN A 241 -19.70 13.48 26.64
CA ASN A 241 -19.61 12.28 25.81
C ASN A 241 -20.44 11.12 26.38
N ASN A 242 -21.43 11.43 27.22
CA ASN A 242 -22.24 10.45 27.97
C ASN A 242 -21.37 9.51 28.80
N GLN A 243 -20.27 10.04 29.36
CA GLN A 243 -19.35 9.26 30.18
C GLN A 243 -19.11 9.95 31.51
N GLY A 244 -20.15 10.55 32.09
CA GLY A 244 -20.01 11.25 33.35
C GLY A 244 -19.85 10.34 34.56
N TYR A 245 -20.11 9.05 34.40
CA TYR A 245 -19.96 8.10 35.51
C TYR A 245 -18.49 7.86 35.83
N ARG A 246 -17.61 8.02 34.84
CA ARG A 246 -16.19 7.82 35.09
C ARG A 246 -15.59 8.98 35.88
N VAL A 247 -16.09 10.19 35.64
CA VAL A 247 -15.61 11.36 36.37
C VAL A 247 -16.46 11.69 37.59
N LYS A 248 -17.44 10.84 37.92
CA LYS A 248 -18.33 11.13 39.05
C LYS A 248 -17.63 10.86 40.37
N ASP A 249 -16.83 9.80 40.44
CA ASP A 249 -16.17 9.41 41.68
C ASP A 249 -14.88 10.16 41.94
N PHE A 250 -14.54 11.18 41.14
CA PHE A 250 -13.31 11.91 41.35
C PHE A 250 -13.44 12.86 42.53
N THR A 251 -12.39 12.90 43.35
CA THR A 251 -12.34 13.75 44.52
C THR A 251 -11.70 15.09 44.16
N ASP A 252 -11.43 15.91 45.19
CA ASP A 252 -10.77 17.19 44.97
C ASP A 252 -9.30 17.00 44.60
N GLU A 253 -8.67 15.97 45.19
CA GLU A 253 -7.28 15.67 44.84
C GLU A 253 -7.18 15.11 43.43
N ASP A 254 -8.24 14.45 42.95
CA ASP A 254 -8.27 13.99 41.57
C ASP A 254 -8.37 15.14 40.59
N LEU A 255 -9.01 16.25 41.02
CA LEU A 255 -9.11 17.42 40.15
C LEU A 255 -7.81 18.22 40.11
N ASN A 256 -6.88 17.96 41.03
CA ASN A 256 -5.55 18.57 40.99
C ASN A 256 -4.57 17.79 40.13
N ALA A 257 -5.05 16.86 39.31
CA ALA A 257 -4.18 16.12 38.41
C ALA A 257 -3.76 16.98 37.24
N ASN A 258 -2.49 16.85 36.85
CA ASN A 258 -1.98 17.62 35.73
C ASN A 258 -2.44 17.01 34.41
N ILE A 259 -2.75 17.88 33.45
CA ILE A 259 -3.16 17.41 32.12
C ILE A 259 -1.97 16.81 31.41
N VAL A 260 -2.12 15.55 30.98
CA VAL A 260 -1.07 14.82 30.27
C VAL A 260 -1.51 14.67 28.82
N ASN A 261 -0.90 15.44 27.93
CA ASN A 261 -1.20 15.34 26.51
C ASN A 261 -0.48 14.15 25.89
N VAL A 262 -1.11 13.52 24.90
CA VAL A 262 -0.69 12.22 24.41
C VAL A 262 -0.78 12.21 22.88
N ARG A 263 0.27 11.69 22.24
CA ARG A 263 0.32 11.67 20.78
C ARG A 263 -0.49 10.51 20.22
N GLY A 264 -1.38 10.83 19.28
CA GLY A 264 -2.22 9.82 18.66
C GLY A 264 -2.01 9.68 17.18
N ASN A 265 -0.75 9.88 16.73
CA ASN A 265 -0.23 9.62 15.39
C ASN A 265 -0.79 10.56 14.32
N LYS A 266 -1.72 11.43 14.67
CA LYS A 266 -2.18 12.47 13.76
C LYS A 266 -2.17 13.85 14.40
N LYS A 267 -2.53 13.95 15.68
CA LYS A 267 -2.55 15.23 16.38
C LYS A 267 -2.44 14.96 17.87
N ILE A 268 -2.28 16.04 18.63
CA ILE A 268 -2.13 15.93 20.07
C ILE A 268 -3.50 15.71 20.69
N TYR A 269 -3.69 14.55 21.31
CA TYR A 269 -4.87 14.27 22.11
C TYR A 269 -4.63 14.79 23.52
N MET A 270 -5.72 14.99 24.26
CA MET A 270 -5.65 15.64 25.56
C MET A 270 -6.46 14.81 26.55
N TYR A 271 -5.78 13.91 27.26
CA TYR A 271 -6.40 12.99 28.19
C TYR A 271 -5.99 13.33 29.62
N ILE A 272 -6.76 12.82 30.57
CA ILE A 272 -6.46 12.99 31.98
C ILE A 272 -5.59 11.81 32.41
N PRO A 273 -4.72 11.94 33.43
CA PRO A 273 -3.80 10.84 33.74
C PRO A 273 -4.46 9.67 34.45
N HIS A 274 -5.71 9.80 34.90
CA HIS A 274 -6.41 8.65 35.46
C HIS A 274 -6.86 7.70 34.35
N ALA A 275 -7.09 8.22 33.15
CA ALA A 275 -7.61 7.43 32.04
C ALA A 275 -6.54 6.64 31.31
N LEU A 276 -5.28 7.08 31.35
CA LEU A 276 -4.21 6.47 30.60
C LEU A 276 -3.42 5.51 31.47
N LYS A 277 -3.09 4.35 30.91
CA LYS A 277 -2.37 3.28 31.56
C LYS A 277 -1.14 2.97 30.71
N PRO A 278 0.05 2.80 31.30
CA PRO A 278 1.23 2.53 30.49
C PRO A 278 1.24 1.12 29.90
N ILE A 279 1.95 0.97 28.79
CA ILE A 279 2.08 -0.31 28.11
C ILE A 279 3.19 -1.11 28.77
N ILE A 280 2.87 -2.30 29.24
CA ILE A 280 3.84 -3.13 29.97
C ILE A 280 4.42 -4.09 28.94
N THR A 281 5.46 -3.63 28.26
CA THR A 281 6.26 -4.49 27.40
C THR A 281 7.34 -5.17 28.23
N ARG A 282 8.14 -6.00 27.58
CA ARG A 282 9.36 -6.50 28.21
C ARG A 282 10.35 -5.37 28.47
N GLU A 283 10.37 -4.36 27.58
CA GLU A 283 11.32 -3.26 27.71
C GLU A 283 10.99 -2.38 28.90
N TYR A 284 9.70 -2.04 29.06
CA TYR A 284 9.26 -1.21 30.18
C TYR A 284 9.42 -1.93 31.51
N LEU A 285 9.06 -3.22 31.52
CA LEU A 285 9.21 -4.06 32.71
C LEU A 285 10.68 -4.21 33.10
N ALA A 286 11.56 -4.32 32.10
CA ALA A 286 12.99 -4.46 32.39
C ALA A 286 13.59 -3.13 32.82
N LYS A 287 13.06 -2.02 32.31
CA LYS A 287 13.58 -0.71 32.65
C LYS A 287 13.20 -0.31 34.07
N ASN A 288 11.96 -0.60 34.47
CA ASN A 288 11.49 -0.19 35.79
C ASN A 288 11.86 -1.17 36.89
N ASP A 289 11.46 -2.44 36.77
CA ASP A 289 11.79 -3.45 37.78
C ASP A 289 12.45 -4.63 37.09
N PRO A 290 13.79 -4.60 36.96
CA PRO A 290 14.47 -5.67 36.21
C PRO A 290 14.52 -6.99 36.95
N GLU A 291 14.47 -6.97 38.29
CA GLU A 291 14.52 -8.21 39.06
C GLU A 291 13.23 -9.03 38.87
N PHE A 292 12.09 -8.35 38.81
CA PHE A 292 10.83 -9.03 38.55
C PHE A 292 10.78 -9.58 37.13
N SER A 293 11.44 -8.89 36.19
CA SER A 293 11.48 -9.39 34.82
C SER A 293 12.47 -10.54 34.67
N LYS A 294 13.48 -10.60 35.54
CA LYS A 294 14.28 -11.83 35.65
C LYS A 294 13.43 -12.96 36.22
N GLU A 295 12.60 -12.64 37.22
CA GLU A 295 11.92 -13.66 38.00
C GLU A 295 10.80 -14.34 37.23
N ILE A 296 10.17 -13.64 36.29
CA ILE A 296 9.05 -14.20 35.54
C ILE A 296 9.51 -14.85 34.23
N GLU A 297 10.81 -15.00 34.05
CA GLU A 297 11.34 -15.59 32.82
C GLU A 297 10.97 -17.07 32.74
N GLN A 298 10.97 -17.76 33.87
CA GLN A 298 10.52 -19.14 33.92
C GLN A 298 9.01 -19.26 34.05
N LEU A 299 8.29 -18.14 34.14
CA LEU A 299 6.85 -18.13 34.24
C LEU A 299 6.17 -17.82 32.91
N ILE A 300 6.78 -17.03 32.06
CA ILE A 300 6.21 -16.75 30.75
C ILE A 300 6.72 -17.74 29.70
N LYS A 301 7.94 -18.23 29.85
CA LYS A 301 8.52 -19.22 28.93
C LYS A 301 8.37 -20.57 29.60
N MET A 302 7.31 -21.27 29.23
CA MET A 302 6.83 -22.44 29.93
C MET A 302 7.11 -23.65 29.07
N ASN A 303 7.84 -24.63 29.60
CA ASN A 303 7.94 -25.92 28.93
C ASN A 303 6.60 -26.65 29.02
N MET A 304 6.53 -27.78 28.30
CA MET A 304 5.24 -28.45 28.16
C MET A 304 4.80 -29.13 29.44
N ASN A 305 5.73 -29.45 30.34
CA ASN A 305 5.35 -29.99 31.63
C ASN A 305 4.67 -28.93 32.50
N TYR A 306 5.23 -27.73 32.53
CA TYR A 306 4.64 -26.67 33.34
C TYR A 306 3.37 -26.12 32.70
N ARG A 307 3.28 -26.16 31.36
CA ARG A 307 2.01 -25.88 30.70
C ARG A 307 0.97 -26.94 31.05
N TYR A 308 1.37 -28.21 31.12
CA TYR A 308 0.43 -29.25 31.54
C TYR A 308 -0.02 -29.05 32.98
N GLU A 309 0.89 -28.69 33.88
CA GLU A 309 0.52 -28.48 35.28
C GLU A 309 -0.41 -27.27 35.42
N THR A 310 -0.14 -26.21 34.66
CA THR A 310 -1.00 -25.03 34.64
C THR A 310 -2.40 -25.36 34.14
N LEU A 311 -2.49 -26.07 33.01
CA LEU A 311 -3.80 -26.40 32.46
C LEU A 311 -4.51 -27.45 33.30
N LYS A 312 -3.76 -28.29 34.01
CA LYS A 312 -4.34 -29.26 34.93
C LYS A 312 -4.97 -28.56 36.13
N SER A 313 -4.29 -27.55 36.69
CA SER A 313 -4.87 -26.76 37.77
C SER A 313 -6.11 -26.01 37.30
N PHE A 314 -6.06 -25.51 36.06
CA PHE A 314 -7.21 -24.85 35.44
C PHE A 314 -8.41 -25.78 35.34
N VAL A 315 -8.20 -27.01 34.88
CA VAL A 315 -9.29 -27.95 34.70
C VAL A 315 -9.80 -28.47 36.04
N ASN A 316 -8.90 -28.59 37.03
CA ASN A 316 -9.34 -28.91 38.38
C ASN A 316 -10.18 -27.77 38.97
N ASP A 317 -9.93 -26.54 38.54
CA ASP A 317 -10.80 -25.44 38.94
C ASP A 317 -12.12 -25.46 38.20
N ILE A 318 -12.15 -26.05 36.99
CA ILE A 318 -13.43 -26.21 36.29
C ILE A 318 -14.32 -27.21 37.02
N GLY A 319 -13.84 -28.44 37.16
CA GLY A 319 -14.61 -29.44 37.88
C GLY A 319 -15.83 -29.93 37.10
N VAL A 320 -16.86 -30.27 37.85
CA VAL A 320 -18.10 -30.77 37.28
C VAL A 320 -19.01 -29.57 36.95
N ILE A 321 -19.73 -29.67 35.84
CA ILE A 321 -20.61 -28.61 35.38
C ILE A 321 -22.02 -29.18 35.41
N GLU A 322 -22.82 -28.74 36.40
CA GLU A 322 -24.09 -29.41 36.66
C GLU A 322 -25.17 -29.07 35.65
N GLU A 323 -24.96 -28.06 34.80
CA GLU A 323 -25.94 -27.72 33.78
C GLU A 323 -25.54 -28.21 32.39
N LEU A 324 -24.63 -29.17 32.30
CA LEU A 324 -24.28 -29.85 31.06
C LEU A 324 -24.24 -31.35 31.27
N ASN A 325 -25.22 -31.88 32.00
CA ASN A 325 -25.36 -33.30 32.37
C ASN A 325 -24.11 -33.80 33.10
N ASN A 326 -23.69 -33.01 34.09
CA ASN A 326 -22.52 -33.28 34.94
C ASN A 326 -21.24 -33.42 34.10
N LEU A 327 -21.00 -32.45 33.22
CA LEU A 327 -19.83 -32.50 32.37
C LEU A 327 -18.58 -32.13 33.15
N SER A 328 -17.76 -33.14 33.44
CA SER A 328 -16.45 -32.93 34.05
C SER A 328 -15.39 -33.27 33.02
N PHE A 329 -14.24 -32.64 33.14
CA PHE A 329 -13.13 -32.86 32.23
C PHE A 329 -12.03 -33.65 32.94
N LYS A 330 -11.32 -34.48 32.19
CA LYS A 330 -10.15 -35.16 32.73
C LYS A 330 -9.04 -34.16 32.99
N ASN A 331 -8.16 -34.50 33.92
CA ASN A 331 -6.95 -33.71 34.16
C ASN A 331 -5.71 -34.37 33.60
N LYS A 332 -5.85 -35.23 32.61
CA LYS A 332 -4.76 -35.90 31.94
C LYS A 332 -4.85 -35.63 30.45
N TYR A 333 -3.71 -35.50 29.79
CA TYR A 333 -3.70 -35.46 28.33
C TYR A 333 -4.02 -36.85 27.77
N TYR A 334 -4.34 -36.87 26.49
CA TYR A 334 -4.45 -38.13 25.77
C TYR A 334 -3.09 -38.79 25.71
N GLU A 335 -3.07 -40.12 25.85
CA GLU A 335 -1.80 -40.83 25.73
C GLU A 335 -1.32 -40.88 24.30
N ASP A 336 -2.22 -40.70 23.33
CA ASP A 336 -1.86 -40.55 21.94
C ASP A 336 -2.89 -39.67 21.24
N VAL A 337 -2.46 -38.98 20.19
CA VAL A 337 -3.39 -38.19 19.39
C VAL A 337 -4.10 -39.00 18.31
N LYS A 338 -3.93 -40.33 18.31
CA LYS A 338 -4.75 -41.17 17.45
C LYS A 338 -6.21 -41.14 17.90
N LEU A 339 -6.44 -40.94 19.21
CA LEU A 339 -7.78 -40.77 19.74
C LEU A 339 -8.40 -39.45 19.30
N LEU A 340 -7.59 -38.48 18.90
CA LEU A 340 -8.07 -37.19 18.42
C LEU A 340 -8.12 -37.11 16.90
N GLY A 341 -7.82 -38.22 16.21
CA GLY A 341 -7.81 -38.23 14.77
C GLY A 341 -6.47 -37.98 14.13
N TYR A 342 -5.55 -37.33 14.85
CA TYR A 342 -4.21 -37.07 14.35
C TYR A 342 -3.42 -38.37 14.21
N SER A 343 -2.42 -38.34 13.33
CA SER A 343 -1.41 -39.38 13.26
C SER A 343 -0.07 -38.74 13.57
N SER A 344 0.63 -39.26 14.56
CA SER A 344 1.84 -38.66 15.05
C SER A 344 3.06 -39.41 14.54
N GLY A 345 4.22 -38.84 14.79
CA GLY A 345 5.48 -39.46 14.40
C GLY A 345 6.60 -38.46 14.46
N LYS A 346 7.77 -38.93 14.06
CA LYS A 346 8.96 -38.09 13.93
C LYS A 346 9.52 -38.25 12.52
N ILE A 347 9.92 -37.14 11.92
CA ILE A 347 10.49 -37.15 10.59
C ILE A 347 12.01 -37.30 10.70
N ASP A 348 12.56 -38.19 9.88
CA ASP A 348 13.98 -38.48 9.89
C ASP A 348 14.80 -37.25 9.54
N GLU A 349 16.01 -37.20 10.10
CA GLU A 349 16.85 -36.03 9.94
C GLU A 349 17.37 -35.94 8.51
N PRO A 350 17.51 -34.74 7.96
CA PRO A 350 18.14 -34.59 6.64
C PRO A 350 19.61 -34.89 6.71
N VAL A 351 20.12 -35.50 5.65
CA VAL A 351 21.53 -35.79 5.51
C VAL A 351 22.19 -34.59 4.83
N LEU A 352 23.11 -33.95 5.53
CA LEU A 352 23.78 -32.76 5.02
C LEU A 352 25.16 -33.13 4.50
N MET A 353 25.41 -32.78 3.24
CA MET A 353 26.64 -33.13 2.56
C MET A 353 27.62 -31.97 2.67
N GLY A 354 28.91 -32.29 2.82
CA GLY A 354 29.95 -31.30 2.85
C GLY A 354 30.96 -31.47 1.73
N ALA A 355 32.13 -30.87 1.93
CA ALA A 355 33.25 -31.10 1.02
C ALA A 355 33.86 -32.49 1.23
N LYS A 356 33.87 -32.98 2.46
CA LYS A 356 34.38 -34.30 2.77
C LYS A 356 33.28 -35.35 2.93
N GLY A 357 32.02 -34.98 2.74
CA GLY A 357 30.95 -35.95 2.80
C GLY A 357 29.84 -35.59 3.76
N ILE A 358 29.26 -36.60 4.42
CA ILE A 358 28.17 -36.38 5.34
C ILE A 358 28.70 -35.76 6.62
N ILE A 359 28.09 -34.66 7.04
CA ILE A 359 28.38 -34.04 8.33
C ILE A 359 27.32 -34.50 9.33
N LYS A 360 27.75 -34.79 10.55
CA LYS A 360 26.81 -35.20 11.58
C LYS A 360 26.22 -34.00 12.31
N ASN A 361 26.97 -32.92 12.38
CA ASN A 361 26.53 -31.67 12.97
C ASN A 361 26.88 -30.55 12.01
N LYS A 362 26.23 -29.39 12.17
CA LYS A 362 26.50 -28.28 11.26
C LYS A 362 27.84 -27.63 11.55
N MET A 363 28.40 -27.84 12.74
CA MET A 363 29.70 -27.28 13.05
C MET A 363 30.84 -28.08 12.46
N GLN A 364 30.57 -29.28 11.95
CA GLN A 364 31.59 -30.05 11.26
C GLN A 364 31.84 -29.57 9.84
N ILE A 365 31.07 -28.59 9.37
CA ILE A 365 31.31 -28.03 8.04
C ILE A 365 32.51 -27.10 8.07
N PHE A 366 32.94 -26.67 9.26
CA PHE A 366 34.11 -25.84 9.39
C PHE A 366 35.38 -26.66 9.54
N SER A 367 35.23 -27.95 9.82
CA SER A 367 36.33 -28.92 9.79
C SER A 367 36.43 -29.60 8.43
N ASN A 368 35.29 -29.89 7.81
CA ASN A 368 35.31 -30.58 6.52
C ASN A 368 35.48 -29.59 5.38
N GLY A 369 35.16 -28.33 5.60
CA GLY A 369 35.14 -27.37 4.53
C GLY A 369 33.76 -27.24 3.94
N PHE A 370 33.50 -26.14 3.26
CA PHE A 370 32.16 -25.90 2.76
C PHE A 370 31.95 -26.66 1.45
N TYR A 371 30.68 -26.84 1.08
CA TYR A 371 30.35 -27.67 -0.07
C TYR A 371 30.74 -27.00 -1.37
N LYS A 372 30.25 -25.78 -1.62
CA LYS A 372 30.59 -25.05 -2.83
C LYS A 372 31.18 -23.71 -2.45
N LEU A 373 32.44 -23.51 -2.76
CA LEU A 373 33.00 -22.19 -2.72
C LEU A 373 32.75 -21.48 -4.05
N PRO A 374 32.47 -20.18 -4.04
CA PRO A 374 32.28 -19.48 -5.31
C PRO A 374 33.60 -19.28 -6.03
N GLU A 375 33.51 -19.13 -7.34
CA GLU A 375 34.71 -18.96 -8.15
C GLU A 375 35.26 -17.55 -7.98
N GLY A 376 36.53 -17.46 -7.60
CA GLY A 376 37.18 -16.17 -7.46
C GLY A 376 37.68 -15.93 -6.05
N LYS A 377 38.50 -14.89 -5.93
CA LYS A 377 39.07 -14.50 -4.64
C LYS A 377 38.28 -13.32 -4.09
N VAL A 378 38.01 -13.37 -2.79
CA VAL A 378 37.15 -12.38 -2.12
C VAL A 378 38.02 -11.40 -1.37
N ARG A 379 38.00 -10.15 -1.80
CA ARG A 379 38.78 -9.09 -1.15
C ARG A 379 37.91 -8.40 -0.12
N PHE A 380 38.36 -8.39 1.13
CA PHE A 380 37.62 -7.74 2.18
C PHE A 380 37.69 -6.22 2.11
N GLY A 381 36.81 -5.58 2.85
CA GLY A 381 36.91 -4.17 3.16
C GLY A 381 36.22 -4.00 4.49
N VAL A 382 36.67 -3.05 5.30
CA VAL A 382 36.16 -2.92 6.65
C VAL A 382 35.84 -1.47 6.97
N LEU A 383 34.60 -1.21 7.38
CA LEU A 383 34.22 0.02 8.05
C LEU A 383 34.13 -0.25 9.55
N TYR A 384 34.49 0.75 10.34
CA TYR A 384 34.41 0.63 11.79
C TYR A 384 34.33 2.02 12.36
N PRO A 385 33.66 2.20 13.50
CA PRO A 385 33.65 3.53 14.13
C PRO A 385 35.00 3.85 14.75
N LYS A 386 35.30 5.16 14.80
CA LYS A 386 36.68 5.61 15.00
C LYS A 386 37.18 5.35 16.41
N GLU A 387 36.29 5.34 17.39
CA GLU A 387 36.72 5.10 18.77
C GLU A 387 36.83 3.62 19.11
N PHE A 388 36.70 2.74 18.13
CA PHE A 388 36.66 1.29 18.31
C PHE A 388 37.67 0.62 17.40
N ASP A 389 38.85 1.25 17.28
CA ASP A 389 39.82 0.90 16.26
C ASP A 389 40.46 -0.46 16.55
N GLY A 390 41.11 -0.61 17.71
CA GLY A 390 41.81 -1.85 18.00
C GLY A 390 40.86 -3.01 18.25
N VAL A 391 39.67 -2.70 18.76
CA VAL A 391 38.61 -3.70 18.88
C VAL A 391 38.21 -4.22 17.51
N SER A 392 38.13 -3.34 16.52
CA SER A 392 37.80 -3.78 15.17
C SER A 392 38.98 -4.49 14.50
N ARG A 393 40.21 -4.07 14.83
CA ARG A 393 41.41 -4.81 14.41
C ARG A 393 41.34 -6.26 14.85
N LYS A 394 41.02 -6.48 16.13
CA LYS A 394 40.95 -7.83 16.67
C LYS A 394 39.77 -8.59 16.10
N ALA A 395 38.66 -7.90 15.80
CA ALA A 395 37.49 -8.55 15.22
C ALA A 395 37.78 -9.08 13.82
N ILE A 396 38.37 -8.24 12.96
CA ILE A 396 38.65 -8.67 11.59
C ILE A 396 39.80 -9.67 11.58
N ARG A 397 40.71 -9.56 12.56
CA ARG A 397 41.76 -10.55 12.75
C ARG A 397 41.18 -11.92 13.05
N ALA A 398 40.18 -11.97 13.95
CA ALA A 398 39.55 -13.25 14.29
C ALA A 398 38.75 -13.82 13.12
N ILE A 399 38.08 -12.95 12.36
CA ILE A 399 37.29 -13.41 11.21
C ILE A 399 38.20 -13.96 10.11
N TYR A 400 39.30 -13.27 9.83
CA TYR A 400 40.20 -13.74 8.78
C TYR A 400 40.98 -14.97 9.22
N ASP A 401 41.34 -15.07 10.51
CA ASP A 401 42.00 -16.27 10.99
C ASP A 401 41.06 -17.46 11.00
N PHE A 402 39.76 -17.23 11.20
CA PHE A 402 38.79 -18.31 11.08
C PHE A 402 38.63 -18.73 9.63
N SER A 403 38.46 -17.75 8.74
CA SER A 403 38.10 -18.05 7.35
C SER A 403 39.27 -18.63 6.57
N LYS A 404 40.37 -17.88 6.47
CA LYS A 404 41.47 -18.26 5.59
C LYS A 404 42.48 -19.15 6.31
N GLU A 405 43.04 -18.66 7.40
CA GLU A 405 44.17 -19.35 8.03
C GLU A 405 43.74 -20.45 8.99
N GLY A 406 42.44 -20.62 9.22
CA GLY A 406 41.94 -21.75 9.98
C GLY A 406 42.27 -21.72 11.46
N LYS A 407 42.40 -20.53 12.03
CA LYS A 407 42.91 -20.38 13.38
C LYS A 407 41.89 -19.67 14.27
N TYR A 408 41.80 -20.13 15.52
CA TYR A 408 41.02 -19.47 16.55
C TYR A 408 41.97 -19.07 17.68
N HIS A 409 41.87 -17.79 18.09
CA HIS A 409 42.75 -17.15 19.07
C HIS A 409 44.23 -17.24 18.68
N GLY A 410 44.51 -17.16 17.38
CA GLY A 410 45.85 -17.22 16.88
C GLY A 410 46.44 -18.61 16.73
N GLU A 411 45.79 -19.64 17.28
CA GLU A 411 46.28 -21.00 17.22
C GLU A 411 45.47 -21.79 16.21
N SER A 412 46.16 -22.66 15.45
CA SER A 412 45.49 -23.55 14.53
C SER A 412 44.63 -24.55 15.30
N ASN A 413 43.37 -24.64 14.90
CA ASN A 413 42.36 -25.35 15.67
C ASN A 413 41.94 -26.60 14.91
N LYS A 414 41.67 -27.68 15.65
CA LYS A 414 41.23 -28.92 15.02
C LYS A 414 39.80 -28.82 14.53
N TYR A 415 39.03 -27.87 15.08
CA TYR A 415 37.65 -27.68 14.70
C TYR A 415 37.49 -26.86 13.43
N ILE A 416 38.55 -26.19 12.99
CA ILE A 416 38.49 -25.26 11.87
C ILE A 416 39.44 -25.75 10.79
N ALA A 417 38.94 -25.86 9.56
CA ALA A 417 39.78 -26.22 8.44
C ALA A 417 40.45 -24.97 7.87
N GLU A 418 41.68 -25.16 7.40
CA GLU A 418 42.36 -24.09 6.69
C GLU A 418 41.69 -23.87 5.34
N HIS A 419 41.66 -22.60 4.92
CA HIS A 419 41.10 -22.15 3.65
C HIS A 419 39.62 -22.51 3.52
N LEU A 420 38.82 -22.09 4.51
CA LEU A 420 37.38 -22.28 4.43
C LEU A 420 36.78 -21.45 3.30
N ILE A 421 37.06 -20.16 3.28
CA ILE A 421 36.66 -19.29 2.19
C ILE A 421 37.93 -18.68 1.61
N ASN A 422 38.02 -18.61 0.29
CA ASN A 422 39.16 -18.00 -0.39
C ASN A 422 39.06 -16.49 -0.27
N VAL A 423 39.33 -15.97 0.92
CA VAL A 423 39.29 -14.54 1.18
C VAL A 423 40.68 -13.97 1.03
N GLU A 424 40.76 -12.67 0.77
CA GLU A 424 42.02 -11.96 0.62
C GLU A 424 41.95 -10.74 1.53
N PHE A 425 42.66 -10.81 2.65
CA PHE A 425 42.75 -9.70 3.59
C PHE A 425 44.18 -9.60 4.09
N ASN A 426 44.89 -8.57 3.63
CA ASN A 426 46.21 -8.24 4.13
C ASN A 426 46.07 -6.92 4.86
N PRO A 427 46.50 -6.81 6.12
CA PRO A 427 46.43 -5.51 6.82
C PRO A 427 47.30 -4.41 6.22
N LYS A 428 48.25 -4.76 5.34
CA LYS A 428 48.96 -3.72 4.59
C LYS A 428 48.22 -3.35 3.32
N GLU A 429 47.62 -4.35 2.64
CA GLU A 429 46.99 -4.12 1.35
C GLU A 429 45.53 -3.71 1.46
N CYS A 430 44.73 -4.45 2.25
CA CYS A 430 43.32 -4.15 2.39
C CYS A 430 43.11 -2.87 3.20
N ILE A 431 41.95 -2.26 3.00
CA ILE A 431 41.67 -0.94 3.56
C ILE A 431 40.88 -1.07 4.85
N PHE A 432 41.25 -0.27 5.84
CA PHE A 432 40.42 0.01 7.01
C PHE A 432 39.98 1.46 6.93
N GLU A 433 38.79 1.69 6.41
CA GLU A 433 38.19 3.01 6.43
C GLU A 433 37.39 3.13 7.72
N GLY A 434 37.82 4.03 8.61
CA GLY A 434 37.05 4.34 9.79
C GLY A 434 36.05 5.45 9.50
N TYR A 435 34.94 5.43 10.22
CA TYR A 435 33.90 6.44 10.02
C TYR A 435 33.49 7.04 11.35
N GLU A 436 33.19 8.33 11.35
CA GLU A 436 32.70 8.99 12.54
C GLU A 436 31.23 8.68 12.73
N LEU A 437 30.86 8.30 13.96
CA LEU A 437 29.45 8.13 14.29
C LEU A 437 28.75 9.48 14.30
N GLY A 438 27.51 9.50 13.83
CA GLY A 438 26.85 10.77 13.63
C GLY A 438 25.77 10.77 12.55
N ASP A 439 25.93 11.64 11.56
CA ASP A 439 24.88 11.90 10.59
C ASP A 439 24.75 10.74 9.62
N ILE A 440 23.53 10.54 9.11
CA ILE A 440 23.23 9.43 8.23
C ILE A 440 23.88 9.63 6.87
N THR A 441 23.97 10.88 6.40
CA THR A 441 24.64 11.13 5.13
C THR A 441 26.13 10.92 5.23
N GLU A 442 26.71 11.04 6.42
CA GLU A 442 28.13 10.73 6.58
C GLU A 442 28.36 9.23 6.56
N TYR A 443 27.38 8.45 7.04
CA TYR A 443 27.44 7.00 6.91
C TYR A 443 27.35 6.58 5.45
N LYS A 444 26.45 7.20 4.70
CA LYS A 444 26.31 6.88 3.28
C LYS A 444 27.55 7.28 2.49
N LYS A 445 28.15 8.42 2.84
CA LYS A 445 29.38 8.83 2.18
C LYS A 445 30.57 7.97 2.60
N ALA A 446 30.55 7.42 3.83
CA ALA A 446 31.60 6.51 4.24
C ALA A 446 31.53 5.20 3.46
N ALA A 447 30.32 4.71 3.22
CA ALA A 447 30.16 3.51 2.40
C ALA A 447 30.54 3.75 0.95
N LEU A 448 30.19 4.92 0.39
CA LEU A 448 30.64 5.25 -0.95
C LEU A 448 32.14 5.46 -1.02
N LYS A 449 32.74 5.93 0.07
CA LYS A 449 34.18 6.07 0.13
C LYS A 449 34.86 4.71 0.18
N LEU A 450 34.22 3.72 0.81
CA LEU A 450 34.82 2.39 0.80
C LEU A 450 34.64 1.72 -0.55
N ASN A 451 33.64 2.13 -1.32
CA ASN A 451 33.61 1.63 -2.70
C ASN A 451 34.35 2.55 -3.69
N ASN A 452 34.96 3.64 -3.21
CA ASN A 452 35.86 4.39 -4.08
C ASN A 452 37.08 3.57 -4.47
N TYR A 453 37.53 2.67 -3.60
CA TYR A 453 38.61 1.74 -3.90
C TYR A 453 38.00 0.45 -4.45
N ASN A 454 38.45 0.03 -5.62
CA ASN A 454 37.87 -1.13 -6.29
C ASN A 454 38.48 -2.45 -5.83
N ASN A 455 39.30 -2.44 -4.77
CA ASN A 455 39.89 -3.67 -4.23
C ASN A 455 39.09 -4.25 -3.07
N VAL A 456 37.76 -4.07 -3.09
CA VAL A 456 36.88 -4.61 -2.06
C VAL A 456 35.78 -5.40 -2.76
N ASP A 457 35.66 -6.69 -2.43
CA ASP A 457 34.59 -7.53 -2.92
C ASP A 457 33.57 -7.89 -1.85
N PHE A 458 33.85 -7.58 -0.59
CA PHE A 458 32.95 -7.90 0.50
C PHE A 458 33.32 -6.99 1.66
N VAL A 459 32.32 -6.55 2.41
CA VAL A 459 32.53 -5.57 3.48
C VAL A 459 32.23 -6.23 4.82
N ILE A 460 33.11 -6.00 5.80
CA ILE A 460 32.94 -6.55 7.15
C ILE A 460 32.69 -5.36 8.07
N ALA A 461 31.86 -4.42 7.61
CA ALA A 461 31.62 -3.17 8.32
C ALA A 461 31.11 -3.38 9.74
N ILE A 462 31.69 -2.64 10.67
CA ILE A 462 31.35 -2.73 12.08
C ILE A 462 30.38 -1.59 12.38
N VAL A 463 29.18 -1.94 12.82
CA VAL A 463 28.14 -0.95 13.06
C VAL A 463 27.99 -0.81 14.58
N PRO A 464 27.41 0.27 15.09
CA PRO A 464 27.09 0.32 16.52
C PRO A 464 25.95 -0.62 16.88
N ASN A 465 25.63 -0.65 18.16
CA ASN A 465 24.68 -1.61 18.69
C ASN A 465 23.26 -1.29 18.23
N MET A 466 22.43 -2.32 18.16
CA MET A 466 21.02 -2.12 17.81
C MET A 466 20.28 -1.48 18.98
N SER A 467 20.75 -1.74 20.20
CA SER A 467 20.36 -0.98 21.38
C SER A 467 21.17 0.32 21.40
N ASP A 468 21.19 1.01 22.54
CA ASP A 468 21.87 2.30 22.72
C ASP A 468 21.32 3.34 21.72
N GLU A 469 20.09 3.79 22.03
CA GLU A 469 19.31 4.69 21.15
C GLU A 469 20.02 6.01 20.82
N GLU A 470 21.11 6.34 21.52
CA GLU A 470 21.99 7.43 21.11
C GLU A 470 22.76 7.06 19.84
N ILE A 471 23.77 7.88 19.50
CA ILE A 471 24.20 8.31 18.17
C ILE A 471 24.04 7.26 17.07
N GLU A 472 23.42 7.68 15.96
CA GLU A 472 22.63 6.88 15.03
C GLU A 472 23.34 5.61 14.53
N ASN A 473 22.57 4.54 14.39
CA ASN A 473 23.10 3.28 13.89
C ASN A 473 23.39 3.39 12.39
N SER A 474 24.49 2.78 11.97
CA SER A 474 24.97 2.88 10.60
C SER A 474 24.63 1.66 9.75
N TYR A 475 23.95 0.66 10.33
CA TYR A 475 23.56 -0.54 9.59
C TYR A 475 22.69 -0.19 8.39
N ASN A 476 21.62 0.53 8.63
CA ASN A 476 20.65 0.84 7.59
C ASN A 476 21.25 1.70 6.47
N PRO A 477 22.01 2.79 6.73
CA PRO A 477 22.68 3.47 5.60
C PRO A 477 23.71 2.62 4.89
N PHE A 478 24.48 1.81 5.63
CA PHE A 478 25.50 0.97 4.99
C PHE A 478 24.86 -0.06 4.08
N LYS A 479 23.86 -0.79 4.57
CA LYS A 479 23.22 -1.85 3.77
C LYS A 479 22.46 -1.26 2.59
N LYS A 480 21.87 -0.07 2.75
CA LYS A 480 21.24 0.59 1.59
C LYS A 480 22.26 0.95 0.53
N ILE A 481 23.38 1.56 0.92
CA ILE A 481 24.38 1.97 -0.06
C ILE A 481 25.04 0.76 -0.70
N TRP A 482 25.31 -0.29 0.08
CA TRP A 482 25.94 -1.47 -0.51
C TRP A 482 24.96 -2.28 -1.33
N ALA A 483 23.65 -2.09 -1.12
CA ALA A 483 22.68 -2.64 -2.04
C ALA A 483 22.63 -1.83 -3.33
N GLU A 484 22.84 -0.51 -3.23
CA GLU A 484 22.92 0.33 -4.42
C GLU A 484 24.15 0.02 -5.26
N LEU A 485 25.20 -0.52 -4.64
CA LEU A 485 26.49 -0.75 -5.29
C LEU A 485 26.73 -2.21 -5.63
N ASN A 486 25.81 -3.10 -5.25
CA ASN A 486 25.88 -4.55 -5.50
C ASN A 486 27.15 -5.17 -4.91
N LEU A 487 27.58 -4.67 -3.75
CA LEU A 487 28.63 -5.33 -3.01
C LEU A 487 28.04 -6.00 -1.78
N PRO A 488 28.28 -7.29 -1.57
CA PRO A 488 27.77 -7.94 -0.36
C PRO A 488 28.55 -7.52 0.86
N SER A 489 27.93 -7.70 2.02
CA SER A 489 28.49 -7.16 3.26
C SER A 489 27.92 -7.89 4.46
N GLN A 490 28.80 -8.22 5.41
CA GLN A 490 28.42 -8.79 6.70
C GLN A 490 28.65 -7.75 7.78
N MET A 491 27.58 -7.28 8.38
CA MET A 491 27.64 -6.26 9.41
C MET A 491 27.78 -6.91 10.78
N ILE A 492 28.44 -6.20 11.69
CA ILE A 492 28.81 -6.72 13.01
C ILE A 492 28.66 -5.58 14.00
N SER A 493 28.03 -5.86 15.14
CA SER A 493 27.86 -4.85 16.18
C SER A 493 29.20 -4.55 16.84
N VAL A 494 29.22 -3.43 17.57
CA VAL A 494 30.38 -3.10 18.40
C VAL A 494 30.54 -4.13 19.51
N LYS A 495 29.42 -4.64 20.04
CA LYS A 495 29.47 -5.61 21.13
C LYS A 495 30.06 -6.93 20.66
N THR A 496 29.76 -7.35 19.42
CA THR A 496 30.33 -8.57 18.87
C THR A 496 31.82 -8.40 18.60
N ALA A 497 32.23 -7.20 18.16
CA ALA A 497 33.66 -6.93 18.00
C ALA A 497 34.38 -6.91 19.33
N GLU A 498 33.72 -6.43 20.39
CA GLU A 498 34.31 -6.45 21.72
C GLU A 498 34.38 -7.87 22.26
N ILE A 499 33.45 -8.72 21.83
CA ILE A 499 33.52 -10.14 22.16
C ILE A 499 34.70 -10.78 21.45
N PHE A 500 34.96 -10.39 20.21
CA PHE A 500 36.15 -10.90 19.50
C PHE A 500 37.44 -10.37 20.12
N ALA A 501 37.38 -9.18 20.73
CA ALA A 501 38.58 -8.59 21.30
C ALA A 501 38.85 -9.09 22.71
N ASN A 502 37.81 -9.44 23.46
CA ASN A 502 37.92 -9.60 24.90
C ASN A 502 37.57 -10.99 25.42
N SER A 503 37.30 -11.96 24.55
CA SER A 503 36.96 -13.29 25.01
C SER A 503 38.17 -14.21 24.94
N ARG A 504 38.29 -15.09 25.94
CA ARG A 504 39.35 -16.08 25.99
C ARG A 504 38.84 -17.51 25.88
N ASP A 505 37.54 -17.74 26.06
CA ASP A 505 36.95 -19.05 25.92
C ASP A 505 36.50 -19.27 24.48
N ASN A 506 35.74 -20.34 24.25
CA ASN A 506 35.21 -20.65 22.93
C ASN A 506 33.85 -20.01 22.68
N THR A 507 33.52 -18.93 23.39
CA THR A 507 32.21 -18.29 23.20
C THR A 507 32.13 -17.57 21.86
N ALA A 508 33.19 -16.83 21.50
CA ALA A 508 33.22 -16.10 20.23
C ALA A 508 33.38 -17.02 19.03
N LEU A 509 33.64 -18.30 19.24
CA LEU A 509 33.77 -19.24 18.14
C LEU A 509 32.43 -19.42 17.42
N TYR A 510 31.33 -19.35 18.14
CA TYR A 510 30.01 -19.55 17.55
C TYR A 510 29.54 -18.31 16.80
N TYR A 511 29.86 -17.14 17.36
CA TYR A 511 29.84 -15.88 16.65
C TYR A 511 30.58 -15.99 15.31
N LEU A 512 31.79 -16.57 15.34
CA LEU A 512 32.57 -16.73 14.11
C LEU A 512 31.94 -17.71 13.15
N HIS A 513 31.32 -18.78 13.66
CA HIS A 513 30.62 -19.73 12.81
C HIS A 513 29.49 -19.06 12.04
N ASN A 514 28.68 -18.27 12.74
CA ASN A 514 27.54 -17.65 12.08
C ASN A 514 27.96 -16.49 11.18
N ILE A 515 29.02 -15.77 11.54
CA ILE A 515 29.54 -14.72 10.69
C ILE A 515 30.11 -15.30 9.40
N VAL A 516 30.83 -16.41 9.48
CA VAL A 516 31.46 -16.96 8.28
C VAL A 516 30.42 -17.69 7.42
N LEU A 517 29.36 -18.23 8.03
CA LEU A 517 28.24 -18.72 7.21
C LEU A 517 27.50 -17.58 6.53
N GLY A 518 27.42 -16.42 7.19
CA GLY A 518 26.87 -15.25 6.54
C GLY A 518 27.73 -14.76 5.37
N ILE A 519 29.04 -14.69 5.59
CA ILE A 519 30.00 -14.29 4.55
C ILE A 519 29.93 -15.25 3.37
N LEU A 520 29.78 -16.55 3.65
CA LEU A 520 29.72 -17.54 2.59
C LEU A 520 28.42 -17.45 1.81
N GLY A 521 27.29 -17.31 2.49
CA GLY A 521 26.02 -17.22 1.79
C GLY A 521 25.86 -15.94 0.99
N LYS A 522 26.48 -14.86 1.45
CA LYS A 522 26.40 -13.58 0.76
C LYS A 522 27.31 -13.49 -0.45
N ILE A 523 28.27 -14.39 -0.62
CA ILE A 523 29.11 -14.42 -1.81
C ILE A 523 28.72 -15.56 -2.75
N GLY A 524 27.57 -16.18 -2.53
CA GLY A 524 27.11 -17.23 -3.40
C GLY A 524 27.63 -18.61 -3.07
N GLY A 525 28.35 -18.77 -1.97
CA GLY A 525 28.79 -20.07 -1.55
C GLY A 525 27.69 -20.85 -0.85
N ILE A 526 27.87 -22.17 -0.85
CA ILE A 526 26.91 -23.08 -0.21
C ILE A 526 27.66 -23.96 0.77
N PRO A 527 27.34 -23.92 2.07
CA PRO A 527 28.06 -24.76 3.04
C PRO A 527 27.66 -26.23 2.99
N TRP A 528 26.36 -26.51 2.89
CA TRP A 528 25.86 -27.88 2.86
C TRP A 528 24.65 -27.96 1.96
N VAL A 529 24.41 -29.17 1.44
CA VAL A 529 23.27 -29.48 0.59
C VAL A 529 22.56 -30.71 1.12
N VAL A 530 21.33 -30.90 0.66
CA VAL A 530 20.57 -32.11 0.94
C VAL A 530 21.12 -33.23 0.06
N LYS A 531 21.33 -34.40 0.66
CA LYS A 531 21.74 -35.55 -0.14
C LYS A 531 20.59 -36.03 -1.01
N ASP A 532 19.41 -36.20 -0.43
CA ASP A 532 18.23 -36.63 -1.17
C ASP A 532 16.99 -36.06 -0.51
N MET A 533 16.11 -35.49 -1.32
CA MET A 533 14.84 -34.95 -0.84
C MET A 533 13.75 -35.98 -1.03
N LYS A 534 12.88 -36.11 -0.02
CA LYS A 534 11.80 -37.07 -0.10
C LYS A 534 10.73 -36.61 -1.08
N GLY A 535 10.31 -37.51 -1.95
CA GLY A 535 9.26 -37.22 -2.91
C GLY A 535 9.78 -36.79 -4.25
N ASP A 536 8.85 -36.66 -5.19
CA ASP A 536 9.16 -36.28 -6.56
C ASP A 536 8.89 -34.79 -6.67
N VAL A 537 9.92 -33.98 -6.45
CA VAL A 537 9.82 -32.52 -6.52
C VAL A 537 11.02 -32.03 -7.34
N ASP A 538 10.79 -31.00 -8.15
CA ASP A 538 11.88 -30.40 -8.90
C ASP A 538 12.27 -29.03 -8.38
N CYS A 539 11.31 -28.19 -7.98
CA CYS A 539 11.65 -26.90 -7.40
C CYS A 539 10.67 -26.55 -6.29
N PHE A 540 11.16 -25.78 -5.33
CA PHE A 540 10.35 -25.23 -4.25
C PHE A 540 10.18 -23.74 -4.47
N VAL A 541 8.96 -23.25 -4.30
CA VAL A 541 8.66 -21.83 -4.39
C VAL A 541 8.07 -21.40 -3.04
N GLY A 542 8.67 -20.39 -2.44
CA GLY A 542 8.10 -19.86 -1.22
C GLY A 542 7.47 -18.50 -1.40
N LEU A 543 6.15 -18.46 -1.49
CA LEU A 543 5.42 -17.21 -1.70
C LEU A 543 5.07 -16.60 -0.35
N ASP A 544 5.15 -15.27 -0.26
CA ASP A 544 4.75 -14.57 0.94
C ASP A 544 4.43 -13.13 0.58
N VAL A 545 3.45 -12.56 1.27
CA VAL A 545 3.18 -11.13 1.27
C VAL A 545 3.18 -10.68 2.72
N GLY A 546 4.04 -9.73 3.05
CA GLY A 546 4.13 -9.22 4.40
C GLY A 546 3.47 -7.86 4.51
N THR A 547 3.07 -7.51 5.73
CA THR A 547 2.43 -6.23 6.01
C THR A 547 3.35 -5.46 6.96
N ARG A 548 4.02 -4.44 6.44
CA ARG A 548 4.96 -3.66 7.26
C ARG A 548 4.21 -2.81 8.28
N GLU A 549 3.23 -2.02 7.83
CA GLU A 549 2.43 -1.19 8.69
C GLU A 549 0.98 -1.23 8.22
N LYS A 550 0.18 -0.30 8.74
CA LYS A 550 -1.20 -0.16 8.32
C LYS A 550 -1.25 0.44 6.92
N GLY A 551 -1.90 -0.28 6.00
CA GLY A 551 -2.01 0.19 4.64
C GLY A 551 -0.77 0.02 3.78
N ILE A 552 0.30 -0.54 4.33
CA ILE A 552 1.53 -0.82 3.60
C ILE A 552 1.71 -2.32 3.57
N HIS A 553 1.88 -2.87 2.38
CA HIS A 553 2.18 -4.29 2.21
C HIS A 553 3.56 -4.40 1.60
N TYR A 554 4.34 -5.40 2.05
CA TYR A 554 5.55 -5.72 1.34
C TYR A 554 5.19 -6.30 -0.03
N PRO A 555 6.08 -6.21 -1.02
CA PRO A 555 5.83 -6.88 -2.29
C PRO A 555 5.78 -8.39 -2.13
N ALA A 556 5.09 -9.03 -3.07
CA ALA A 556 4.81 -10.46 -3.00
C ALA A 556 6.08 -11.25 -3.31
N CYS A 557 6.95 -11.38 -2.31
CA CYS A 557 8.24 -12.00 -2.49
C CYS A 557 8.11 -13.50 -2.69
N SER A 558 8.87 -14.03 -3.65
CA SER A 558 9.02 -15.46 -3.84
C SER A 558 10.49 -15.80 -3.80
N VAL A 559 10.81 -17.01 -3.35
CA VAL A 559 12.15 -17.58 -3.49
C VAL A 559 12.00 -18.88 -4.27
N VAL A 560 13.03 -19.23 -5.02
CA VAL A 560 13.03 -20.44 -5.82
C VAL A 560 14.20 -21.31 -5.37
N PHE A 561 13.92 -22.57 -5.07
CA PHE A 561 14.91 -23.54 -4.67
C PHE A 561 14.91 -24.66 -5.68
N ASP A 562 15.93 -25.48 -5.69
CA ASP A 562 15.84 -26.73 -6.43
C ASP A 562 15.34 -27.81 -5.47
N LYS A 563 15.41 -29.07 -5.89
CA LYS A 563 15.03 -30.15 -5.00
C LYS A 563 16.04 -30.34 -3.87
N TYR A 564 17.26 -29.85 -4.03
CA TYR A 564 18.28 -29.98 -3.00
C TYR A 564 18.33 -28.78 -2.09
N GLY A 565 17.44 -27.79 -2.30
CA GLY A 565 17.27 -26.70 -1.38
C GLY A 565 18.24 -25.55 -1.51
N LYS A 566 19.08 -25.52 -2.54
CA LYS A 566 19.94 -24.37 -2.77
C LYS A 566 19.17 -23.34 -3.57
N LEU A 567 19.46 -22.06 -3.32
CA LEU A 567 18.62 -21.02 -3.89
C LEU A 567 18.95 -20.79 -5.36
N ILE A 568 17.95 -21.02 -6.21
CA ILE A 568 18.03 -20.67 -7.61
C ILE A 568 17.80 -19.20 -7.82
N ASN A 569 16.79 -18.64 -7.16
CA ASN A 569 16.24 -17.37 -7.58
C ASN A 569 15.38 -16.79 -6.46
N TYR A 570 15.24 -15.47 -6.48
CA TYR A 570 14.19 -14.78 -5.75
C TYR A 570 13.61 -13.69 -6.66
N TYR A 571 12.32 -13.41 -6.50
CA TYR A 571 11.66 -12.40 -7.31
C TYR A 571 10.86 -11.47 -6.44
N LYS A 572 11.30 -10.22 -6.37
CA LYS A 572 10.56 -9.15 -5.72
C LYS A 572 9.84 -8.36 -6.81
N PRO A 573 8.51 -8.36 -6.84
CA PRO A 573 7.79 -7.48 -7.77
C PRO A 573 7.95 -6.03 -7.38
N ASN A 574 8.13 -5.18 -8.39
CA ASN A 574 8.47 -3.78 -8.13
C ASN A 574 7.26 -3.00 -7.63
N ILE A 575 6.05 -3.51 -7.88
CA ILE A 575 4.84 -2.81 -7.49
C ILE A 575 4.29 -3.43 -6.20
N PRO A 576 3.82 -2.63 -5.24
CA PRO A 576 3.11 -3.19 -4.10
C PRO A 576 1.69 -3.55 -4.51
N GLN A 577 0.99 -4.29 -3.65
CA GLN A 577 -0.36 -4.67 -4.00
C GLN A 577 -1.32 -4.38 -2.85
N ASN A 578 -2.60 -4.52 -3.13
CA ASN A 578 -3.65 -4.27 -2.16
C ASN A 578 -4.02 -5.59 -1.51
N GLY A 579 -3.32 -5.93 -0.43
CA GLY A 579 -3.71 -7.08 0.35
C GLY A 579 -2.72 -8.21 0.34
N GLU A 580 -3.16 -9.31 0.95
CA GLU A 580 -2.36 -10.50 1.15
C GLU A 580 -2.57 -11.53 0.06
N LYS A 581 -3.48 -11.27 -0.87
CA LYS A 581 -3.68 -12.12 -2.05
C LYS A 581 -2.77 -11.63 -3.16
N ILE A 582 -2.04 -12.55 -3.77
CA ILE A 582 -1.19 -12.21 -4.90
C ILE A 582 -2.03 -12.19 -6.15
N ASN A 583 -1.96 -11.09 -6.90
CA ASN A 583 -2.70 -10.93 -8.13
C ASN A 583 -2.19 -11.91 -9.18
N THR A 584 -3.07 -12.28 -10.12
CA THR A 584 -2.69 -13.25 -11.13
C THR A 584 -1.70 -12.68 -12.14
N GLU A 585 -1.64 -11.36 -12.27
CA GLU A 585 -0.55 -10.73 -13.02
C GLU A 585 0.77 -10.87 -12.27
N ILE A 586 0.73 -10.68 -10.95
CA ILE A 586 1.93 -10.86 -10.14
C ILE A 586 2.31 -12.32 -10.05
N LEU A 587 1.32 -13.22 -10.02
CA LEU A 587 1.59 -14.65 -10.09
C LEU A 587 2.19 -15.04 -11.44
N GLN A 588 1.76 -14.36 -12.51
CA GLN A 588 2.37 -14.55 -13.83
C GLN A 588 3.84 -14.16 -13.82
N GLU A 589 4.15 -12.98 -13.27
CA GLU A 589 5.53 -12.52 -13.15
C GLU A 589 6.38 -13.49 -12.35
N ILE A 590 5.87 -13.88 -11.17
CA ILE A 590 6.58 -14.76 -10.24
C ILE A 590 6.87 -16.11 -10.87
N PHE A 591 5.84 -16.76 -11.41
CA PHE A 591 6.07 -18.13 -11.86
C PHE A 591 6.69 -18.21 -13.25
N ASP A 592 6.57 -17.18 -14.08
CA ASP A 592 7.42 -17.12 -15.27
C ASP A 592 8.87 -17.00 -14.88
N LYS A 593 9.17 -16.20 -13.85
CA LYS A 593 10.53 -16.09 -13.34
C LYS A 593 11.01 -17.42 -12.74
N VAL A 594 10.10 -18.15 -12.08
CA VAL A 594 10.40 -19.48 -11.53
C VAL A 594 10.80 -20.45 -12.63
N LEU A 595 9.95 -20.57 -13.67
CA LEU A 595 10.20 -21.57 -14.71
C LEU A 595 11.39 -21.19 -15.57
N ILE A 596 11.59 -19.90 -15.79
CA ILE A 596 12.78 -19.40 -16.49
C ILE A 596 14.05 -19.74 -15.73
N SER A 597 14.05 -19.55 -14.41
CA SER A 597 15.26 -19.82 -13.64
C SER A 597 15.56 -21.31 -13.55
N TYR A 598 14.52 -22.12 -13.42
CA TYR A 598 14.75 -23.57 -13.40
C TYR A 598 15.18 -24.07 -14.77
N GLU A 599 14.67 -23.47 -15.84
CA GLU A 599 15.08 -23.87 -17.18
C GLU A 599 16.49 -23.39 -17.50
N GLU A 600 16.90 -22.27 -16.89
CA GLU A 600 18.24 -21.76 -17.11
C GLU A 600 19.27 -22.62 -16.38
N GLU A 601 18.97 -23.03 -15.15
CA GLU A 601 19.93 -23.82 -14.41
C GLU A 601 19.78 -25.33 -14.63
N ASN A 602 18.74 -25.77 -15.35
CA ASN A 602 18.50 -27.20 -15.49
C ASN A 602 18.14 -27.65 -16.91
N GLY A 603 17.79 -26.76 -17.82
CA GLY A 603 17.56 -27.15 -19.20
C GLY A 603 16.13 -27.44 -19.57
N ALA A 604 15.21 -27.50 -18.61
CA ALA A 604 13.81 -27.80 -18.91
C ALA A 604 12.94 -27.22 -17.81
N TYR A 605 11.63 -27.23 -18.07
CA TYR A 605 10.67 -26.85 -17.05
C TYR A 605 10.64 -27.88 -15.92
N PRO A 606 10.33 -27.46 -14.69
CA PRO A 606 10.19 -28.42 -13.60
C PRO A 606 8.90 -29.22 -13.73
N LYS A 607 9.03 -30.54 -13.66
CA LYS A 607 7.86 -31.41 -13.75
C LYS A 607 7.01 -31.31 -12.49
N ASN A 608 7.62 -30.97 -11.36
CA ASN A 608 6.95 -30.93 -10.07
C ASN A 608 7.39 -29.70 -9.29
N ILE A 609 6.41 -28.92 -8.84
CA ILE A 609 6.65 -27.72 -8.06
C ILE A 609 5.89 -27.85 -6.76
N VAL A 610 6.50 -27.46 -5.65
CA VAL A 610 5.81 -27.37 -4.37
C VAL A 610 5.87 -25.92 -3.93
N ILE A 611 4.71 -25.30 -3.82
CA ILE A 611 4.59 -23.88 -3.51
C ILE A 611 4.30 -23.76 -2.02
N HIS A 612 5.26 -23.26 -1.25
CA HIS A 612 5.07 -23.07 0.19
C HIS A 612 4.58 -21.65 0.41
N ARG A 613 3.27 -21.50 0.54
CA ARG A 613 2.66 -20.20 0.75
C ARG A 613 2.66 -19.90 2.24
N ALA A 614 3.33 -18.82 2.62
CA ALA A 614 3.39 -18.43 4.02
C ALA A 614 2.09 -17.78 4.43
N GLY A 615 1.33 -18.46 5.29
CA GLY A 615 0.02 -17.99 5.69
C GLY A 615 -1.08 -18.75 4.99
N PHE A 616 -2.04 -18.02 4.44
CA PHE A 616 -3.14 -18.62 3.68
C PHE A 616 -2.83 -18.55 2.19
N SER A 617 -3.15 -19.61 1.47
CA SER A 617 -3.09 -19.59 0.01
C SER A 617 -4.42 -19.05 -0.51
N ARG A 618 -4.57 -17.74 -0.40
CA ARG A 618 -5.76 -17.05 -0.83
C ARG A 618 -5.75 -16.69 -2.31
N GLU A 619 -4.76 -17.17 -3.06
CA GLU A 619 -4.68 -16.85 -4.48
C GLU A 619 -5.64 -17.74 -5.26
N ASP A 620 -5.90 -17.32 -6.51
CA ASP A 620 -6.85 -18.01 -7.37
C ASP A 620 -6.28 -19.34 -7.84
N LEU A 621 -6.89 -20.44 -7.38
CA LEU A 621 -6.38 -21.76 -7.71
C LEU A 621 -6.66 -22.11 -9.16
N ASP A 622 -7.69 -21.52 -9.76
CA ASP A 622 -7.97 -21.76 -11.18
C ASP A 622 -6.88 -21.17 -12.06
N TRP A 623 -6.29 -20.04 -11.63
CA TRP A 623 -5.13 -19.49 -12.33
C TRP A 623 -3.98 -20.47 -12.31
N TYR A 624 -3.67 -21.02 -11.13
CA TYR A 624 -2.58 -21.97 -10.99
C TYR A 624 -2.80 -23.22 -11.85
N GLU A 625 -4.03 -23.74 -11.83
CA GLU A 625 -4.33 -24.94 -12.59
C GLU A 625 -4.23 -24.70 -14.09
N ASN A 626 -4.71 -23.53 -14.55
CA ASN A 626 -4.56 -23.18 -15.97
C ASN A 626 -3.10 -22.99 -16.35
N TYR A 627 -2.36 -22.24 -15.52
CA TYR A 627 -0.96 -21.90 -15.82
C TYR A 627 -0.08 -23.14 -15.86
N PHE A 628 -0.20 -24.02 -14.88
CA PHE A 628 0.64 -25.21 -14.87
C PHE A 628 0.03 -26.39 -15.62
N GLY A 629 -1.20 -26.27 -16.11
CA GLY A 629 -1.76 -27.32 -16.94
C GLY A 629 -1.48 -27.06 -18.40
N LYS A 630 -1.34 -25.79 -18.78
CA LYS A 630 -0.87 -25.48 -20.12
C LYS A 630 0.59 -25.84 -20.32
N LYS A 631 1.36 -25.95 -19.24
CA LYS A 631 2.78 -26.17 -19.30
C LYS A 631 3.20 -27.55 -18.84
N ASN A 632 2.22 -28.43 -18.56
CA ASN A 632 2.42 -29.83 -18.16
C ASN A 632 3.27 -29.93 -16.90
N ILE A 633 2.84 -29.21 -15.86
CA ILE A 633 3.53 -29.15 -14.59
C ILE A 633 2.56 -29.56 -13.50
N LYS A 634 2.90 -30.63 -12.78
CA LYS A 634 2.17 -30.98 -11.57
C LYS A 634 2.67 -30.09 -10.44
N PHE A 635 1.76 -29.47 -9.72
CA PHE A 635 2.16 -28.52 -8.70
C PHE A 635 1.41 -28.80 -7.40
N ASN A 636 1.99 -28.32 -6.31
CA ASN A 636 1.48 -28.54 -4.96
C ASN A 636 1.54 -27.21 -4.23
N ILE A 637 0.49 -26.89 -3.49
CA ILE A 637 0.47 -25.67 -2.68
C ILE A 637 0.34 -26.08 -1.22
N ILE A 638 1.35 -25.73 -0.43
CA ILE A 638 1.38 -26.05 0.99
C ILE A 638 1.33 -24.73 1.74
N GLU A 639 0.45 -24.63 2.73
CA GLU A 639 0.30 -23.41 3.51
C GLU A 639 1.09 -23.57 4.80
N VAL A 640 2.28 -22.96 4.87
CA VAL A 640 3.14 -23.04 6.04
C VAL A 640 2.83 -21.84 6.92
N LYS A 641 2.39 -22.09 8.15
CA LYS A 641 1.84 -21.05 9.00
C LYS A 641 2.63 -20.92 10.30
N LYS A 642 3.08 -19.70 10.59
CA LYS A 642 3.93 -19.42 11.74
C LYS A 642 3.13 -19.36 13.03
N SER A 643 2.24 -18.39 13.12
CA SER A 643 1.57 -18.06 14.37
C SER A 643 0.41 -19.02 14.60
N THR A 644 0.54 -19.85 15.62
CA THR A 644 -0.48 -20.81 15.98
C THR A 644 -0.39 -21.05 17.49
N PRO A 645 -1.50 -20.95 18.23
CA PRO A 645 -1.42 -21.18 19.67
C PRO A 645 -1.27 -22.65 20.06
N LEU A 646 -1.35 -23.57 19.11
CA LEU A 646 -1.29 -24.99 19.44
C LEU A 646 0.14 -25.40 19.77
N LYS A 647 0.29 -26.11 20.89
CA LYS A 647 1.56 -26.68 21.31
C LYS A 647 1.44 -28.19 21.31
N ILE A 648 2.49 -28.86 20.87
CA ILE A 648 2.58 -30.32 20.90
C ILE A 648 3.42 -30.71 22.10
N ALA A 649 2.97 -31.72 22.85
CA ALA A 649 3.73 -32.28 23.95
C ALA A 649 4.23 -33.66 23.58
N SER A 650 5.18 -34.16 24.36
CA SER A 650 5.60 -35.56 24.31
C SER A 650 5.27 -36.20 25.64
N ILE A 651 4.22 -37.02 25.65
CA ILE A 651 3.81 -37.75 26.84
C ILE A 651 4.51 -39.10 26.84
N ASN A 652 5.08 -39.46 27.98
CA ASN A 652 5.90 -40.68 28.12
C ASN A 652 5.58 -41.29 29.46
N GLU A 653 4.64 -42.24 29.47
CA GLU A 653 4.03 -42.81 30.67
C GLU A 653 3.52 -41.71 31.61
N GLY A 654 2.83 -40.74 31.02
CA GLY A 654 2.26 -39.64 31.77
C GLY A 654 3.20 -38.50 32.08
N ASN A 655 4.45 -38.56 31.65
CA ASN A 655 5.44 -37.52 31.91
C ASN A 655 5.53 -36.61 30.70
N ILE A 656 5.09 -35.37 30.86
CA ILE A 656 5.04 -34.41 29.77
C ILE A 656 6.41 -33.75 29.63
N THR A 657 6.88 -33.64 28.39
CA THR A 657 8.16 -33.00 28.12
C THR A 657 8.08 -32.33 26.76
N ASN A 658 9.10 -31.53 26.45
CA ASN A 658 9.15 -30.87 25.16
C ASN A 658 9.42 -31.87 24.06
N PRO A 659 8.76 -31.78 22.91
CA PRO A 659 9.03 -32.72 21.83
C PRO A 659 10.31 -32.37 21.09
N GLU A 660 10.91 -33.39 20.48
CA GLU A 660 12.08 -33.18 19.65
C GLU A 660 11.69 -32.49 18.35
N LYS A 661 12.69 -31.94 17.66
CA LYS A 661 12.41 -31.39 16.35
C LYS A 661 12.14 -32.53 15.35
N GLY A 662 11.27 -32.25 14.40
CA GLY A 662 10.81 -33.28 13.49
C GLY A 662 9.59 -34.03 13.96
N SER A 663 9.15 -33.79 15.19
CA SER A 663 7.95 -34.42 15.72
C SER A 663 6.72 -33.72 15.16
N TYR A 664 5.83 -34.50 14.54
CA TYR A 664 4.65 -33.94 13.90
C TYR A 664 3.39 -34.65 14.41
N ILE A 665 2.27 -33.98 14.25
CA ILE A 665 0.95 -34.61 14.28
C ILE A 665 0.26 -34.30 12.97
N LEU A 666 -0.60 -35.20 12.52
CA LEU A 666 -1.18 -35.12 11.17
C LEU A 666 -2.59 -35.66 11.16
N ARG A 667 -3.55 -34.79 10.86
CA ARG A 667 -4.94 -35.21 10.67
C ARG A 667 -5.45 -34.60 9.38
N GLY A 668 -5.62 -35.44 8.36
CA GLY A 668 -6.13 -34.95 7.09
C GLY A 668 -5.04 -34.21 6.35
N ASN A 669 -5.32 -32.96 6.01
CA ASN A 669 -4.34 -32.11 5.36
C ASN A 669 -3.64 -31.17 6.32
N LYS A 670 -4.22 -30.92 7.48
CA LYS A 670 -3.62 -30.05 8.50
C LYS A 670 -2.56 -30.82 9.26
N ALA A 671 -1.43 -30.17 9.51
CA ALA A 671 -0.34 -30.81 10.22
C ALA A 671 0.40 -29.79 11.06
N TYR A 672 0.73 -30.18 12.28
CA TYR A 672 1.53 -29.38 13.20
C TYR A 672 2.85 -30.11 13.40
N MET A 673 3.95 -29.47 13.07
CA MET A 673 5.25 -30.11 13.13
C MET A 673 6.23 -29.27 13.92
N VAL A 674 6.91 -29.92 14.85
CA VAL A 674 7.92 -29.27 15.69
C VAL A 674 9.24 -29.27 14.93
N THR A 675 9.75 -28.08 14.64
CA THR A 675 10.97 -27.91 13.88
C THR A 675 12.12 -27.38 14.72
N THR A 676 11.90 -27.11 16.00
CA THR A 676 12.90 -26.54 16.90
C THR A 676 13.07 -27.45 18.11
N ASP A 677 14.32 -27.74 18.45
CA ASP A 677 14.64 -28.60 19.59
C ASP A 677 14.95 -27.68 20.76
N ILE A 678 13.97 -27.50 21.64
CA ILE A 678 14.04 -26.50 22.69
C ILE A 678 14.02 -27.20 24.04
N LYS A 679 15.07 -26.99 24.81
CA LYS A 679 15.27 -27.65 26.08
C LYS A 679 14.31 -27.08 27.13
N GLU A 680 14.08 -27.86 28.17
CA GLU A 680 13.32 -27.38 29.31
C GLU A 680 14.11 -26.30 30.04
N ASN A 681 13.36 -25.43 30.73
CA ASN A 681 13.76 -24.13 31.26
C ASN A 681 14.19 -23.15 30.17
N LEU A 682 13.80 -23.38 28.92
CA LEU A 682 13.92 -22.41 27.85
C LEU A 682 12.59 -22.19 27.12
N GLY A 683 11.52 -22.78 27.62
CA GLY A 683 10.23 -22.71 26.99
C GLY A 683 9.84 -24.03 26.38
N SER A 684 8.84 -23.97 25.50
CA SER A 684 8.33 -25.11 24.76
C SER A 684 8.34 -24.78 23.28
N PRO A 685 8.55 -25.76 22.42
CA PRO A 685 8.66 -25.47 20.99
C PRO A 685 7.31 -25.06 20.41
N LYS A 686 7.34 -24.02 19.58
CA LYS A 686 6.19 -23.59 18.81
C LYS A 686 6.18 -24.36 17.50
N PRO A 687 5.24 -25.26 17.28
CA PRO A 687 5.24 -26.02 16.02
C PRO A 687 4.68 -25.19 14.88
N LEU A 688 4.96 -25.66 13.67
CA LEU A 688 4.46 -25.02 12.47
C LEU A 688 3.14 -25.65 12.07
N LYS A 689 2.10 -24.84 11.93
CA LYS A 689 0.87 -25.32 11.33
C LYS A 689 1.06 -25.38 9.82
N ILE A 690 0.78 -26.53 9.24
CA ILE A 690 1.06 -26.81 7.84
C ILE A 690 -0.16 -27.50 7.25
N GLU A 691 -0.77 -26.89 6.24
CA GLU A 691 -1.88 -27.54 5.56
C GLU A 691 -1.72 -27.40 4.06
N LYS A 692 -2.23 -28.41 3.35
CA LYS A 692 -2.14 -28.49 1.90
C LYS A 692 -3.42 -27.95 1.31
N SER A 693 -3.35 -26.79 0.65
CA SER A 693 -4.54 -26.24 0.02
C SER A 693 -4.76 -26.85 -1.37
N TYR A 694 -3.68 -27.19 -2.06
CA TYR A 694 -3.76 -27.92 -3.31
C TYR A 694 -2.60 -28.88 -3.40
N GLY A 695 -2.83 -30.02 -4.02
CA GLY A 695 -1.75 -30.93 -4.34
C GLY A 695 -2.22 -32.36 -4.33
N ASP A 696 -1.32 -33.25 -4.75
CA ASP A 696 -1.59 -34.67 -4.70
C ASP A 696 -0.45 -35.46 -4.06
N ILE A 697 0.55 -34.79 -3.50
CA ILE A 697 1.52 -35.47 -2.66
C ILE A 697 0.91 -35.64 -1.29
N ASP A 698 1.27 -36.74 -0.61
CA ASP A 698 0.77 -36.94 0.73
C ASP A 698 1.46 -35.98 1.68
N MET A 699 0.84 -35.77 2.84
CA MET A 699 1.37 -34.79 3.78
C MET A 699 2.62 -35.28 4.50
N LEU A 700 2.92 -36.58 4.46
CA LEU A 700 4.20 -37.04 5.01
C LEU A 700 5.36 -36.53 4.16
N THR A 701 5.20 -36.57 2.83
CA THR A 701 6.22 -36.04 1.94
C THR A 701 6.35 -34.53 2.08
N ALA A 702 5.21 -33.83 2.18
CA ALA A 702 5.23 -32.38 2.35
C ALA A 702 5.87 -31.97 3.66
N LEU A 703 5.58 -32.69 4.74
CA LEU A 703 6.18 -32.40 6.03
C LEU A 703 7.66 -32.75 6.07
N SER A 704 8.06 -33.84 5.39
CA SER A 704 9.46 -34.19 5.32
C SER A 704 10.24 -33.16 4.52
N GLN A 705 9.65 -32.64 3.45
CA GLN A 705 10.29 -31.59 2.66
C GLN A 705 10.39 -30.29 3.45
N ILE A 706 9.35 -29.94 4.21
CA ILE A 706 9.39 -28.72 5.01
C ILE A 706 10.43 -28.84 6.12
N TYR A 707 10.49 -29.99 6.80
CA TYR A 707 11.46 -30.18 7.86
C TYR A 707 12.88 -30.26 7.30
N ALA A 708 13.03 -30.76 6.07
CA ALA A 708 14.33 -30.73 5.42
C ALA A 708 14.73 -29.31 5.07
N LEU A 709 13.74 -28.49 4.69
CA LEU A 709 14.02 -27.10 4.32
C LEU A 709 14.28 -26.24 5.55
N THR A 710 13.84 -26.69 6.74
CA THR A 710 14.23 -25.99 7.97
C THR A 710 15.69 -26.24 8.31
N GLN A 711 16.15 -27.47 8.13
CA GLN A 711 17.48 -27.88 8.56
C GLN A 711 18.58 -27.48 7.60
N ILE A 712 18.27 -26.78 6.51
CA ILE A 712 19.29 -26.41 5.54
C ILE A 712 19.41 -24.90 5.47
N HIS A 713 19.06 -24.22 6.55
CA HIS A 713 19.35 -22.81 6.67
C HIS A 713 20.85 -22.61 6.70
N VAL A 714 21.37 -21.96 5.66
CA VAL A 714 22.80 -21.88 5.41
C VAL A 714 23.40 -20.64 6.04
N GLY A 715 22.61 -19.93 6.84
CA GLY A 715 23.11 -18.72 7.45
C GLY A 715 23.39 -18.86 8.92
N ALA A 716 23.16 -20.05 9.46
CA ALA A 716 23.38 -20.29 10.88
C ALA A 716 23.77 -21.73 11.09
N THR A 717 24.47 -21.99 12.20
CA THR A 717 24.76 -23.35 12.61
C THR A 717 23.62 -24.00 13.37
N LYS A 718 22.54 -23.28 13.62
CA LYS A 718 21.34 -23.88 14.17
C LYS A 718 20.16 -23.54 13.27
N SER A 719 19.20 -24.45 13.20
CA SER A 719 18.22 -24.46 12.14
C SER A 719 17.19 -23.36 12.32
N LEU A 720 16.52 -23.03 11.23
CA LEU A 720 15.46 -22.05 11.24
C LEU A 720 14.17 -22.78 11.62
N ARG A 721 13.24 -22.07 12.26
CA ARG A 721 11.96 -22.70 12.59
C ARG A 721 11.12 -22.91 11.34
N LEU A 722 11.02 -21.89 10.52
CA LEU A 722 10.36 -21.97 9.24
C LEU A 722 11.23 -22.72 8.24
N PRO A 723 10.62 -23.34 7.22
CA PRO A 723 11.39 -23.75 6.06
C PRO A 723 11.95 -22.51 5.38
N ILE A 724 13.09 -22.67 4.72
CA ILE A 724 13.74 -21.50 4.14
C ILE A 724 13.05 -20.99 2.89
N THR A 725 12.02 -21.67 2.41
CA THR A 725 11.10 -21.07 1.44
C THR A 725 10.39 -19.89 2.08
N THR A 726 9.56 -20.16 3.07
CA THR A 726 8.84 -19.10 3.76
C THR A 726 9.78 -18.30 4.67
N GLY A 727 10.82 -18.95 5.19
CA GLY A 727 11.79 -18.25 6.01
C GLY A 727 12.63 -17.25 5.24
N TYR A 728 13.09 -17.63 4.05
CA TYR A 728 13.85 -16.68 3.25
C TYR A 728 12.95 -15.66 2.59
N ALA A 729 11.67 -15.99 2.36
CA ALA A 729 10.73 -14.97 1.95
C ALA A 729 10.54 -13.92 3.05
N ASP A 730 10.50 -14.36 4.31
CA ASP A 730 10.47 -13.42 5.43
C ASP A 730 11.76 -12.61 5.54
N LYS A 731 12.90 -13.24 5.24
CA LYS A 731 14.16 -12.52 5.33
C LYS A 731 14.32 -11.50 4.22
N ILE A 732 13.74 -11.77 3.04
CA ILE A 732 13.76 -10.77 1.98
C ILE A 732 12.75 -9.68 2.26
N CYS A 733 11.63 -10.02 2.91
CA CYS A 733 10.69 -8.97 3.31
C CYS A 733 11.28 -8.09 4.41
N LYS A 734 12.16 -8.64 5.25
CA LYS A 734 12.87 -7.80 6.22
C LYS A 734 13.96 -6.97 5.54
N ALA A 735 14.73 -7.59 4.67
CA ALA A 735 15.75 -6.88 3.89
C ALA A 735 15.21 -6.42 2.55
N ILE A 736 14.07 -5.73 2.56
CA ILE A 736 13.40 -5.36 1.32
C ILE A 736 13.94 -4.04 0.78
N GLU A 737 14.48 -3.19 1.64
CA GLU A 737 15.18 -1.99 1.24
C GLU A 737 16.67 -2.23 1.05
N PHE A 738 17.10 -3.48 1.16
CA PHE A 738 18.49 -3.88 1.12
C PHE A 738 18.77 -4.81 -0.05
N ILE A 739 17.82 -4.95 -0.96
CA ILE A 739 17.98 -5.83 -2.12
C ILE A 739 19.01 -5.23 -3.06
N PRO A 740 20.04 -5.97 -3.46
CA PRO A 740 21.10 -5.39 -4.29
C PRO A 740 20.61 -5.05 -5.68
N GLN A 741 21.30 -4.10 -6.31
CA GLN A 741 20.81 -3.55 -7.58
C GLN A 741 20.95 -4.55 -8.72
N GLY A 742 22.13 -5.13 -8.91
CA GLY A 742 22.42 -5.96 -10.07
C GLY A 742 21.64 -7.25 -10.22
N ARG A 743 22.03 -8.07 -11.19
CA ARG A 743 21.24 -9.21 -11.62
C ARG A 743 21.12 -10.26 -10.52
N VAL A 744 19.89 -10.78 -10.37
CA VAL A 744 19.57 -11.69 -9.28
C VAL A 744 20.31 -13.00 -9.46
N ASP A 745 21.01 -13.43 -8.42
CA ASP A 745 21.84 -14.63 -8.48
C ASP A 745 21.73 -15.37 -7.15
N ASN A 746 22.66 -16.30 -6.93
CA ASN A 746 22.69 -17.19 -5.78
C ASN A 746 23.10 -16.48 -4.49
N ARG A 747 23.57 -15.24 -4.57
CA ARG A 747 24.06 -14.56 -3.38
C ARG A 747 22.92 -14.16 -2.45
N LEU A 748 23.07 -14.50 -1.18
CA LEU A 748 22.00 -14.41 -0.19
C LEU A 748 22.26 -13.19 0.68
N PHE A 749 21.85 -12.03 0.16
CA PHE A 749 22.07 -10.73 0.80
C PHE A 749 21.35 -10.63 2.14
N PHE A 750 20.26 -11.37 2.29
CA PHE A 750 19.29 -11.21 3.36
C PHE A 750 19.67 -11.96 4.63
N LEU A 751 20.90 -12.42 4.74
CA LEU A 751 21.21 -13.54 5.59
C LEU A 751 22.22 -13.19 6.70
N VAL D 7 1.28 43.90 -25.88
CA VAL D 7 1.23 42.44 -25.85
C VAL D 7 -0.22 41.97 -25.73
N SER D 8 -0.40 40.66 -25.60
CA SER D 8 -1.73 40.08 -25.46
C SER D 8 -2.10 40.02 -23.98
N ASN D 9 -3.23 40.60 -23.63
CA ASN D 9 -3.73 40.49 -22.26
C ASN D 9 -4.16 39.06 -21.98
N LEU D 10 -4.11 38.70 -20.71
CA LEU D 10 -4.55 37.39 -20.25
C LEU D 10 -5.71 37.58 -19.28
N THR D 11 -6.69 36.68 -19.38
CA THR D 11 -7.83 36.73 -18.49
C THR D 11 -8.22 35.31 -18.12
N VAL D 12 -9.11 35.19 -17.15
CA VAL D 12 -9.64 33.90 -16.74
C VAL D 12 -11.13 33.87 -17.02
N GLU D 13 -11.70 32.68 -16.94
CA GLU D 13 -13.13 32.47 -17.10
C GLU D 13 -13.86 32.99 -15.86
N ALA D 14 -14.12 34.28 -15.85
CA ALA D 14 -14.70 34.98 -14.73
C ALA D 14 -15.58 36.10 -15.23
N PHE D 15 -16.72 36.29 -14.59
CA PHE D 15 -17.64 37.37 -14.93
C PHE D 15 -17.92 38.19 -13.69
N GLU D 16 -17.78 39.51 -13.81
CA GLU D 16 -17.99 40.40 -12.68
C GLU D 16 -19.49 40.59 -12.43
N GLY D 17 -19.88 40.60 -11.16
CA GLY D 17 -21.26 40.87 -10.80
C GLY D 17 -21.53 42.35 -10.72
N ILE D 18 -22.64 42.77 -11.32
CA ILE D 18 -23.07 44.16 -11.26
C ILE D 18 -23.86 44.36 -9.97
N GLY D 19 -23.35 45.22 -9.10
CA GLY D 19 -23.95 45.41 -7.80
C GLY D 19 -23.46 44.40 -6.78
N SER D 20 -23.69 44.73 -5.51
CA SER D 20 -23.20 43.92 -4.40
C SER D 20 -24.34 43.17 -3.75
N VAL D 21 -23.98 42.29 -2.82
CA VAL D 21 -24.96 41.60 -1.99
C VAL D 21 -24.97 42.24 -0.61
N ASN D 22 -26.13 42.27 0.02
CA ASN D 22 -26.25 42.89 1.33
C ASN D 22 -26.14 41.84 2.43
N PRO D 23 -25.77 42.25 3.65
CA PRO D 23 -25.88 41.32 4.78
C PRO D 23 -27.33 41.00 5.06
N MET D 24 -27.65 39.71 5.04
CA MET D 24 -29.03 39.25 5.13
C MET D 24 -29.18 38.30 6.31
N LEU D 25 -30.43 38.18 6.76
CA LEU D 25 -30.73 37.51 8.02
C LEU D 25 -30.57 36.00 7.89
N PHE D 26 -29.75 35.42 8.75
CA PHE D 26 -29.53 33.98 8.80
C PHE D 26 -30.08 33.41 10.10
N TYR D 27 -30.38 32.11 10.08
CA TYR D 27 -30.99 31.41 11.20
C TYR D 27 -30.05 30.28 11.61
N GLN D 28 -29.22 30.55 12.62
CA GLN D 28 -28.16 29.66 13.03
C GLN D 28 -28.72 28.44 13.74
N TYR D 29 -28.40 27.26 13.23
CA TYR D 29 -28.86 26.00 13.81
C TYR D 29 -27.68 25.23 14.39
N LYS D 30 -27.99 24.21 15.18
CA LYS D 30 -27.00 23.44 15.92
C LYS D 30 -27.14 21.96 15.60
N VAL D 31 -26.03 21.30 15.29
CA VAL D 31 -25.98 19.86 15.09
C VAL D 31 -25.20 19.25 16.26
N THR D 32 -25.80 18.25 16.90
CA THR D 32 -25.19 17.56 18.03
C THR D 32 -25.13 16.07 17.69
N GLY D 33 -24.13 15.39 18.26
CA GLY D 33 -23.90 13.98 17.98
C GLY D 33 -24.86 13.08 18.74
N LYS D 34 -26.10 12.97 18.22
CA LYS D 34 -27.17 12.28 18.91
C LYS D 34 -26.94 10.77 18.98
N GLY D 35 -26.15 10.21 18.07
CA GLY D 35 -25.90 8.79 18.03
C GLY D 35 -24.96 8.31 19.12
N LYS D 36 -24.39 7.12 18.89
CA LYS D 36 -23.44 6.55 19.85
C LYS D 36 -22.12 7.29 19.86
N TYR D 37 -21.80 7.99 18.76
CA TYR D 37 -20.66 8.88 18.67
C TYR D 37 -20.98 10.21 19.37
N ASP D 38 -20.03 11.14 19.29
CA ASP D 38 -20.31 12.52 19.66
C ASP D 38 -19.62 13.50 18.72
N ASN D 39 -19.07 13.04 17.60
CA ASN D 39 -18.37 13.90 16.67
C ASN D 39 -19.36 14.46 15.67
N VAL D 40 -19.52 15.78 15.67
CA VAL D 40 -20.48 16.43 14.77
C VAL D 40 -19.86 16.79 13.42
N TYR D 41 -18.53 16.81 13.34
CA TYR D 41 -17.86 17.12 12.07
C TYR D 41 -18.05 16.00 11.06
N LYS D 42 -18.21 14.77 11.53
CA LYS D 42 -18.45 13.65 10.63
C LYS D 42 -19.90 13.53 10.18
N ILE D 43 -20.79 14.40 10.65
CA ILE D 43 -22.19 14.38 10.26
C ILE D 43 -22.71 15.74 9.83
N ILE D 44 -21.86 16.77 9.79
CA ILE D 44 -22.34 18.13 9.52
C ILE D 44 -22.86 18.27 8.08
N LYS D 45 -22.17 17.64 7.11
CA LYS D 45 -22.61 17.75 5.72
C LYS D 45 -23.81 16.87 5.44
N SER D 46 -23.89 15.72 6.12
CA SER D 46 -25.07 14.87 6.00
C SER D 46 -26.29 15.54 6.59
N ALA D 47 -26.11 16.26 7.71
CA ALA D 47 -27.21 17.01 8.30
C ALA D 47 -27.64 18.16 7.41
N ARG D 48 -26.68 18.83 6.77
CA ARG D 48 -26.98 19.86 5.78
C ARG D 48 -27.81 19.31 4.63
N TYR D 49 -27.39 18.15 4.09
CA TYR D 49 -28.08 17.60 2.93
C TYR D 49 -29.48 17.09 3.29
N LYS D 50 -29.62 16.50 4.48
CA LYS D 50 -30.94 15.98 4.87
C LYS D 50 -31.89 17.12 5.22
N MET D 51 -31.39 18.22 5.79
CA MET D 51 -32.29 19.33 6.05
C MET D 51 -32.60 20.12 4.79
N HIS D 52 -31.69 20.10 3.82
CA HIS D 52 -31.99 20.70 2.52
C HIS D 52 -33.02 19.88 1.75
N SER D 53 -32.88 18.56 1.74
CA SER D 53 -33.75 17.71 0.95
C SER D 53 -35.10 17.50 1.59
N LYS D 54 -35.16 17.41 2.92
CA LYS D 54 -36.43 17.16 3.59
C LYS D 54 -37.29 18.39 3.75
N ASN D 55 -36.88 19.55 3.23
CA ASN D 55 -37.69 20.76 3.36
C ASN D 55 -37.74 21.49 2.02
N ARG D 56 -38.05 20.74 0.96
CA ARG D 56 -38.31 21.19 -0.43
C ARG D 56 -37.24 22.15 -0.97
N PHE D 57 -35.98 21.78 -0.74
CA PHE D 57 -34.80 22.32 -1.43
C PHE D 57 -34.62 23.81 -1.17
N LYS D 58 -34.51 24.14 0.10
CA LYS D 58 -34.33 25.47 0.67
C LYS D 58 -32.88 25.63 1.16
N PRO D 59 -32.33 26.85 1.13
CA PRO D 59 -30.86 27.00 1.26
C PRO D 59 -30.34 26.70 2.67
N VAL D 60 -29.42 25.75 2.74
CA VAL D 60 -28.79 25.34 4.00
C VAL D 60 -27.29 25.42 3.81
N PHE D 61 -26.60 26.11 4.72
CA PHE D 61 -25.18 26.37 4.59
C PHE D 61 -24.44 25.85 5.82
N ILE D 62 -23.13 25.74 5.70
CA ILE D 62 -22.29 25.12 6.72
C ILE D 62 -21.18 26.07 7.14
N LYS D 63 -21.19 26.45 8.41
CA LYS D 63 -20.00 26.97 9.09
C LYS D 63 -19.61 25.80 10.00
N ASP D 64 -18.46 25.92 10.69
CA ASP D 64 -17.66 24.85 11.34
C ASP D 64 -18.53 23.84 12.10
N ASP D 65 -19.51 24.26 12.88
CA ASP D 65 -20.42 23.33 13.55
C ASP D 65 -21.89 23.68 13.37
N LYS D 66 -22.20 24.75 12.66
CA LYS D 66 -23.54 25.30 12.66
C LYS D 66 -24.13 25.29 11.25
N LEU D 67 -25.46 25.23 11.18
CA LEU D 67 -26.21 25.36 9.95
C LEU D 67 -26.85 26.73 9.88
N TYR D 68 -26.77 27.37 8.72
CA TYR D 68 -27.32 28.70 8.50
C TYR D 68 -28.35 28.63 7.40
N THR D 69 -29.47 29.31 7.61
CA THR D 69 -30.64 29.17 6.74
C THR D 69 -31.26 30.55 6.51
N LEU D 70 -31.73 30.77 5.28
CA LEU D 70 -32.26 32.05 4.84
C LEU D 70 -33.71 32.29 5.25
N GLU D 71 -34.47 31.27 5.61
CA GLU D 71 -35.82 31.50 6.12
C GLU D 71 -36.15 30.44 7.17
N LYS D 72 -37.24 30.70 7.90
CA LYS D 72 -37.51 29.98 9.14
C LYS D 72 -37.95 28.56 8.85
N LEU D 73 -37.08 27.60 9.15
CA LEU D 73 -37.38 26.20 8.95
C LEU D 73 -37.47 25.51 10.29
N PRO D 74 -38.38 24.55 10.46
CA PRO D 74 -38.54 23.91 11.76
C PRO D 74 -37.37 23.00 12.11
N ASP D 75 -37.02 22.99 13.39
CA ASP D 75 -35.97 22.12 13.89
C ASP D 75 -36.35 20.66 13.74
N ILE D 76 -35.49 19.89 13.08
CA ILE D 76 -35.82 18.54 12.65
C ILE D 76 -35.18 17.56 13.61
N GLU D 77 -36.01 16.80 14.31
CA GLU D 77 -35.58 15.68 15.14
C GLU D 77 -35.80 14.34 14.45
N ASP D 78 -36.28 14.35 13.20
CA ASP D 78 -36.62 13.10 12.52
C ASP D 78 -35.37 12.34 12.10
N LEU D 79 -34.25 13.03 11.92
CA LEU D 79 -33.01 12.36 11.55
C LEU D 79 -32.47 11.59 12.75
N ASP D 80 -32.08 10.33 12.51
CA ASP D 80 -31.58 9.49 13.59
C ASP D 80 -30.17 9.87 14.01
N PHE D 81 -29.42 10.54 13.14
CA PHE D 81 -28.02 10.86 13.44
C PHE D 81 -27.79 12.32 13.80
N ALA D 82 -28.75 13.21 13.54
CA ALA D 82 -28.54 14.65 13.69
C ALA D 82 -29.80 15.29 14.25
N ASN D 83 -29.69 15.90 15.43
CA ASN D 83 -30.79 16.68 16.02
C ASN D 83 -30.57 18.17 15.78
N ILE D 84 -30.95 18.60 14.58
CA ILE D 84 -30.76 19.98 14.16
C ILE D 84 -31.75 20.87 14.90
N ASN D 85 -31.25 21.89 15.59
CA ASN D 85 -32.07 22.71 16.47
C ASN D 85 -31.70 24.18 16.33
N PHE D 86 -32.72 25.04 16.32
CA PHE D 86 -32.54 26.48 16.22
C PHE D 86 -31.82 27.03 17.45
N VAL D 87 -30.92 27.99 17.23
CA VAL D 87 -30.19 28.62 18.31
C VAL D 87 -30.53 30.10 18.37
N LYS D 88 -30.22 30.83 17.29
CA LYS D 88 -30.36 32.28 17.31
C LYS D 88 -30.52 32.78 15.88
N SER D 89 -30.83 34.08 15.80
CA SER D 89 -31.09 34.75 14.53
C SER D 89 -30.10 35.90 14.38
N GLU D 90 -29.17 35.77 13.43
CA GLU D 90 -28.07 36.70 13.34
C GLU D 90 -27.85 37.12 11.90
N VAL D 91 -27.70 38.42 11.68
CA VAL D 91 -27.29 38.98 10.41
C VAL D 91 -25.78 38.84 10.33
N LEU D 92 -25.30 37.88 9.54
CA LEU D 92 -23.86 37.68 9.43
C LEU D 92 -23.24 38.75 8.54
N SER D 93 -22.10 39.26 8.98
CA SER D 93 -21.39 40.29 8.24
C SER D 93 -20.65 39.67 7.07
N ILE D 94 -20.38 40.48 6.04
CA ILE D 94 -19.75 39.97 4.84
C ILE D 94 -18.26 39.73 5.07
N GLU D 95 -17.65 40.51 5.97
CA GLU D 95 -16.19 40.50 6.12
C GLU D 95 -15.67 39.22 6.75
N ASP D 96 -16.51 38.53 7.54
CA ASP D 96 -16.08 37.33 8.23
C ASP D 96 -16.63 36.05 7.60
N ASN D 97 -17.50 36.18 6.61
CA ASN D 97 -18.27 35.07 6.06
C ASN D 97 -18.27 35.11 4.53
N MET D 98 -17.07 35.17 3.96
CA MET D 98 -16.91 35.20 2.50
C MET D 98 -17.47 33.94 1.86
N SER D 99 -17.13 32.77 2.42
CA SER D 99 -17.52 31.51 1.80
C SER D 99 -19.02 31.25 1.93
N ILE D 100 -19.62 31.73 3.02
CA ILE D 100 -21.06 31.53 3.23
C ILE D 100 -21.85 32.35 2.22
N TYR D 101 -21.44 33.60 1.99
CA TYR D 101 -22.13 34.41 0.99
C TYR D 101 -21.82 33.97 -0.43
N GLY D 102 -20.64 33.35 -0.65
CA GLY D 102 -20.40 32.71 -1.93
C GLY D 102 -21.35 31.56 -2.18
N GLU D 103 -21.62 30.76 -1.13
CA GLU D 103 -22.59 29.68 -1.27
C GLU D 103 -24.02 30.20 -1.40
N VAL D 104 -24.31 31.36 -0.79
CA VAL D 104 -25.61 32.01 -0.97
C VAL D 104 -25.81 32.42 -2.42
N VAL D 105 -24.78 33.06 -3.00
CA VAL D 105 -24.86 33.51 -4.39
C VAL D 105 -24.96 32.32 -5.33
N GLU D 106 -24.25 31.22 -5.03
CA GLU D 106 -24.33 30.08 -5.94
C GLU D 106 -25.65 29.34 -5.79
N TYR D 107 -26.25 29.38 -4.58
CA TYR D 107 -27.60 28.84 -4.41
C TYR D 107 -28.61 29.63 -5.22
N TYR D 108 -28.53 30.96 -5.17
CA TYR D 108 -29.52 31.75 -5.88
C TYR D 108 -29.30 31.72 -7.39
N ILE D 109 -28.06 31.48 -7.84
CA ILE D 109 -27.81 31.20 -9.25
C ILE D 109 -28.46 29.87 -9.64
N ASN D 110 -28.32 28.84 -8.80
CA ASN D 110 -28.98 27.56 -9.05
C ASN D 110 -30.51 27.69 -9.10
N LEU D 111 -31.07 28.46 -8.18
CA LEU D 111 -32.53 28.61 -8.12
C LEU D 111 -33.03 29.49 -9.26
N LYS D 112 -32.20 30.40 -9.76
CA LYS D 112 -32.60 31.19 -10.92
C LYS D 112 -32.51 30.36 -12.20
N LEU D 113 -31.54 29.45 -12.28
CA LEU D 113 -31.37 28.68 -13.51
C LEU D 113 -32.29 27.47 -13.57
N LYS D 114 -32.84 27.04 -12.43
CA LYS D 114 -33.85 25.98 -12.46
C LYS D 114 -35.11 26.40 -13.21
N LYS D 115 -35.44 27.69 -13.21
CA LYS D 115 -36.65 28.19 -13.85
C LYS D 115 -36.46 28.52 -15.33
N VAL D 116 -35.34 28.13 -15.93
CA VAL D 116 -35.01 28.47 -17.31
C VAL D 116 -35.32 27.27 -18.19
N LYS D 117 -36.04 27.49 -19.29
CA LYS D 117 -36.51 26.44 -20.17
C LYS D 117 -35.93 26.61 -21.57
N VAL D 118 -35.74 25.48 -22.27
CA VAL D 118 -35.46 25.46 -23.70
C VAL D 118 -36.67 24.90 -24.43
N LEU D 119 -37.03 25.56 -25.53
CA LEU D 119 -38.20 25.27 -26.37
C LEU D 119 -39.52 25.32 -25.61
N GLY D 120 -39.58 26.04 -24.48
CA GLY D 120 -40.79 26.23 -23.72
C GLY D 120 -41.32 25.03 -22.97
N LYS D 121 -40.71 23.85 -23.11
CA LYS D 121 -41.27 22.63 -22.55
C LYS D 121 -40.24 21.91 -21.71
N TYR D 122 -38.98 22.02 -22.11
CA TYR D 122 -37.90 21.21 -21.55
C TYR D 122 -37.05 22.04 -20.61
N PRO D 123 -36.71 21.50 -19.43
CA PRO D 123 -35.81 22.21 -18.52
C PRO D 123 -34.41 22.30 -19.11
N LYS D 124 -33.83 23.49 -19.08
CA LYS D 124 -32.51 23.67 -19.67
C LYS D 124 -31.43 23.08 -18.77
N TYR D 125 -31.49 23.37 -17.48
CA TYR D 125 -30.43 23.01 -16.55
C TYR D 125 -30.91 21.94 -15.58
N ARG D 126 -30.00 21.06 -15.21
CA ARG D 126 -30.26 20.07 -14.16
C ARG D 126 -29.63 20.59 -12.87
N ILE D 127 -30.46 21.08 -11.98
CA ILE D 127 -30.02 21.76 -10.76
C ILE D 127 -30.12 20.80 -9.59
N ASN D 128 -29.01 20.55 -8.92
CA ASN D 128 -29.00 19.88 -7.63
C ASN D 128 -28.57 20.81 -6.51
N TYR D 129 -28.57 22.12 -6.77
CA TYR D 129 -28.20 23.18 -5.83
C TYR D 129 -26.78 22.97 -5.28
N SER D 130 -25.84 22.96 -6.21
CA SER D 130 -24.43 22.76 -5.90
C SER D 130 -23.62 23.72 -6.75
N LYS D 131 -22.31 23.54 -6.75
CA LYS D 131 -21.47 24.28 -7.69
C LYS D 131 -21.61 23.71 -9.09
N GLU D 132 -22.01 22.45 -9.21
CA GLU D 132 -22.05 21.76 -10.49
C GLU D 132 -23.44 21.93 -11.11
N ILE D 133 -23.48 22.33 -12.38
CA ILE D 133 -24.73 22.54 -13.10
C ILE D 133 -24.61 21.85 -14.44
N LEU D 134 -25.42 20.82 -14.66
CA LEU D 134 -25.54 20.21 -15.97
C LEU D 134 -26.64 20.93 -16.75
N SER D 135 -26.34 21.33 -17.97
CA SER D 135 -27.34 21.84 -18.89
C SER D 135 -27.74 20.71 -19.81
N ASN D 136 -29.05 20.53 -20.01
CA ASN D 136 -29.51 19.45 -20.86
C ASN D 136 -29.24 19.73 -22.34
N THR D 137 -29.10 20.99 -22.70
CA THR D 137 -28.78 21.39 -24.07
C THR D 137 -27.36 21.94 -24.14
N LEU D 138 -26.85 22.08 -25.36
CA LEU D 138 -25.54 22.64 -25.61
C LEU D 138 -25.62 23.86 -26.50
N LEU D 139 -24.86 24.89 -26.15
CA LEU D 139 -24.57 25.95 -27.09
C LEU D 139 -23.60 25.38 -28.12
N THR D 140 -23.99 25.42 -29.39
CA THR D 140 -23.13 24.87 -30.44
C THR D 140 -22.10 25.91 -30.85
N ARG D 141 -21.24 25.53 -31.80
CA ARG D 141 -20.30 26.46 -32.40
C ARG D 141 -20.99 27.56 -33.18
N GLU D 142 -22.20 27.29 -33.70
CA GLU D 142 -23.00 28.27 -34.41
C GLU D 142 -23.91 29.06 -33.47
N LEU D 143 -23.66 29.00 -32.15
CA LEU D 143 -24.33 29.78 -31.12
C LEU D 143 -25.83 29.49 -31.05
N LYS D 144 -26.16 28.20 -30.95
CA LYS D 144 -27.54 27.74 -30.87
C LYS D 144 -27.65 26.65 -29.82
N ASP D 145 -28.68 26.75 -28.97
CA ASP D 145 -28.94 25.76 -27.95
C ASP D 145 -29.58 24.53 -28.60
N GLU D 146 -28.83 23.43 -28.65
CA GLU D 146 -29.30 22.22 -29.30
C GLU D 146 -29.05 21.00 -28.42
N PHE D 147 -30.03 20.11 -28.34
CA PHE D 147 -29.84 18.83 -27.69
C PHE D 147 -28.91 17.97 -28.53
N LYS D 148 -27.79 17.56 -27.94
CA LYS D 148 -26.84 16.69 -28.63
C LYS D 148 -27.14 15.26 -28.22
N LYS D 149 -28.03 14.63 -28.97
CA LYS D 149 -28.42 13.24 -28.77
C LYS D 149 -27.96 12.43 -29.97
N SER D 150 -27.88 11.12 -29.79
CA SER D 150 -27.65 10.21 -30.89
C SER D 150 -28.88 9.32 -31.07
N ASN D 151 -28.81 8.47 -32.10
CA ASN D 151 -29.89 7.51 -32.31
C ASN D 151 -29.87 6.38 -31.30
N LYS D 152 -28.72 6.10 -30.69
CA LYS D 152 -28.60 5.05 -29.69
C LYS D 152 -28.79 5.56 -28.27
N GLY D 153 -29.34 6.75 -28.10
CA GLY D 153 -29.68 7.26 -26.78
C GLY D 153 -28.56 7.95 -26.04
N PHE D 154 -27.43 8.19 -26.70
CA PHE D 154 -26.30 8.83 -26.03
C PHE D 154 -26.53 10.34 -25.95
N ASN D 155 -26.41 10.89 -24.76
CA ASN D 155 -26.59 12.31 -24.53
C ASN D 155 -25.23 12.97 -24.31
N LEU D 156 -25.06 14.15 -24.89
CA LEU D 156 -23.98 15.05 -24.52
C LEU D 156 -24.59 16.24 -23.80
N LYS D 157 -24.05 16.57 -22.63
CA LYS D 157 -24.56 17.66 -21.81
C LYS D 157 -23.41 18.56 -21.39
N ARG D 158 -23.62 19.87 -21.51
CA ARG D 158 -22.62 20.84 -21.11
C ARG D 158 -22.67 21.00 -19.60
N LYS D 159 -21.53 20.82 -18.96
CA LYS D 159 -21.46 20.61 -17.52
C LYS D 159 -20.75 21.78 -16.86
N PHE D 160 -21.52 22.70 -16.28
CA PHE D 160 -20.99 23.94 -15.74
C PHE D 160 -20.58 23.77 -14.29
N ARG D 161 -19.61 24.58 -13.88
CA ARG D 161 -19.08 24.57 -12.51
C ARG D 161 -18.90 26.02 -12.08
N ILE D 162 -19.82 26.52 -11.26
CA ILE D 162 -19.82 27.91 -10.83
C ILE D 162 -19.06 28.00 -9.52
N SER D 163 -18.44 29.15 -9.26
CA SER D 163 -17.74 29.42 -8.01
C SER D 163 -17.71 30.93 -7.77
N PRO D 164 -18.82 31.51 -7.32
CA PRO D 164 -18.83 32.95 -7.08
C PRO D 164 -18.03 33.30 -5.83
N VAL D 165 -17.29 34.41 -5.91
CA VAL D 165 -16.43 34.87 -4.83
C VAL D 165 -16.88 36.26 -4.43
N VAL D 166 -17.20 36.41 -3.14
CA VAL D 166 -17.66 37.68 -2.59
C VAL D 166 -16.53 38.26 -1.75
N ASN D 167 -16.22 39.53 -1.95
CA ASN D 167 -15.22 40.21 -1.14
C ASN D 167 -15.89 40.85 0.07
N LYS D 168 -15.16 41.72 0.77
CA LYS D 168 -15.71 42.32 1.99
C LYS D 168 -16.76 43.39 1.68
N MET D 169 -16.69 44.01 0.51
CA MET D 169 -17.67 45.03 0.14
C MET D 169 -18.95 44.43 -0.39
N GLY D 170 -19.01 43.11 -0.58
CA GLY D 170 -20.18 42.46 -1.11
C GLY D 170 -20.16 42.24 -2.61
N LYS D 171 -19.10 42.67 -3.30
CA LYS D 171 -19.04 42.52 -4.75
C LYS D 171 -18.74 41.07 -5.12
N VAL D 172 -19.42 40.57 -6.15
CA VAL D 172 -19.42 39.16 -6.50
C VAL D 172 -18.68 38.99 -7.82
N ILE D 173 -17.78 38.01 -7.88
CA ILE D 173 -17.06 37.66 -9.09
C ILE D 173 -17.36 36.19 -9.38
N LEU D 174 -18.06 35.92 -10.47
CA LEU D 174 -18.49 34.56 -10.81
C LEU D 174 -17.38 33.86 -11.57
N TYR D 175 -16.60 33.06 -10.86
CA TYR D 175 -15.63 32.18 -11.50
C TYR D 175 -16.37 31.01 -12.13
N LEU D 176 -16.08 30.74 -13.40
CA LEU D 176 -16.79 29.71 -14.15
C LEU D 176 -15.83 28.75 -14.82
N SER D 177 -16.38 27.58 -15.14
CA SER D 177 -15.75 26.63 -16.05
C SER D 177 -16.87 25.79 -16.63
N CYS D 178 -16.57 25.09 -17.72
CA CYS D 178 -17.53 24.21 -18.35
C CYS D 178 -16.83 22.98 -18.89
N SER D 179 -17.40 21.82 -18.60
CA SER D 179 -16.94 20.55 -19.11
C SER D 179 -18.07 19.93 -19.92
N ALA D 180 -17.87 18.68 -20.33
CA ALA D 180 -18.92 17.93 -20.98
C ALA D 180 -19.32 16.76 -20.10
N ASP D 181 -20.50 16.21 -20.35
CA ASP D 181 -21.03 15.11 -19.57
C ASP D 181 -21.59 14.06 -20.51
N PHE D 182 -20.99 12.87 -20.50
CA PHE D 182 -21.50 11.75 -21.29
C PHE D 182 -22.54 11.02 -20.45
N SER D 183 -23.77 10.98 -20.95
CA SER D 183 -24.83 10.24 -20.28
C SER D 183 -25.69 9.57 -21.34
N THR D 184 -26.59 8.71 -20.88
CA THR D 184 -27.55 8.06 -21.75
C THR D 184 -28.84 7.84 -20.98
N ASN D 185 -29.95 7.84 -21.72
CA ASN D 185 -31.25 7.56 -21.16
C ASN D 185 -31.67 6.11 -21.33
N LYS D 186 -30.90 5.32 -22.07
CA LYS D 186 -31.21 3.92 -22.32
C LYS D 186 -30.45 3.05 -21.34
N ASN D 187 -31.18 2.43 -20.41
CA ASN D 187 -30.61 1.47 -19.49
C ASN D 187 -30.52 0.09 -20.17
N ILE D 188 -30.19 -0.93 -19.39
CA ILE D 188 -29.99 -2.25 -19.95
C ILE D 188 -31.33 -2.94 -20.22
N TYR D 189 -32.39 -2.51 -19.52
CA TYR D 189 -33.73 -3.01 -19.84
C TYR D 189 -34.16 -2.62 -21.24
N GLU D 190 -33.87 -1.38 -21.63
CA GLU D 190 -34.24 -0.95 -22.98
C GLU D 190 -33.31 -1.54 -24.03
N MET D 191 -32.07 -1.87 -23.68
CA MET D 191 -31.18 -2.51 -24.65
C MET D 191 -31.53 -3.99 -24.81
N LEU D 192 -32.10 -4.60 -23.76
CA LEU D 192 -32.59 -5.97 -23.90
C LEU D 192 -33.93 -6.01 -24.62
N LYS D 193 -34.74 -4.97 -24.45
CA LYS D 193 -35.95 -4.83 -25.26
C LYS D 193 -35.61 -4.59 -26.72
N GLU D 194 -34.50 -3.89 -26.99
CA GLU D 194 -33.96 -3.73 -28.33
C GLU D 194 -33.15 -4.95 -28.77
N GLY D 195 -32.53 -5.67 -27.84
CA GLY D 195 -31.75 -6.84 -28.21
C GLY D 195 -30.31 -6.56 -28.57
N LEU D 196 -29.54 -5.97 -27.68
CA LEU D 196 -28.16 -5.61 -27.94
C LEU D 196 -27.21 -6.50 -27.14
N GLU D 197 -25.99 -6.66 -27.65
CA GLU D 197 -24.97 -7.46 -26.97
C GLU D 197 -24.49 -6.73 -25.73
N VAL D 198 -24.84 -7.25 -24.56
CA VAL D 198 -24.54 -6.59 -23.29
C VAL D 198 -23.63 -7.41 -22.39
N GLU D 199 -23.06 -8.49 -22.90
CA GLU D 199 -22.12 -9.27 -22.09
C GLU D 199 -20.78 -8.56 -22.05
N GLY D 200 -20.32 -8.23 -20.84
CA GLY D 200 -19.03 -7.60 -20.66
C GLY D 200 -19.02 -6.10 -20.65
N LEU D 201 -20.18 -5.45 -20.59
CA LEU D 201 -20.22 -3.99 -20.59
C LEU D 201 -19.92 -3.45 -19.19
N ALA D 202 -19.05 -2.44 -19.14
CA ALA D 202 -18.85 -1.69 -17.92
C ALA D 202 -20.06 -0.81 -17.67
N VAL D 203 -20.72 -1.01 -16.52
CA VAL D 203 -21.99 -0.36 -16.23
C VAL D 203 -21.92 0.28 -14.86
N LYS D 204 -22.97 1.02 -14.52
CA LYS D 204 -23.16 1.54 -13.18
C LYS D 204 -24.60 1.33 -12.75
N SER D 205 -24.81 1.24 -11.44
CA SER D 205 -26.14 1.12 -10.89
C SER D 205 -26.61 2.51 -10.47
N GLU D 206 -27.75 2.94 -11.01
CA GLU D 206 -28.34 4.21 -10.63
C GLU D 206 -29.13 4.14 -9.33
N TRP D 207 -29.17 2.98 -8.68
CA TRP D 207 -29.92 2.82 -7.44
C TRP D 207 -29.00 2.68 -6.22
N SER D 208 -27.69 2.88 -6.40
CA SER D 208 -26.75 2.84 -5.30
C SER D 208 -25.68 3.89 -5.53
N ASN D 209 -25.05 4.33 -4.44
CA ASN D 209 -23.99 5.32 -4.50
C ASN D 209 -22.60 4.71 -4.35
N ILE D 210 -22.49 3.38 -4.41
CA ILE D 210 -21.20 2.72 -4.21
C ILE D 210 -20.34 2.92 -5.46
N SER D 211 -19.13 3.43 -5.27
CA SER D 211 -18.21 3.69 -6.36
C SER D 211 -17.33 2.46 -6.57
N GLY D 212 -17.59 1.72 -7.65
CA GLY D 212 -16.82 0.54 -7.95
C GLY D 212 -17.06 0.10 -9.38
N ASN D 213 -16.12 -0.69 -9.88
CA ASN D 213 -16.17 -1.18 -11.25
C ASN D 213 -17.22 -2.27 -11.38
N LEU D 214 -18.28 -1.99 -12.14
CA LEU D 214 -19.36 -2.95 -12.35
C LEU D 214 -19.37 -3.37 -13.82
N VAL D 215 -19.08 -4.64 -14.07
CA VAL D 215 -19.13 -5.21 -15.41
C VAL D 215 -20.09 -6.39 -15.41
N ILE D 216 -20.77 -6.59 -16.54
CA ILE D 216 -21.75 -7.66 -16.65
C ILE D 216 -21.02 -8.97 -16.93
N GLU D 217 -21.32 -9.99 -16.11
CA GLU D 217 -20.80 -11.33 -16.40
C GLU D 217 -21.58 -11.97 -17.55
N SER D 218 -22.90 -12.05 -17.42
CA SER D 218 -23.74 -12.72 -18.41
C SER D 218 -25.17 -12.21 -18.24
N VAL D 219 -26.10 -12.85 -18.94
CA VAL D 219 -27.53 -12.57 -18.82
C VAL D 219 -28.22 -13.89 -18.50
N LEU D 220 -28.78 -14.00 -17.31
CA LEU D 220 -29.46 -15.22 -16.90
C LEU D 220 -30.85 -15.27 -17.52
N GLU D 221 -31.31 -16.48 -17.83
CA GLU D 221 -32.67 -16.67 -18.36
C GLU D 221 -33.74 -16.56 -17.28
N THR D 222 -33.34 -16.51 -16.02
CA THR D 222 -34.30 -16.38 -14.92
C THR D 222 -34.92 -15.00 -14.92
N LYS D 223 -36.24 -14.95 -14.77
CA LYS D 223 -36.96 -13.68 -14.68
C LYS D 223 -36.78 -13.09 -13.28
N ILE D 224 -37.01 -11.77 -13.18
CA ILE D 224 -36.75 -11.06 -11.93
C ILE D 224 -37.84 -11.34 -10.90
N SER D 225 -39.01 -11.80 -11.36
CA SER D 225 -40.10 -12.10 -10.44
C SER D 225 -39.93 -13.48 -9.80
N GLU D 226 -39.14 -14.35 -10.43
CA GLU D 226 -38.94 -15.70 -9.89
C GLU D 226 -38.04 -15.63 -8.67
N PRO D 227 -38.33 -16.40 -7.61
CA PRO D 227 -37.51 -16.34 -6.39
C PRO D 227 -36.11 -16.88 -6.62
N THR D 228 -35.13 -16.09 -6.18
CA THR D 228 -33.74 -16.27 -6.58
C THR D 228 -33.05 -17.32 -5.70
N SER D 229 -31.72 -17.38 -5.81
CA SER D 229 -30.94 -18.33 -5.02
C SER D 229 -30.84 -17.94 -3.56
N LEU D 230 -31.15 -16.69 -3.21
CA LEU D 230 -31.13 -16.26 -1.82
C LEU D 230 -32.43 -16.58 -1.09
N GLY D 231 -33.36 -17.29 -1.72
CA GLY D 231 -34.63 -17.60 -1.11
C GLY D 231 -35.74 -16.62 -1.40
N GLN D 232 -35.40 -15.39 -1.78
CA GLN D 232 -36.38 -14.37 -2.12
C GLN D 232 -36.06 -13.80 -3.49
N SER D 233 -37.06 -13.25 -4.15
CA SER D 233 -36.87 -12.68 -5.48
C SER D 233 -36.20 -11.32 -5.37
N LEU D 234 -35.81 -10.78 -6.54
CA LEU D 234 -35.11 -9.50 -6.56
C LEU D 234 -36.08 -8.35 -6.27
N ILE D 235 -37.31 -8.44 -6.74
CA ILE D 235 -38.30 -7.39 -6.45
C ILE D 235 -38.65 -7.39 -4.96
N ASP D 236 -38.72 -8.58 -4.36
CA ASP D 236 -38.84 -8.67 -2.91
C ASP D 236 -37.59 -8.14 -2.21
N TYR D 237 -36.43 -8.29 -2.85
CA TYR D 237 -35.19 -7.78 -2.27
C TYR D 237 -35.15 -6.26 -2.31
N TYR D 238 -35.76 -5.63 -3.32
CA TYR D 238 -35.81 -4.18 -3.33
C TYR D 238 -36.94 -3.65 -2.44
N LYS D 239 -38.01 -4.42 -2.25
CA LYS D 239 -39.05 -3.98 -1.32
C LYS D 239 -38.58 -4.12 0.13
N ASN D 240 -37.74 -5.11 0.42
CA ASN D 240 -37.26 -5.29 1.79
C ASN D 240 -36.21 -4.25 2.18
N ASN D 241 -35.56 -3.60 1.21
CA ASN D 241 -34.53 -2.60 1.47
C ASN D 241 -35.11 -1.19 1.62
N ASN D 242 -36.41 -1.09 1.93
CA ASN D 242 -37.17 0.17 1.97
C ASN D 242 -37.07 0.94 0.65
N GLN D 243 -37.05 0.22 -0.47
CA GLN D 243 -36.97 0.81 -1.80
C GLN D 243 -38.08 0.26 -2.70
N GLY D 244 -39.28 0.08 -2.15
CA GLY D 244 -40.38 -0.46 -2.93
C GLY D 244 -40.98 0.52 -3.91
N TYR D 245 -40.64 1.81 -3.79
CA TYR D 245 -41.16 2.81 -4.71
C TYR D 245 -40.53 2.69 -6.09
N ARG D 246 -39.31 2.15 -6.16
CA ARG D 246 -38.65 1.98 -7.44
C ARG D 246 -39.27 0.83 -8.23
N VAL D 247 -39.70 -0.23 -7.53
CA VAL D 247 -40.33 -1.37 -8.18
C VAL D 247 -41.84 -1.27 -8.21
N LYS D 248 -42.41 -0.15 -7.75
CA LYS D 248 -43.86 -0.02 -7.71
C LYS D 248 -44.45 0.23 -9.09
N ASP D 249 -43.76 1.02 -9.92
CA ASP D 249 -44.26 1.38 -11.23
C ASP D 249 -43.95 0.34 -12.30
N PHE D 250 -43.42 -0.82 -11.93
CA PHE D 250 -43.10 -1.84 -12.91
C PHE D 250 -44.36 -2.54 -13.41
N THR D 251 -44.43 -2.76 -14.72
CA THR D 251 -45.56 -3.42 -15.34
C THR D 251 -45.30 -4.92 -15.43
N ASP D 252 -46.17 -5.63 -16.15
CA ASP D 252 -45.98 -7.06 -16.36
C ASP D 252 -44.84 -7.33 -17.32
N GLU D 253 -44.65 -6.46 -18.31
CA GLU D 253 -43.53 -6.60 -19.24
C GLU D 253 -42.22 -6.30 -18.53
N ASP D 254 -42.25 -5.45 -17.51
CA ASP D 254 -41.05 -5.17 -16.71
C ASP D 254 -40.67 -6.39 -15.88
N LEU D 255 -41.65 -7.20 -15.47
CA LEU D 255 -41.36 -8.41 -14.72
C LEU D 255 -40.83 -9.53 -15.59
N ASN D 256 -40.96 -9.43 -16.91
CA ASN D 256 -40.36 -10.38 -17.84
C ASN D 256 -38.93 -10.03 -18.19
N ALA D 257 -38.29 -9.12 -17.46
CA ALA D 257 -36.90 -8.78 -17.70
C ALA D 257 -35.98 -9.88 -17.20
N ASN D 258 -34.94 -10.17 -17.98
CA ASN D 258 -33.99 -11.19 -17.60
C ASN D 258 -33.05 -10.68 -16.52
N ILE D 259 -32.70 -11.55 -15.56
CA ILE D 259 -31.76 -11.17 -14.51
C ILE D 259 -30.37 -11.03 -15.10
N VAL D 260 -29.76 -9.87 -14.90
CA VAL D 260 -28.43 -9.56 -15.39
C VAL D 260 -27.49 -9.49 -14.19
N ASN D 261 -26.67 -10.51 -14.02
CA ASN D 261 -25.70 -10.53 -12.94
C ASN D 261 -24.48 -9.69 -13.30
N VAL D 262 -23.89 -9.05 -12.30
CA VAL D 262 -22.90 -8.00 -12.51
C VAL D 262 -21.75 -8.19 -11.52
N ARG D 263 -20.52 -8.07 -12.01
CA ARG D 263 -19.34 -8.26 -11.18
C ARG D 263 -19.03 -7.02 -10.37
N GLY D 264 -18.87 -7.21 -9.05
CA GLY D 264 -18.58 -6.10 -8.17
C GLY D 264 -17.25 -6.23 -7.45
N ASN D 265 -16.27 -6.83 -8.14
CA ASN D 265 -14.86 -6.93 -7.78
C ASN D 265 -14.59 -7.81 -6.55
N LYS D 266 -15.63 -8.33 -5.93
CA LYS D 266 -15.47 -9.31 -4.86
C LYS D 266 -16.33 -10.54 -5.06
N LYS D 267 -17.56 -10.36 -5.53
CA LYS D 267 -18.47 -11.47 -5.76
C LYS D 267 -19.50 -11.04 -6.79
N ILE D 268 -20.32 -12.00 -7.23
CA ILE D 268 -21.34 -11.73 -8.23
C ILE D 268 -22.52 -11.06 -7.56
N TYR D 269 -22.79 -9.82 -7.95
CA TYR D 269 -23.99 -9.11 -7.55
C TYR D 269 -25.11 -9.47 -8.52
N MET D 270 -26.35 -9.26 -8.09
CA MET D 270 -27.51 -9.71 -8.83
C MET D 270 -28.50 -8.56 -8.91
N TYR D 271 -28.43 -7.80 -10.01
CA TYR D 271 -29.25 -6.62 -10.22
C TYR D 271 -30.24 -6.86 -11.35
N ILE D 272 -31.27 -6.03 -11.40
CA ILE D 272 -32.26 -6.08 -12.47
C ILE D 272 -31.79 -5.13 -13.57
N PRO D 273 -32.13 -5.37 -14.84
CA PRO D 273 -31.56 -4.53 -15.91
C PRO D 273 -32.16 -3.13 -15.99
N HIS D 274 -33.24 -2.85 -15.27
CA HIS D 274 -33.74 -1.49 -15.21
C HIS D 274 -32.87 -0.61 -14.32
N ALA D 275 -32.20 -1.20 -13.35
CA ALA D 275 -31.40 -0.47 -12.38
C ALA D 275 -30.01 -0.11 -12.89
N LEU D 276 -29.47 -0.87 -13.84
CA LEU D 276 -28.11 -0.70 -14.31
C LEU D 276 -28.09 0.12 -15.59
N LYS D 277 -27.14 1.05 -15.66
CA LYS D 277 -26.96 1.95 -16.78
C LYS D 277 -25.52 1.79 -17.27
N PRO D 278 -25.28 1.70 -18.58
CA PRO D 278 -23.90 1.51 -19.05
C PRO D 278 -23.05 2.77 -18.91
N ILE D 279 -21.74 2.56 -18.81
CA ILE D 279 -20.77 3.65 -18.69
C ILE D 279 -20.47 4.19 -20.06
N ILE D 280 -20.68 5.48 -20.27
CA ILE D 280 -20.48 6.09 -21.58
C ILE D 280 -19.08 6.70 -21.55
N THR D 281 -18.10 5.88 -21.89
CA THR D 281 -16.74 6.36 -22.11
C THR D 281 -16.61 6.82 -23.56
N ARG D 282 -15.42 7.30 -23.91
CA ARG D 282 -15.10 7.51 -25.31
C ARG D 282 -15.06 6.21 -26.08
N GLU D 283 -14.63 5.12 -25.43
CA GLU D 283 -14.52 3.82 -26.09
C GLU D 283 -15.88 3.25 -26.42
N TYR D 284 -16.82 3.30 -25.47
CA TYR D 284 -18.16 2.78 -25.68
C TYR D 284 -18.91 3.62 -26.71
N LEU D 285 -18.77 4.94 -26.62
CA LEU D 285 -19.38 5.86 -27.57
C LEU D 285 -18.83 5.66 -28.98
N ALA D 286 -17.53 5.38 -29.09
CA ALA D 286 -16.93 5.15 -30.40
C ALA D 286 -17.30 3.78 -30.95
N LYS D 287 -17.50 2.80 -30.06
CA LYS D 287 -17.83 1.45 -30.50
C LYS D 287 -19.28 1.39 -31.00
N ASN D 288 -20.20 2.05 -30.31
CA ASN D 288 -21.60 1.98 -30.69
C ASN D 288 -21.98 2.97 -31.78
N ASP D 289 -21.76 4.27 -31.58
CA ASP D 289 -22.10 5.28 -32.58
C ASP D 289 -20.85 6.11 -32.85
N PRO D 290 -20.02 5.70 -33.81
CA PRO D 290 -18.76 6.42 -34.04
C PRO D 290 -18.95 7.77 -34.73
N GLU D 291 -20.03 7.95 -35.48
CA GLU D 291 -20.26 9.22 -36.16
C GLU D 291 -20.60 10.33 -35.15
N PHE D 292 -21.38 9.99 -34.13
CA PHE D 292 -21.68 10.95 -33.07
C PHE D 292 -20.44 11.29 -32.25
N SER D 293 -19.53 10.32 -32.10
CA SER D 293 -18.30 10.60 -31.38
C SER D 293 -17.30 11.39 -32.23
N LYS D 294 -17.40 11.29 -33.57
CA LYS D 294 -16.72 12.25 -34.43
C LYS D 294 -17.32 13.64 -34.26
N GLU D 295 -18.65 13.71 -34.18
CA GLU D 295 -19.36 14.98 -34.26
C GLU D 295 -19.19 15.83 -33.00
N ILE D 296 -19.00 15.20 -31.84
CA ILE D 296 -18.87 15.95 -30.59
C ILE D 296 -17.42 16.25 -30.25
N GLU D 297 -16.49 16.00 -31.18
CA GLU D 297 -15.08 16.25 -30.93
C GLU D 297 -14.80 17.74 -30.81
N GLN D 298 -15.51 18.56 -31.58
CA GLN D 298 -15.42 20.00 -31.45
C GLN D 298 -16.32 20.56 -30.37
N LEU D 299 -17.11 19.70 -29.71
CA LEU D 299 -17.99 20.11 -28.63
C LEU D 299 -17.41 19.83 -27.26
N ILE D 300 -16.62 18.77 -27.11
CA ILE D 300 -15.99 18.49 -25.82
C ILE D 300 -14.61 19.15 -25.73
N LYS D 301 -13.91 19.29 -26.84
CA LYS D 301 -12.60 19.94 -26.87
C LYS D 301 -12.83 21.35 -27.36
N MET D 302 -12.93 22.26 -26.40
CA MET D 302 -13.42 23.61 -26.62
C MET D 302 -12.26 24.57 -26.48
N ASN D 303 -12.00 25.36 -27.53
CA ASN D 303 -11.06 26.46 -27.37
C ASN D 303 -11.65 27.54 -26.48
N MET D 304 -10.83 28.54 -26.15
CA MET D 304 -11.25 29.51 -25.13
C MET D 304 -12.31 30.47 -25.67
N ASN D 305 -12.41 30.62 -26.99
CA ASN D 305 -13.48 31.44 -27.55
C ASN D 305 -14.83 30.74 -27.40
N TYR D 306 -14.88 29.44 -27.68
CA TYR D 306 -16.14 28.71 -27.56
C TYR D 306 -16.49 28.46 -26.11
N ARG D 307 -15.49 28.34 -25.23
CA ARG D 307 -15.75 28.33 -23.80
C ARG D 307 -16.31 29.66 -23.34
N TYR D 308 -15.79 30.78 -23.86
CA TYR D 308 -16.36 32.08 -23.54
C TYR D 308 -17.79 32.23 -24.02
N GLU D 309 -18.09 31.75 -25.23
CA GLU D 309 -19.44 31.84 -25.76
C GLU D 309 -20.41 30.98 -24.96
N THR D 310 -19.95 29.79 -24.55
CA THR D 310 -20.75 28.91 -23.70
C THR D 310 -21.04 29.54 -22.35
N LEU D 311 -20.01 30.07 -21.69
CA LEU D 311 -20.22 30.69 -20.37
C LEU D 311 -20.97 32.00 -20.48
N LYS D 312 -20.88 32.69 -21.61
CA LYS D 312 -21.66 33.89 -21.86
C LYS D 312 -23.14 33.58 -21.99
N SER D 313 -23.47 32.51 -22.71
CA SER D 313 -24.87 32.06 -22.81
C SER D 313 -25.40 31.62 -21.44
N PHE D 314 -24.54 30.96 -20.65
CA PHE D 314 -24.87 30.57 -19.29
C PHE D 314 -25.20 31.78 -18.42
N VAL D 315 -24.38 32.82 -18.48
CA VAL D 315 -24.59 34.00 -17.65
C VAL D 315 -25.78 34.82 -18.14
N ASN D 316 -26.02 34.82 -19.45
CA ASN D 316 -27.24 35.43 -19.97
C ASN D 316 -28.47 34.67 -19.52
N ASP D 317 -28.34 33.37 -19.28
CA ASP D 317 -29.45 32.62 -18.68
C ASP D 317 -29.59 32.91 -17.19
N ILE D 318 -28.50 33.31 -16.53
CA ILE D 318 -28.62 33.71 -15.12
C ILE D 318 -29.41 35.02 -15.02
N GLY D 319 -28.91 36.08 -15.64
CA GLY D 319 -29.63 37.34 -15.62
C GLY D 319 -29.56 38.03 -14.26
N VAL D 320 -30.62 38.74 -13.95
CA VAL D 320 -30.72 39.49 -12.70
C VAL D 320 -31.31 38.56 -11.63
N ILE D 321 -30.80 38.69 -10.40
CA ILE D 321 -31.23 37.87 -9.28
C ILE D 321 -31.88 38.81 -8.28
N GLU D 322 -33.22 38.75 -8.19
CA GLU D 322 -33.96 39.77 -7.45
C GLU D 322 -33.84 39.61 -5.94
N GLU D 323 -33.35 38.48 -5.45
CA GLU D 323 -33.19 38.28 -4.02
C GLU D 323 -31.74 38.44 -3.56
N LEU D 324 -30.89 39.10 -4.36
CA LEU D 324 -29.54 39.47 -3.98
C LEU D 324 -29.26 40.92 -4.34
N ASN D 325 -30.24 41.79 -4.08
CA ASN D 325 -30.20 43.22 -4.40
C ASN D 325 -29.95 43.45 -5.89
N ASN D 326 -30.72 42.73 -6.72
CA ASN D 326 -30.64 42.78 -8.18
C ASN D 326 -29.24 42.44 -8.69
N LEU D 327 -28.69 41.33 -8.22
CA LEU D 327 -27.35 40.92 -8.62
C LEU D 327 -27.37 40.34 -10.02
N SER D 328 -26.86 41.11 -10.98
CA SER D 328 -26.67 40.64 -12.35
C SER D 328 -25.19 40.52 -12.60
N PHE D 329 -24.81 39.61 -13.49
CA PHE D 329 -23.42 39.40 -13.84
C PHE D 329 -23.15 39.93 -15.24
N LYS D 330 -21.93 40.41 -15.46
CA LYS D 330 -21.52 40.82 -16.79
C LYS D 330 -21.39 39.59 -17.68
N ASN D 331 -21.53 39.80 -18.98
CA ASN D 331 -21.27 38.75 -19.96
C ASN D 331 -19.95 38.95 -20.69
N LYS D 332 -19.02 39.67 -20.10
CA LYS D 332 -17.70 39.90 -20.65
C LYS D 332 -16.65 39.47 -19.64
N TYR D 333 -15.54 38.93 -20.11
CA TYR D 333 -14.40 38.70 -19.24
C TYR D 333 -13.76 40.01 -18.84
N TYR D 334 -12.92 39.95 -17.81
CA TYR D 334 -12.07 41.07 -17.46
C TYR D 334 -11.09 41.33 -18.59
N GLU D 335 -10.82 42.59 -18.89
CA GLU D 335 -9.82 42.90 -19.90
C GLU D 335 -8.42 42.61 -19.41
N ASP D 336 -8.22 42.55 -18.10
CA ASP D 336 -6.96 42.12 -17.51
C ASP D 336 -7.23 41.48 -16.17
N VAL D 337 -6.36 40.56 -15.77
CA VAL D 337 -6.48 39.95 -14.44
C VAL D 337 -5.79 40.77 -13.35
N LYS D 338 -5.33 41.98 -13.66
CA LYS D 338 -4.88 42.89 -12.61
C LYS D 338 -6.05 43.34 -11.76
N LEU D 339 -7.25 43.39 -12.34
CA LEU D 339 -8.47 43.67 -11.58
C LEU D 339 -8.84 42.53 -10.64
N LEU D 340 -8.34 41.33 -10.90
CA LEU D 340 -8.58 40.17 -10.05
C LEU D 340 -7.44 39.90 -9.09
N GLY D 341 -6.44 40.76 -9.05
CA GLY D 341 -5.29 40.58 -8.20
C GLY D 341 -4.12 39.88 -8.83
N TYR D 342 -4.35 39.10 -9.89
CA TYR D 342 -3.28 38.41 -10.59
C TYR D 342 -2.38 39.41 -11.31
N SER D 343 -1.15 38.98 -11.56
CA SER D 343 -0.24 39.68 -12.45
C SER D 343 0.10 38.73 -13.59
N SER D 344 -0.15 39.19 -14.82
CA SER D 344 -0.03 38.33 -15.98
C SER D 344 1.26 38.65 -16.73
N GLY D 345 1.55 37.81 -17.72
CA GLY D 345 2.72 38.00 -18.54
C GLY D 345 3.02 36.74 -19.33
N LYS D 346 4.12 36.79 -20.06
CA LYS D 346 4.64 35.65 -20.80
C LYS D 346 6.09 35.46 -20.41
N ILE D 347 6.49 34.21 -20.20
CA ILE D 347 7.85 33.86 -19.85
C ILE D 347 8.64 33.61 -21.12
N ASP D 348 9.85 34.19 -21.18
CA ASP D 348 10.72 34.07 -22.34
C ASP D 348 11.10 32.63 -22.60
N GLU D 349 11.32 32.31 -23.87
CA GLU D 349 11.58 30.94 -24.28
C GLU D 349 12.97 30.52 -23.80
N PRO D 350 13.15 29.25 -23.42
CA PRO D 350 14.48 28.76 -23.09
C PRO D 350 15.33 28.65 -24.33
N VAL D 351 16.62 28.93 -24.17
CA VAL D 351 17.59 28.80 -25.23
C VAL D 351 18.16 27.39 -25.16
N LEU D 352 17.94 26.61 -26.22
CA LEU D 352 18.38 25.22 -26.27
C LEU D 352 19.66 25.12 -27.07
N MET D 353 20.68 24.54 -26.47
CA MET D 353 22.01 24.43 -27.07
C MET D 353 22.14 23.08 -27.74
N GLY D 354 22.83 23.04 -28.88
CA GLY D 354 23.11 21.81 -29.58
C GLY D 354 24.59 21.54 -29.73
N ALA D 355 24.91 20.67 -30.68
CA ALA D 355 26.31 20.46 -31.03
C ALA D 355 26.88 21.63 -31.82
N LYS D 356 26.05 22.26 -32.65
CA LYS D 356 26.46 23.43 -33.42
C LYS D 356 26.02 24.74 -32.81
N GLY D 357 25.36 24.71 -31.66
CA GLY D 357 24.99 25.95 -30.99
C GLY D 357 23.51 26.06 -30.65
N ILE D 358 22.97 27.26 -30.74
CA ILE D 358 21.57 27.50 -30.42
C ILE D 358 20.69 26.93 -31.51
N ILE D 359 19.71 26.11 -31.13
CA ILE D 359 18.70 25.62 -32.06
C ILE D 359 17.45 26.49 -31.89
N LYS D 360 16.81 26.82 -33.01
CA LYS D 360 15.60 27.62 -32.95
C LYS D 360 14.37 26.74 -32.77
N ASN D 361 14.43 25.51 -33.24
CA ASN D 361 13.37 24.54 -33.08
C ASN D 361 14.01 23.24 -32.62
N LYS D 362 13.20 22.34 -32.04
CA LYS D 362 13.76 21.09 -31.54
C LYS D 362 14.10 20.13 -32.67
N MET D 363 13.54 20.34 -33.86
CA MET D 363 13.85 19.49 -35.00
C MET D 363 15.18 19.84 -35.64
N GLN D 364 15.76 20.99 -35.29
CA GLN D 364 17.08 21.35 -35.78
C GLN D 364 18.19 20.62 -35.05
N ILE D 365 17.87 19.84 -34.03
CA ILE D 365 18.88 19.06 -33.33
C ILE D 365 19.27 17.84 -34.15
N PHE D 366 18.47 17.49 -35.15
CA PHE D 366 18.78 16.38 -36.03
C PHE D 366 19.59 16.82 -37.23
N SER D 367 19.64 18.13 -37.47
CA SER D 367 20.55 18.74 -38.44
C SER D 367 21.85 19.18 -37.80
N ASN D 368 21.80 19.68 -36.57
CA ASN D 368 23.00 20.15 -35.91
C ASN D 368 23.72 19.01 -35.20
N GLY D 369 23.02 17.93 -34.92
CA GLY D 369 23.58 16.87 -34.12
C GLY D 369 23.23 17.06 -32.65
N PHE D 370 23.32 15.98 -31.88
CA PHE D 370 22.91 16.06 -30.50
C PHE D 370 24.03 16.66 -29.65
N TYR D 371 23.66 17.13 -28.45
CA TYR D 371 24.60 17.85 -27.61
C TYR D 371 25.66 16.92 -27.04
N LYS D 372 25.25 15.87 -26.34
CA LYS D 372 26.17 14.91 -25.76
C LYS D 372 25.84 13.52 -26.27
N LEU D 373 26.73 12.95 -27.05
CA LEU D 373 26.63 11.53 -27.32
C LEU D 373 27.34 10.75 -26.21
N PRO D 374 26.82 9.58 -25.82
CA PRO D 374 27.51 8.79 -24.81
C PRO D 374 28.76 8.14 -25.38
N GLU D 375 29.69 7.83 -24.49
CA GLU D 375 30.95 7.23 -24.91
C GLU D 375 30.73 5.76 -25.25
N GLY D 376 31.10 5.38 -26.46
CA GLY D 376 31.01 3.99 -26.87
C GLY D 376 30.11 3.82 -28.09
N LYS D 377 30.18 2.62 -28.66
CA LYS D 377 29.37 2.26 -29.82
C LYS D 377 28.18 1.45 -29.38
N VAL D 378 27.01 1.74 -29.95
CA VAL D 378 25.75 1.15 -29.55
C VAL D 378 25.37 0.08 -30.55
N ARG D 379 25.35 -1.17 -30.10
CA ARG D 379 24.99 -2.29 -30.95
C ARG D 379 23.50 -2.58 -30.80
N PHE D 380 22.77 -2.55 -31.90
CA PHE D 380 21.34 -2.80 -31.87
C PHE D 380 21.03 -4.27 -31.66
N GLY D 381 19.78 -4.53 -31.33
CA GLY D 381 19.19 -5.85 -31.41
C GLY D 381 17.72 -5.64 -31.64
N VAL D 382 17.08 -6.56 -32.35
CA VAL D 382 15.69 -6.35 -32.76
C VAL D 382 14.87 -7.59 -32.49
N LEU D 383 13.79 -7.43 -31.72
CA LEU D 383 12.70 -8.40 -31.68
C LEU D 383 11.56 -7.92 -32.54
N TYR D 384 10.85 -8.86 -33.17
CA TYR D 384 9.71 -8.52 -34.00
C TYR D 384 8.83 -9.74 -34.09
N PRO D 385 7.52 -9.58 -34.22
CA PRO D 385 6.65 -10.73 -34.40
C PRO D 385 6.82 -11.34 -35.79
N LYS D 386 6.59 -12.65 -35.88
CA LYS D 386 7.08 -13.44 -37.01
C LYS D 386 6.32 -13.14 -38.31
N GLU D 387 5.05 -12.73 -38.20
CA GLU D 387 4.28 -12.44 -39.41
C GLU D 387 4.49 -11.02 -39.90
N PHE D 388 5.43 -10.28 -39.33
CA PHE D 388 5.67 -8.87 -39.62
C PHE D 388 7.13 -8.64 -39.95
N ASP D 389 7.70 -9.57 -40.71
CA ASP D 389 9.15 -9.65 -40.91
C ASP D 389 9.65 -8.51 -41.77
N GLY D 390 9.15 -8.39 -43.00
CA GLY D 390 9.64 -7.35 -43.90
C GLY D 390 9.25 -5.96 -43.47
N VAL D 391 8.09 -5.85 -42.80
CA VAL D 391 7.69 -4.59 -42.19
C VAL D 391 8.69 -4.16 -41.12
N SER D 392 9.17 -5.12 -40.33
CA SER D 392 10.17 -4.80 -39.32
C SER D 392 11.54 -4.56 -39.94
N ARG D 393 11.86 -5.24 -41.05
CA ARG D 393 13.05 -4.94 -41.83
C ARG D 393 13.07 -3.47 -42.24
N LYS D 394 11.97 -3.01 -42.80
CA LYS D 394 11.87 -1.61 -43.26
C LYS D 394 11.87 -0.64 -42.09
N ALA D 395 11.29 -1.04 -40.95
CA ALA D 395 11.28 -0.18 -39.77
C ALA D 395 12.69 0.05 -39.24
N ILE D 396 13.45 -1.03 -39.05
CA ILE D 396 14.81 -0.89 -38.51
C ILE D 396 15.73 -0.27 -39.55
N ARG D 397 15.43 -0.48 -40.83
CA ARG D 397 16.14 0.20 -41.91
C ARG D 397 15.97 1.71 -41.82
N ALA D 398 14.72 2.16 -41.59
CA ALA D 398 14.46 3.59 -41.48
C ALA D 398 15.09 4.18 -40.23
N ILE D 399 15.08 3.44 -39.12
CA ILE D 399 15.67 3.94 -37.88
C ILE D 399 17.18 4.05 -38.00
N TYR D 400 17.82 3.05 -38.60
CA TYR D 400 19.27 3.11 -38.74
C TYR D 400 19.71 4.12 -39.78
N ASP D 401 18.92 4.29 -40.86
CA ASP D 401 19.25 5.32 -41.84
C ASP D 401 19.05 6.71 -41.27
N PHE D 402 18.10 6.87 -40.34
CA PHE D 402 17.96 8.16 -39.66
C PHE D 402 19.12 8.40 -38.72
N SER D 403 19.47 7.40 -37.91
CA SER D 403 20.43 7.59 -36.83
C SER D 403 21.85 7.70 -37.36
N LYS D 404 22.33 6.67 -38.05
CA LYS D 404 23.73 6.60 -38.43
C LYS D 404 23.99 7.26 -39.79
N GLU D 405 23.30 6.80 -40.82
CA GLU D 405 23.62 7.22 -42.18
C GLU D 405 22.95 8.53 -42.57
N GLY D 406 22.09 9.08 -41.72
CA GLY D 406 21.53 10.40 -41.95
C GLY D 406 20.55 10.48 -43.10
N LYS D 407 19.84 9.40 -43.38
CA LYS D 407 19.02 9.30 -44.57
C LYS D 407 17.56 9.04 -44.21
N TYR D 408 16.67 9.67 -44.97
CA TYR D 408 15.23 9.40 -44.89
C TYR D 408 14.77 8.91 -46.25
N HIS D 409 14.04 7.79 -46.25
CA HIS D 409 13.58 7.08 -47.44
C HIS D 409 14.73 6.70 -48.37
N GLY D 410 15.88 6.35 -47.79
CA GLY D 410 17.04 5.97 -48.55
C GLY D 410 17.86 7.10 -49.12
N GLU D 411 17.36 8.33 -49.08
CA GLU D 411 18.05 9.49 -49.63
C GLU D 411 18.63 10.32 -48.49
N SER D 412 19.83 10.84 -48.70
CA SER D 412 20.44 11.76 -47.74
C SER D 412 19.63 13.05 -47.66
N ASN D 413 19.27 13.43 -46.45
CA ASN D 413 18.31 14.50 -46.22
C ASN D 413 19.01 15.70 -45.60
N LYS D 414 18.59 16.90 -46.00
CA LYS D 414 19.17 18.11 -45.45
C LYS D 414 18.73 18.34 -44.01
N TYR D 415 17.61 17.74 -43.62
CA TYR D 415 17.09 17.88 -42.27
C TYR D 415 17.78 16.98 -41.27
N ILE D 416 18.52 15.98 -41.74
CA ILE D 416 19.11 14.95 -40.88
C ILE D 416 20.61 15.02 -41.05
N ALA D 417 21.32 15.08 -39.93
CA ALA D 417 22.78 15.03 -39.95
C ALA D 417 23.25 13.59 -39.96
N GLU D 418 24.35 13.34 -40.67
CA GLU D 418 24.99 12.05 -40.62
C GLU D 418 25.61 11.83 -39.24
N HIS D 419 25.57 10.57 -38.79
CA HIS D 419 26.13 10.12 -37.51
C HIS D 419 25.51 10.87 -36.33
N LEU D 420 24.18 10.83 -36.24
CA LEU D 420 23.49 11.40 -35.08
C LEU D 420 23.82 10.62 -33.82
N ILE D 421 23.63 9.31 -33.84
CA ILE D 421 24.02 8.45 -32.75
C ILE D 421 25.00 7.42 -33.31
N ASN D 422 26.08 7.16 -32.56
CA ASN D 422 27.07 6.17 -32.96
C ASN D 422 26.50 4.77 -32.75
N VAL D 423 25.57 4.37 -33.61
CA VAL D 423 24.94 3.06 -33.54
C VAL D 423 25.68 2.11 -34.45
N GLU D 424 25.57 0.82 -34.17
CA GLU D 424 26.19 -0.23 -34.96
C GLU D 424 25.09 -1.24 -35.29
N PHE D 425 24.64 -1.22 -36.54
CA PHE D 425 23.64 -2.17 -37.02
C PHE D 425 24.01 -2.59 -38.42
N ASN D 426 24.48 -3.83 -38.56
CA ASN D 426 24.73 -4.44 -39.85
C ASN D 426 23.72 -5.56 -40.00
N PRO D 427 22.95 -5.61 -41.09
CA PRO D 427 21.99 -6.72 -41.26
C PRO D 427 22.64 -8.09 -41.43
N LYS D 428 23.94 -8.15 -41.69
CA LYS D 428 24.64 -9.44 -41.65
C LYS D 428 25.13 -9.76 -40.24
N GLU D 429 25.60 -8.75 -39.51
CA GLU D 429 26.21 -8.96 -38.20
C GLU D 429 25.19 -8.93 -37.06
N CYS D 430 24.33 -7.90 -37.02
CA CYS D 430 23.35 -7.78 -35.96
C CYS D 430 22.25 -8.82 -36.11
N ILE D 431 21.58 -9.10 -34.99
CA ILE D 431 20.63 -10.20 -34.92
C ILE D 431 19.21 -9.66 -35.11
N PHE D 432 18.42 -10.40 -35.88
CA PHE D 432 16.97 -10.27 -35.91
C PHE D 432 16.38 -11.55 -35.30
N GLU D 433 16.07 -11.49 -34.02
CA GLU D 433 15.34 -12.58 -33.38
C GLU D 433 13.86 -12.30 -33.52
N GLY D 434 13.16 -13.14 -34.26
CA GLY D 434 11.72 -13.06 -34.33
C GLY D 434 11.08 -13.87 -33.22
N TYR D 435 9.90 -13.45 -32.78
CA TYR D 435 9.20 -14.14 -31.72
C TYR D 435 7.76 -14.41 -32.11
N GLU D 436 7.24 -15.56 -31.69
CA GLU D 436 5.84 -15.88 -31.93
C GLU D 436 4.97 -15.15 -30.94
N LEU D 437 3.91 -14.53 -31.44
CA LEU D 437 2.91 -13.92 -30.57
C LEU D 437 2.15 -15.01 -29.84
N GLY D 438 1.81 -14.74 -28.57
CA GLY D 438 1.25 -15.79 -27.75
C GLY D 438 1.50 -15.64 -26.26
N ASP D 439 2.12 -16.66 -25.67
CA ASP D 439 2.23 -16.75 -24.22
C ASP D 439 3.24 -15.74 -23.69
N ILE D 440 3.01 -15.29 -22.47
CA ILE D 440 3.85 -14.26 -21.84
C ILE D 440 5.22 -14.83 -21.50
N THR D 441 5.29 -16.10 -21.12
CA THR D 441 6.57 -16.71 -20.83
C THR D 441 7.40 -16.91 -22.09
N GLU D 442 6.75 -17.02 -23.25
CA GLU D 442 7.50 -17.10 -24.50
C GLU D 442 8.06 -15.73 -24.88
N TYR D 443 7.35 -14.66 -24.51
CA TYR D 443 7.88 -13.31 -24.68
C TYR D 443 9.11 -13.09 -23.79
N LYS D 444 9.02 -13.54 -22.54
CA LYS D 444 10.14 -13.38 -21.62
C LYS D 444 11.33 -14.23 -22.05
N LYS D 445 11.08 -15.43 -22.57
CA LYS D 445 12.17 -16.25 -23.09
C LYS D 445 12.74 -15.71 -24.39
N ALA D 446 11.92 -15.02 -25.20
CA ALA D 446 12.43 -14.38 -26.41
C ALA D 446 13.36 -13.22 -26.06
N ALA D 447 13.01 -12.46 -25.02
CA ALA D 447 13.90 -11.38 -24.57
C ALA D 447 15.20 -11.92 -23.96
N LEU D 448 15.10 -13.01 -23.20
CA LEU D 448 16.32 -13.64 -22.67
C LEU D 448 17.15 -14.27 -23.78
N LYS D 449 16.49 -14.72 -24.85
CA LYS D 449 17.21 -15.25 -25.99
C LYS D 449 17.93 -14.14 -26.75
N LEU D 450 17.35 -12.94 -26.77
CA LEU D 450 18.06 -11.84 -27.42
C LEU D 450 19.21 -11.34 -26.55
N ASN D 451 19.13 -11.56 -25.23
CA ASN D 451 20.34 -11.27 -24.45
C ASN D 451 21.26 -12.48 -24.31
N ASN D 452 20.93 -13.62 -24.93
CA ASN D 452 21.91 -14.71 -25.00
C ASN D 452 23.12 -14.32 -25.83
N TYR D 453 22.94 -13.47 -26.84
CA TYR D 453 24.03 -12.93 -27.63
C TYR D 453 24.47 -11.62 -27.00
N ASN D 454 25.77 -11.50 -26.71
CA ASN D 454 26.29 -10.33 -26.01
C ASN D 454 26.63 -9.18 -26.96
N ASN D 455 26.26 -9.27 -28.23
CA ASN D 455 26.51 -8.19 -29.19
C ASN D 455 25.31 -7.27 -29.34
N VAL D 456 24.53 -7.06 -28.28
CA VAL D 456 23.39 -6.16 -28.29
C VAL D 456 23.54 -5.20 -27.12
N ASP D 457 23.58 -3.90 -27.41
CA ASP D 457 23.60 -2.87 -26.38
C ASP D 457 22.31 -2.09 -26.28
N PHE D 458 21.38 -2.29 -27.21
CA PHE D 458 20.12 -1.58 -27.23
C PHE D 458 19.15 -2.38 -28.08
N VAL D 459 17.89 -2.42 -27.70
CA VAL D 459 16.90 -3.28 -28.36
C VAL D 459 15.86 -2.37 -29.04
N ILE D 460 15.52 -2.70 -30.28
CA ILE D 460 14.52 -1.94 -31.04
C ILE D 460 13.34 -2.87 -31.24
N ALA D 461 12.97 -3.59 -30.18
CA ALA D 461 11.94 -4.62 -30.25
C ALA D 461 10.60 -4.08 -30.73
N ILE D 462 9.98 -4.82 -31.65
CA ILE D 462 8.72 -4.43 -32.25
C ILE D 462 7.63 -5.21 -31.52
N VAL D 463 6.71 -4.48 -30.89
CA VAL D 463 5.67 -5.09 -30.08
C VAL D 463 4.36 -4.98 -30.85
N PRO D 464 3.33 -5.78 -30.56
CA PRO D 464 2.02 -5.53 -31.17
C PRO D 464 1.37 -4.27 -30.62
N ASN D 465 0.19 -3.98 -31.16
CA ASN D 465 -0.48 -2.72 -30.86
C ASN D 465 -1.01 -2.70 -29.43
N MET D 466 -1.12 -1.49 -28.88
CA MET D 466 -1.68 -1.34 -27.55
C MET D 466 -3.19 -1.58 -27.57
N SER D 467 -3.82 -1.29 -28.71
CA SER D 467 -5.16 -1.74 -29.02
C SER D 467 -5.09 -3.20 -29.49
N ASP D 468 -6.17 -3.70 -30.09
CA ASP D 468 -6.28 -5.10 -30.55
C ASP D 468 -6.10 -6.06 -29.37
N GLU D 469 -7.14 -6.12 -28.53
CA GLU D 469 -7.15 -6.87 -27.27
C GLU D 469 -6.85 -8.37 -27.44
N GLU D 470 -6.89 -8.89 -28.66
CA GLU D 470 -6.38 -10.22 -28.95
C GLU D 470 -4.86 -10.27 -28.83
N ILE D 471 -4.26 -11.37 -29.31
CA ILE D 471 -3.09 -12.08 -28.78
C ILE D 471 -2.03 -11.20 -28.14
N GLU D 472 -1.63 -11.59 -26.92
CA GLU D 472 -1.11 -10.73 -25.85
C GLU D 472 0.02 -9.80 -26.29
N ASN D 473 0.01 -8.57 -25.75
CA ASN D 473 1.04 -7.60 -26.03
C ASN D 473 2.34 -7.99 -25.34
N SER D 474 3.46 -7.78 -26.04
CA SER D 474 4.77 -8.20 -25.56
C SER D 474 5.58 -7.07 -24.96
N TYR D 475 5.03 -5.84 -24.91
CA TYR D 475 5.73 -4.70 -24.33
C TYR D 475 6.09 -4.96 -22.87
N ASN D 476 5.09 -5.30 -22.07
CA ASN D 476 5.30 -5.48 -20.64
C ASN D 476 6.27 -6.61 -20.31
N PRO D 477 6.19 -7.84 -20.92
CA PRO D 477 7.26 -8.81 -20.66
C PRO D 477 8.62 -8.39 -21.16
N PHE D 478 8.69 -7.74 -22.33
CA PHE D 478 9.99 -7.30 -22.85
C PHE D 478 10.64 -6.27 -21.94
N LYS D 479 9.90 -5.24 -21.56
CA LYS D 479 10.46 -4.18 -20.73
C LYS D 479 10.80 -4.68 -19.33
N LYS D 480 10.02 -5.62 -18.80
CA LYS D 480 10.40 -6.24 -17.52
C LYS D 480 11.69 -7.01 -17.62
N ILE D 481 11.84 -7.85 -18.65
CA ILE D 481 13.05 -8.66 -18.78
C ILE D 481 14.26 -7.78 -19.07
N TRP D 482 14.09 -6.75 -19.90
CA TRP D 482 15.22 -5.88 -20.22
C TRP D 482 15.56 -4.96 -19.05
N ALA D 483 14.60 -4.74 -18.14
CA ALA D 483 14.93 -4.07 -16.89
C ALA D 483 15.69 -5.02 -15.97
N GLU D 484 15.37 -6.31 -16.00
CA GLU D 484 16.12 -7.29 -15.22
C GLU D 484 17.53 -7.45 -15.72
N LEU D 485 17.79 -7.16 -16.99
CA LEU D 485 19.07 -7.38 -17.64
C LEU D 485 19.87 -6.12 -17.84
N ASN D 486 19.31 -4.95 -17.48
CA ASN D 486 19.95 -3.64 -17.57
C ASN D 486 20.37 -3.32 -19.01
N LEU D 487 19.56 -3.75 -19.98
CA LEU D 487 19.75 -3.31 -21.35
C LEU D 487 18.64 -2.34 -21.73
N PRO D 488 18.97 -1.15 -22.22
CA PRO D 488 17.93 -0.23 -22.64
C PRO D 488 17.29 -0.66 -23.94
N SER D 489 16.08 -0.16 -24.18
CA SER D 489 15.27 -0.66 -25.29
C SER D 489 14.21 0.35 -25.67
N GLN D 490 14.05 0.56 -26.98
CA GLN D 490 12.99 1.39 -27.55
C GLN D 490 11.98 0.49 -28.24
N MET D 491 10.78 0.42 -27.69
CA MET D 491 9.73 -0.42 -28.23
C MET D 491 8.91 0.35 -29.25
N ILE D 492 8.37 -0.38 -30.22
CA ILE D 492 7.68 0.19 -31.38
C ILE D 492 6.50 -0.71 -31.71
N SER D 493 5.34 -0.11 -31.94
CA SER D 493 4.15 -0.87 -32.29
C SER D 493 4.29 -1.45 -33.70
N VAL D 494 3.42 -2.41 -34.00
CA VAL D 494 3.32 -2.93 -35.36
C VAL D 494 2.83 -1.84 -36.31
N LYS D 495 1.93 -0.98 -35.82
CA LYS D 495 1.38 0.09 -36.65
C LYS D 495 2.45 1.12 -37.01
N THR D 496 3.36 1.42 -36.09
CA THR D 496 4.45 2.34 -36.38
C THR D 496 5.45 1.73 -37.36
N ALA D 497 5.68 0.42 -37.26
CA ALA D 497 6.53 -0.26 -38.22
C ALA D 497 5.88 -0.29 -39.61
N GLU D 498 4.56 -0.43 -39.65
CA GLU D 498 3.85 -0.39 -40.93
C GLU D 498 3.84 1.02 -41.50
N ILE D 499 3.90 2.04 -40.64
CA ILE D 499 4.08 3.41 -41.09
C ILE D 499 5.47 3.60 -41.68
N PHE D 500 6.49 2.97 -41.08
CA PHE D 500 7.83 3.02 -41.65
C PHE D 500 7.92 2.25 -42.96
N ALA D 501 7.08 1.22 -43.11
CA ALA D 501 7.13 0.40 -44.31
C ALA D 501 6.32 1.00 -45.46
N ASN D 502 5.26 1.73 -45.14
CA ASN D 502 4.22 2.05 -46.12
C ASN D 502 4.01 3.54 -46.36
N SER D 503 4.81 4.41 -45.75
CA SER D 503 4.62 5.85 -45.96
C SER D 503 5.62 6.37 -46.99
N ARG D 504 5.15 7.31 -47.82
CA ARG D 504 5.97 7.97 -48.81
C ARG D 504 6.16 9.45 -48.55
N ASP D 505 5.36 10.05 -47.68
CA ASP D 505 5.51 11.45 -47.31
C ASP D 505 6.46 11.57 -46.11
N ASN D 506 6.52 12.77 -45.54
CA ASN D 506 7.34 13.04 -44.37
C ASN D 506 6.60 12.77 -43.05
N THR D 507 5.56 11.93 -43.07
CA THR D 507 4.81 11.65 -41.85
C THR D 507 5.61 10.81 -40.87
N ALA D 508 6.26 9.77 -41.37
CA ALA D 508 7.08 8.89 -40.53
C ALA D 508 8.36 9.55 -40.06
N LEU D 509 8.70 10.73 -40.57
CA LEU D 509 9.90 11.43 -40.13
C LEU D 509 9.78 11.87 -38.67
N TYR D 510 8.56 12.21 -38.23
CA TYR D 510 8.36 12.69 -36.87
C TYR D 510 8.34 11.53 -35.88
N TYR D 511 7.75 10.41 -36.31
CA TYR D 511 7.96 9.11 -35.68
C TYR D 511 9.44 8.83 -35.46
N LEU D 512 10.25 9.04 -36.51
CA LEU D 512 11.69 8.81 -36.41
C LEU D 512 12.36 9.79 -35.46
N HIS D 513 11.91 11.05 -35.45
CA HIS D 513 12.46 12.03 -34.51
C HIS D 513 12.25 11.60 -33.07
N ASN D 514 11.03 11.17 -32.74
CA ASN D 514 10.75 10.80 -31.36
C ASN D 514 11.35 9.46 -30.98
N ILE D 515 11.46 8.53 -31.94
CA ILE D 515 12.13 7.27 -31.68
C ILE D 515 13.62 7.48 -31.43
N VAL D 516 14.26 8.35 -32.20
CA VAL D 516 15.70 8.54 -32.04
C VAL D 516 16.01 9.39 -30.81
N LEU D 517 15.09 10.28 -30.42
CA LEU D 517 15.24 10.95 -29.12
C LEU D 517 15.05 9.96 -27.96
N GLY D 518 14.16 8.99 -28.12
CA GLY D 518 14.05 7.93 -27.14
C GLY D 518 15.30 7.07 -27.05
N ILE D 519 15.84 6.67 -28.19
CA ILE D 519 17.07 5.88 -28.25
C ILE D 519 18.23 6.64 -27.63
N LEU D 520 18.28 7.96 -27.86
CA LEU D 520 19.36 8.77 -27.31
C LEU D 520 19.23 8.94 -25.80
N GLY D 521 18.02 9.20 -25.31
CA GLY D 521 17.84 9.38 -23.88
C GLY D 521 18.03 8.10 -23.10
N LYS D 522 17.70 6.96 -23.71
CA LYS D 522 17.85 5.68 -23.04
C LYS D 522 19.29 5.17 -23.01
N ILE D 523 20.19 5.73 -23.79
CA ILE D 523 21.61 5.37 -23.74
C ILE D 523 22.43 6.42 -23.02
N GLY D 524 21.80 7.36 -22.33
CA GLY D 524 22.51 8.36 -21.59
C GLY D 524 22.92 9.58 -22.40
N GLY D 525 22.50 9.68 -23.65
CA GLY D 525 22.80 10.86 -24.42
C GLY D 525 21.85 12.00 -24.09
N ILE D 526 22.31 13.21 -24.43
CA ILE D 526 21.53 14.42 -24.19
C ILE D 526 21.42 15.19 -25.50
N PRO D 527 20.22 15.41 -26.02
CA PRO D 527 20.10 16.15 -27.30
C PRO D 527 20.30 17.65 -27.15
N TRP D 528 19.75 18.27 -26.12
CA TRP D 528 19.88 19.70 -25.90
C TRP D 528 19.93 20.00 -24.42
N VAL D 529 20.54 21.15 -24.09
CA VAL D 529 20.65 21.62 -22.72
C VAL D 529 20.19 23.08 -22.66
N VAL D 530 19.91 23.53 -21.44
CA VAL D 530 19.60 24.93 -21.19
C VAL D 530 20.91 25.72 -21.25
N LYS D 531 20.90 26.86 -21.94
CA LYS D 531 22.06 27.73 -21.94
C LYS D 531 22.25 28.38 -20.57
N ASP D 532 21.17 28.95 -20.02
CA ASP D 532 21.23 29.58 -18.72
C ASP D 532 19.86 29.48 -18.07
N MET D 533 19.84 29.07 -16.81
CA MET D 533 18.62 28.97 -16.03
C MET D 533 18.45 30.23 -15.20
N LYS D 534 17.22 30.74 -15.14
CA LYS D 534 16.94 31.94 -14.39
C LYS D 534 16.98 31.66 -12.89
N GLY D 535 17.68 32.52 -12.16
CA GLY D 535 17.76 32.41 -10.72
C GLY D 535 18.99 31.67 -10.26
N ASP D 536 19.17 31.66 -8.94
CA ASP D 536 20.31 31.03 -8.31
C ASP D 536 19.84 29.67 -7.80
N VAL D 537 20.00 28.63 -8.64
CA VAL D 537 19.61 27.27 -8.31
C VAL D 537 20.76 26.36 -8.69
N ASP D 538 21.00 25.34 -7.88
CA ASP D 538 22.01 24.34 -8.19
C ASP D 538 21.44 23.00 -8.62
N CYS D 539 20.37 22.54 -7.98
CA CYS D 539 19.75 21.31 -8.43
C CYS D 539 18.25 21.39 -8.28
N PHE D 540 17.54 20.67 -9.13
CA PHE D 540 16.09 20.52 -9.07
C PHE D 540 15.75 19.11 -8.59
N VAL D 541 14.80 19.02 -7.67
CA VAL D 541 14.32 17.73 -7.19
C VAL D 541 12.82 17.68 -7.48
N GLY D 542 12.40 16.63 -8.18
CA GLY D 542 10.98 16.46 -8.39
C GLY D 542 10.39 15.32 -7.60
N LEU D 543 9.72 15.63 -6.50
CA LEU D 543 9.13 14.62 -5.63
C LEU D 543 7.70 14.33 -6.08
N ASP D 544 7.31 13.06 -6.02
CA ASP D 544 5.94 12.67 -6.33
C ASP D 544 5.66 11.34 -5.65
N VAL D 545 4.41 11.16 -5.23
CA VAL D 545 3.87 9.89 -4.82
C VAL D 545 2.61 9.66 -5.62
N GLY D 546 2.57 8.56 -6.37
CA GLY D 546 1.41 8.23 -7.19
C GLY D 546 0.58 7.14 -6.54
N THR D 547 -0.69 7.09 -6.92
CA THR D 547 -1.63 6.09 -6.42
C THR D 547 -2.07 5.24 -7.60
N ARG D 548 -1.57 4.00 -7.66
CA ARG D 548 -1.92 3.13 -8.79
C ARG D 548 -3.37 2.68 -8.70
N GLU D 549 -3.77 2.13 -7.55
CA GLU D 549 -5.14 1.68 -7.33
C GLU D 549 -5.55 2.05 -5.91
N LYS D 550 -6.66 1.46 -5.48
CA LYS D 550 -7.14 1.65 -4.10
C LYS D 550 -6.24 0.91 -3.14
N GLY D 551 -5.67 1.63 -2.17
CA GLY D 551 -4.80 1.03 -1.19
C GLY D 551 -3.39 0.74 -1.67
N ILE D 552 -3.08 1.05 -2.92
CA ILE D 552 -1.75 0.86 -3.48
C ILE D 552 -1.20 2.24 -3.82
N HIS D 553 -0.02 2.56 -3.31
CA HIS D 553 0.67 3.79 -3.64
C HIS D 553 1.95 3.43 -4.38
N TYR D 554 2.30 4.22 -5.38
CA TYR D 554 3.63 4.10 -5.96
C TYR D 554 4.66 4.56 -4.92
N PRO D 555 5.90 4.08 -5.01
CA PRO D 555 6.95 4.61 -4.14
C PRO D 555 7.22 6.08 -4.41
N ALA D 556 7.75 6.75 -3.39
CA ALA D 556 7.94 8.20 -3.41
C ALA D 556 9.10 8.54 -4.33
N CYS D 557 8.83 8.56 -5.63
CA CYS D 557 9.87 8.78 -6.62
C CYS D 557 10.37 10.21 -6.62
N SER D 558 11.68 10.36 -6.71
CA SER D 558 12.32 11.66 -6.90
C SER D 558 13.21 11.58 -8.13
N VAL D 559 13.36 12.70 -8.83
CA VAL D 559 14.36 12.85 -9.87
C VAL D 559 15.26 14.01 -9.47
N VAL D 560 16.52 13.96 -9.87
CA VAL D 560 17.48 15.00 -9.55
C VAL D 560 18.01 15.56 -10.85
N PHE D 561 17.97 16.88 -10.99
CA PHE D 561 18.49 17.58 -12.16
C PHE D 561 19.58 18.51 -11.69
N ASP D 562 20.38 19.00 -12.61
CA ASP D 562 21.26 20.11 -12.26
C ASP D 562 20.54 21.41 -12.62
N LYS D 563 21.25 22.53 -12.59
CA LYS D 563 20.65 23.79 -12.98
C LYS D 563 20.37 23.85 -14.47
N TYR D 564 21.05 23.02 -15.27
CA TYR D 564 20.85 22.99 -16.71
C TYR D 564 19.80 21.97 -17.13
N GLY D 565 19.21 21.25 -16.18
CA GLY D 565 18.09 20.39 -16.44
C GLY D 565 18.42 19.00 -16.96
N LYS D 566 19.68 18.60 -16.99
CA LYS D 566 20.01 17.23 -17.36
C LYS D 566 19.94 16.36 -16.13
N LEU D 567 19.55 15.10 -16.32
CA LEU D 567 19.24 14.25 -15.17
C LEU D 567 20.50 13.74 -14.51
N ILE D 568 20.68 14.13 -13.26
CA ILE D 568 21.74 13.58 -12.41
C ILE D 568 21.36 12.21 -11.90
N ASN D 569 20.12 12.05 -11.44
CA ASN D 569 19.79 10.94 -10.57
C ASN D 569 18.28 10.78 -10.49
N TYR D 570 17.85 9.57 -10.18
CA TYR D 570 16.50 9.30 -9.71
C TYR D 570 16.59 8.31 -8.55
N TYR D 571 15.66 8.42 -7.60
CA TYR D 571 15.66 7.54 -6.44
C TYR D 571 14.27 6.99 -6.22
N LYS D 572 14.11 5.69 -6.43
CA LYS D 572 12.89 4.97 -6.08
C LYS D 572 13.13 4.27 -4.75
N PRO D 573 12.42 4.64 -3.68
CA PRO D 573 12.51 3.87 -2.44
C PRO D 573 11.89 2.50 -2.60
N ASN D 574 12.53 1.49 -2.02
CA ASN D 574 12.12 0.12 -2.23
C ASN D 574 10.84 -0.22 -1.48
N ILE D 575 10.52 0.55 -0.46
CA ILE D 575 9.33 0.29 0.36
C ILE D 575 8.20 1.22 -0.07
N PRO D 576 6.97 0.72 -0.18
CA PRO D 576 5.82 1.61 -0.39
C PRO D 576 5.47 2.29 0.91
N GLN D 577 4.61 3.30 0.84
CA GLN D 577 4.23 4.00 2.06
C GLN D 577 2.72 4.14 2.15
N ASN D 578 2.27 4.60 3.31
CA ASN D 578 0.85 4.78 3.58
C ASN D 578 0.49 6.23 3.28
N GLY D 579 0.13 6.51 2.04
CA GLY D 579 -0.37 7.82 1.71
C GLY D 579 0.51 8.62 0.78
N GLU D 580 0.09 9.87 0.60
CA GLU D 580 0.70 10.80 -0.32
C GLU D 580 1.74 11.70 0.37
N LYS D 581 1.89 11.57 1.68
CA LYS D 581 2.92 12.26 2.42
C LYS D 581 4.17 11.39 2.45
N ILE D 582 5.31 11.99 2.13
CA ILE D 582 6.57 11.26 2.18
C ILE D 582 7.09 11.30 3.61
N ASN D 583 7.41 10.14 4.16
CA ASN D 583 7.91 10.01 5.52
C ASN D 583 9.29 10.66 5.61
N THR D 584 9.64 11.12 6.81
CA THR D 584 10.92 11.80 6.99
C THR D 584 12.10 10.84 6.91
N GLU D 585 11.87 9.54 7.12
CA GLU D 585 12.88 8.55 6.81
C GLU D 585 13.06 8.42 5.31
N ILE D 586 11.95 8.43 4.57
CA ILE D 586 12.03 8.37 3.11
C ILE D 586 12.59 9.67 2.55
N LEU D 587 12.25 10.81 3.18
CA LEU D 587 12.86 12.09 2.82
C LEU D 587 14.35 12.09 3.10
N GLN D 588 14.78 11.42 4.18
CA GLN D 588 16.20 11.25 4.48
C GLN D 588 16.90 10.48 3.37
N GLU D 589 16.31 9.34 2.97
CA GLU D 589 16.86 8.53 1.88
C GLU D 589 16.97 9.34 0.59
N ILE D 590 15.87 10.01 0.23
CA ILE D 590 15.78 10.77 -1.03
C ILE D 590 16.81 11.89 -1.05
N PHE D 591 16.85 12.73 -0.02
CA PHE D 591 17.70 13.89 -0.12
C PHE D 591 19.15 13.61 0.22
N ASP D 592 19.46 12.55 0.97
CA ASP D 592 20.84 12.09 1.03
C ASP D 592 21.31 11.62 -0.34
N LYS D 593 20.45 10.91 -1.06
CA LYS D 593 20.78 10.50 -2.42
C LYS D 593 20.94 11.72 -3.35
N VAL D 594 20.13 12.77 -3.14
CA VAL D 594 20.23 14.02 -3.90
C VAL D 594 21.59 14.68 -3.68
N LEU D 595 21.96 14.88 -2.41
CA LEU D 595 23.19 15.62 -2.11
C LEU D 595 24.42 14.81 -2.47
N ILE D 596 24.34 13.49 -2.32
CA ILE D 596 25.41 12.60 -2.74
C ILE D 596 25.62 12.67 -4.25
N SER D 597 24.53 12.68 -5.02
CA SER D 597 24.67 12.69 -6.48
C SER D 597 25.17 14.03 -6.97
N TYR D 598 24.73 15.13 -6.35
CA TYR D 598 25.24 16.44 -6.74
C TYR D 598 26.70 16.60 -6.33
N GLU D 599 27.09 16.02 -5.19
CA GLU D 599 28.48 16.10 -4.76
C GLU D 599 29.37 15.21 -5.61
N GLU D 600 28.82 14.11 -6.13
CA GLU D 600 29.59 13.23 -6.99
C GLU D 600 29.83 13.87 -8.36
N GLU D 601 28.81 14.50 -8.92
CA GLU D 601 28.99 15.10 -10.24
C GLU D 601 29.48 16.54 -10.19
N ASN D 602 29.59 17.14 -9.00
CA ASN D 602 29.98 18.55 -8.92
C ASN D 602 31.00 18.89 -7.86
N GLY D 603 31.29 18.00 -6.90
CA GLY D 603 32.35 18.25 -5.95
C GLY D 603 31.92 18.88 -4.63
N ALA D 604 30.67 19.32 -4.51
CA ALA D 604 30.22 19.95 -3.28
C ALA D 604 28.71 19.80 -3.17
N TYR D 605 28.18 20.13 -1.99
CA TYR D 605 26.75 20.19 -1.80
C TYR D 605 26.13 21.33 -2.61
N PRO D 606 24.88 21.18 -3.05
CA PRO D 606 24.22 22.29 -3.74
C PRO D 606 23.83 23.39 -2.76
N LYS D 607 24.21 24.62 -3.09
CA LYS D 607 23.87 25.76 -2.24
C LYS D 607 22.38 26.08 -2.32
N ASN D 608 21.74 25.74 -3.44
CA ASN D 608 20.35 26.07 -3.69
C ASN D 608 19.64 24.89 -4.33
N ILE D 609 18.53 24.47 -3.72
CA ILE D 609 17.72 23.37 -4.21
C ILE D 609 16.30 23.90 -4.42
N VAL D 610 15.68 23.52 -5.53
CA VAL D 610 14.27 23.79 -5.75
C VAL D 610 13.54 22.46 -5.85
N ILE D 611 12.64 22.21 -4.92
CA ILE D 611 11.93 20.94 -4.82
C ILE D 611 10.58 21.11 -5.48
N HIS D 612 10.37 20.48 -6.63
CA HIS D 612 9.08 20.55 -7.32
C HIS D 612 8.24 19.37 -6.87
N ARG D 613 7.38 19.61 -5.89
CA ARG D 613 6.50 18.57 -5.37
C ARG D 613 5.25 18.49 -6.23
N ALA D 614 5.03 17.33 -6.83
CA ALA D 614 3.86 17.14 -7.67
C ALA D 614 2.62 16.95 -6.80
N GLY D 615 1.73 17.91 -6.83
CA GLY D 615 0.55 17.90 -5.98
C GLY D 615 0.70 18.83 -4.80
N PHE D 616 0.39 18.33 -3.61
CA PHE D 616 0.55 19.10 -2.38
C PHE D 616 1.87 18.73 -1.71
N SER D 617 2.55 19.73 -1.18
CA SER D 617 3.72 19.49 -0.33
C SER D 617 3.23 19.27 1.10
N ARG D 618 2.71 18.08 1.34
CA ARG D 618 2.18 17.71 2.63
C ARG D 618 3.25 17.14 3.56
N GLU D 619 4.52 17.23 3.18
CA GLU D 619 5.59 16.71 4.01
C GLU D 619 5.92 17.70 5.13
N ASP D 620 6.64 17.21 6.13
CA ASP D 620 6.97 18.00 7.30
C ASP D 620 8.02 19.05 6.95
N LEU D 621 7.64 20.32 6.99
CA LEU D 621 8.54 21.39 6.62
C LEU D 621 9.63 21.61 7.66
N ASP D 622 9.35 21.24 8.92
CA ASP D 622 10.37 21.35 9.96
C ASP D 622 11.51 20.36 9.73
N TRP D 623 11.19 19.19 9.17
CA TRP D 623 12.22 18.24 8.75
C TRP D 623 13.13 18.86 7.70
N TYR D 624 12.53 19.46 6.66
CA TYR D 624 13.29 20.08 5.59
C TYR D 624 14.18 21.20 6.11
N GLU D 625 13.62 22.04 6.99
CA GLU D 625 14.39 23.17 7.52
C GLU D 625 15.55 22.69 8.38
N ASN D 626 15.34 21.66 9.20
CA ASN D 626 16.42 21.09 9.99
C ASN D 626 17.47 20.44 9.10
N TYR D 627 17.04 19.64 8.12
CA TYR D 627 17.95 18.89 7.26
C TYR D 627 18.82 19.81 6.42
N PHE D 628 18.23 20.82 5.80
CA PHE D 628 19.01 21.72 4.96
C PHE D 628 19.59 22.90 5.72
N GLY D 629 19.26 23.06 7.01
CA GLY D 629 19.89 24.10 7.80
C GLY D 629 21.11 23.57 8.51
N LYS D 630 21.13 22.27 8.81
CA LYS D 630 22.36 21.66 9.30
C LYS D 630 23.43 21.57 8.21
N LYS D 631 23.04 21.61 6.94
CA LYS D 631 23.95 21.41 5.83
C LYS D 631 24.19 22.68 5.03
N ASN D 632 23.67 23.82 5.51
CA ASN D 632 23.86 25.15 4.92
C ASN D 632 23.37 25.18 3.48
N ILE D 633 22.12 24.76 3.28
CA ILE D 633 21.49 24.69 1.98
C ILE D 633 20.22 25.51 2.02
N LYS D 634 20.13 26.52 1.16
CA LYS D 634 18.88 27.23 0.95
C LYS D 634 18.03 26.41 0.00
N PHE D 635 16.78 26.17 0.38
CA PHE D 635 15.93 25.29 -0.43
C PHE D 635 14.59 25.95 -0.67
N ASN D 636 13.92 25.49 -1.71
CA ASN D 636 12.64 26.03 -2.16
C ASN D 636 11.73 24.86 -2.47
N ILE D 637 10.48 24.93 -2.04
CA ILE D 637 9.50 23.90 -2.35
C ILE D 637 8.40 24.53 -3.18
N ILE D 638 8.23 24.03 -4.40
CA ILE D 638 7.23 24.52 -5.34
C ILE D 638 6.24 23.39 -5.57
N GLU D 639 4.95 23.68 -5.45
CA GLU D 639 3.92 22.66 -5.65
C GLU D 639 3.39 22.77 -7.07
N VAL D 640 3.83 21.88 -7.94
CA VAL D 640 3.41 21.88 -9.34
C VAL D 640 2.22 20.94 -9.47
N LYS D 641 1.08 21.47 -9.90
CA LYS D 641 -0.18 20.75 -9.85
C LYS D 641 -0.79 20.60 -11.24
N LYS D 642 -1.11 19.36 -11.59
CA LYS D 642 -1.61 19.02 -12.91
C LYS D 642 -3.09 19.36 -13.06
N SER D 643 -3.93 18.70 -12.27
CA SER D 643 -5.38 18.73 -12.45
C SER D 643 -5.92 20.00 -11.82
N THR D 644 -6.42 20.90 -12.66
CA THR D 644 -7.02 22.14 -12.21
C THR D 644 -8.07 22.57 -13.23
N PRO D 645 -9.29 22.88 -12.80
CA PRO D 645 -10.32 23.28 -13.77
C PRO D 645 -10.13 24.68 -14.32
N LEU D 646 -9.17 25.46 -13.82
CA LEU D 646 -9.01 26.83 -14.28
C LEU D 646 -8.36 26.86 -15.64
N LYS D 647 -8.95 27.65 -16.54
CA LYS D 647 -8.42 27.90 -17.87
C LYS D 647 -8.07 29.37 -17.99
N ILE D 648 -6.95 29.66 -18.64
CA ILE D 648 -6.52 31.03 -18.93
C ILE D 648 -6.89 31.32 -20.37
N ALA D 649 -7.45 32.51 -20.61
CA ALA D 649 -7.73 32.99 -21.95
C ALA D 649 -6.78 34.12 -22.31
N SER D 650 -6.73 34.43 -23.60
CA SER D 650 -6.07 35.63 -24.09
C SER D 650 -7.10 36.52 -24.73
N ILE D 651 -7.47 37.59 -24.04
CA ILE D 651 -8.43 38.56 -24.54
C ILE D 651 -7.67 39.65 -25.27
N ASN D 652 -8.14 40.00 -26.47
CA ASN D 652 -7.45 40.94 -27.35
C ASN D 652 -8.52 41.80 -28.01
N GLU D 653 -8.78 42.97 -27.40
CA GLU D 653 -9.91 43.85 -27.74
C GLU D 653 -11.22 43.08 -27.74
N GLY D 654 -11.42 42.26 -26.71
CA GLY D 654 -12.63 41.48 -26.57
C GLY D 654 -12.67 40.18 -27.34
N ASN D 655 -11.62 39.83 -28.07
CA ASN D 655 -11.56 38.61 -28.85
C ASN D 655 -10.82 37.54 -28.05
N ILE D 656 -11.53 36.51 -27.64
CA ILE D 656 -10.97 35.46 -26.80
C ILE D 656 -10.29 34.43 -27.70
N THR D 657 -9.08 34.01 -27.30
CA THR D 657 -8.33 33.02 -28.05
C THR D 657 -7.50 32.20 -27.07
N ASN D 658 -6.91 31.13 -27.57
CA ASN D 658 -6.06 30.30 -26.73
C ASN D 658 -4.77 31.03 -26.43
N PRO D 659 -4.26 30.97 -25.20
CA PRO D 659 -3.00 31.64 -24.89
C PRO D 659 -1.80 30.84 -25.38
N GLU D 660 -0.71 31.56 -25.63
CA GLU D 660 0.53 30.93 -26.02
C GLU D 660 1.14 30.19 -24.83
N LYS D 661 2.08 29.29 -25.11
CA LYS D 661 2.81 28.67 -24.03
C LYS D 661 3.75 29.68 -23.38
N GLY D 662 3.94 29.53 -22.07
CA GLY D 662 4.68 30.50 -21.30
C GLY D 662 3.84 31.63 -20.74
N SER D 663 2.57 31.70 -21.10
CA SER D 663 1.67 32.70 -20.57
C SER D 663 1.23 32.31 -19.17
N TYR D 664 1.43 33.21 -18.21
CA TYR D 664 1.13 32.92 -16.82
C TYR D 664 0.22 34.00 -16.25
N ILE D 665 -0.46 33.66 -15.17
CA ILE D 665 -1.05 34.62 -14.25
C ILE D 665 -0.49 34.33 -12.86
N LEU D 666 -0.36 35.38 -12.04
CA LEU D 666 0.35 35.26 -10.78
C LEU D 666 -0.28 36.18 -9.73
N ARG D 667 -0.82 35.58 -8.67
CA ARG D 667 -1.33 36.33 -7.54
C ARG D 667 -0.76 35.72 -6.27
N GLY D 668 0.16 36.42 -5.64
CA GLY D 668 0.75 35.92 -4.41
C GLY D 668 1.73 34.80 -4.70
N ASN D 669 1.49 33.65 -4.09
CA ASN D 669 2.31 32.48 -4.36
C ASN D 669 1.69 31.52 -5.35
N LYS D 670 0.38 31.60 -5.57
CA LYS D 670 -0.32 30.76 -6.52
C LYS D 670 -0.11 31.30 -7.92
N ALA D 671 0.13 30.40 -8.87
CA ALA D 671 0.36 30.81 -10.24
C ALA D 671 -0.17 29.74 -11.19
N TYR D 672 -0.83 30.20 -12.25
CA TYR D 672 -1.33 29.35 -13.31
C TYR D 672 -0.56 29.70 -14.56
N MET D 673 0.14 28.74 -15.15
CA MET D 673 1.00 28.99 -16.29
C MET D 673 0.69 28.03 -17.41
N VAL D 674 0.52 28.59 -18.61
CA VAL D 674 0.24 27.82 -19.81
C VAL D 674 1.56 27.33 -20.38
N THR D 675 1.74 26.02 -20.44
CA THR D 675 2.97 25.43 -20.92
C THR D 675 2.81 24.71 -22.25
N THR D 676 1.59 24.70 -22.81
CA THR D 676 1.30 24.00 -24.06
C THR D 676 0.70 24.98 -25.05
N ASP D 677 1.21 24.96 -26.28
CA ASP D 677 0.73 25.85 -27.34
C ASP D 677 -0.27 25.05 -28.17
N ILE D 678 -1.55 25.27 -27.91
CA ILE D 678 -2.62 24.45 -28.45
C ILE D 678 -3.49 25.31 -29.35
N LYS D 679 -3.57 24.92 -30.61
CA LYS D 679 -4.28 25.67 -31.64
C LYS D 679 -5.78 25.54 -31.43
N GLU D 680 -6.51 26.49 -31.99
CA GLU D 680 -7.96 26.41 -32.02
C GLU D 680 -8.39 25.27 -32.92
N ASN D 681 -9.59 24.74 -32.64
CA ASN D 681 -10.15 23.47 -33.10
C ASN D 681 -9.32 22.27 -32.63
N LEU D 682 -8.50 22.42 -31.60
CA LEU D 682 -7.86 21.31 -30.90
C LEU D 682 -8.09 21.38 -29.40
N GLY D 683 -8.91 22.30 -28.94
CA GLY D 683 -9.15 22.51 -27.54
C GLY D 683 -8.53 23.79 -27.04
N SER D 684 -8.41 23.89 -25.72
CA SER D 684 -7.80 25.00 -25.05
C SER D 684 -6.73 24.49 -24.10
N PRO D 685 -5.66 25.24 -23.89
CA PRO D 685 -4.56 24.73 -23.06
C PRO D 685 -4.96 24.63 -21.60
N LYS D 686 -4.59 23.51 -20.97
CA LYS D 686 -4.75 23.33 -19.54
C LYS D 686 -3.51 23.88 -18.86
N PRO D 687 -3.61 24.98 -18.11
CA PRO D 687 -2.42 25.52 -17.46
C PRO D 687 -2.06 24.72 -16.21
N LEU D 688 -0.83 24.92 -15.76
CA LEU D 688 -0.34 24.28 -14.55
C LEU D 688 -0.58 25.19 -13.37
N LYS D 689 -1.28 24.69 -12.35
CA LYS D 689 -1.36 25.42 -11.10
C LYS D 689 -0.05 25.20 -10.34
N ILE D 690 0.56 26.30 -9.92
CA ILE D 690 1.89 26.29 -9.34
C ILE D 690 1.86 27.20 -8.12
N GLU D 691 2.15 26.65 -6.95
CA GLU D 691 2.24 27.48 -5.76
C GLU D 691 3.48 27.10 -4.95
N LYS D 692 4.03 28.09 -4.27
CA LYS D 692 5.24 27.95 -3.48
C LYS D 692 4.84 27.71 -2.02
N SER D 693 5.07 26.50 -1.53
CA SER D 693 4.76 26.22 -0.14
C SER D 693 5.89 26.66 0.78
N TYR D 694 7.13 26.59 0.31
CA TYR D 694 8.27 27.13 1.04
C TYR D 694 9.25 27.71 0.03
N GLY D 695 9.92 28.77 0.43
CA GLY D 695 11.03 29.29 -0.35
C GLY D 695 11.15 30.78 -0.18
N ASP D 696 12.23 31.32 -0.75
CA ASP D 696 12.44 32.75 -0.78
C ASP D 696 12.79 33.27 -2.17
N ILE D 697 12.71 32.43 -3.19
CA ILE D 697 12.79 32.92 -4.56
C ILE D 697 11.41 33.45 -4.94
N ASP D 698 11.39 34.48 -5.77
CA ASP D 698 10.12 35.01 -6.23
C ASP D 698 9.49 34.03 -7.22
N MET D 699 8.18 34.16 -7.40
CA MET D 699 7.46 33.23 -8.25
C MET D 699 7.74 33.43 -9.73
N LEU D 700 8.28 34.57 -10.13
CA LEU D 700 8.70 34.74 -11.52
C LEU D 700 9.87 33.82 -11.85
N THR D 701 10.83 33.71 -10.92
CA THR D 701 11.95 32.80 -11.10
C THR D 701 11.48 31.35 -11.07
N ALA D 702 10.59 31.01 -10.15
CA ALA D 702 10.06 29.65 -10.07
C ALA D 702 9.28 29.27 -11.31
N LEU D 703 8.46 30.19 -11.82
CA LEU D 703 7.70 29.92 -13.04
C LEU D 703 8.61 29.85 -14.27
N SER D 704 9.65 30.68 -14.32
CA SER D 704 10.59 30.61 -15.43
C SER D 704 11.37 29.30 -15.42
N GLN D 705 11.74 28.83 -14.22
CA GLN D 705 12.41 27.54 -14.11
C GLN D 705 11.49 26.39 -14.47
N ILE D 706 10.22 26.45 -14.08
CA ILE D 706 9.27 25.39 -14.42
C ILE D 706 9.00 25.37 -15.92
N TYR D 707 8.83 26.54 -16.53
CA TYR D 707 8.60 26.59 -17.97
C TYR D 707 9.85 26.21 -18.75
N ALA D 708 11.03 26.47 -18.21
CA ALA D 708 12.25 25.98 -18.83
C ALA D 708 12.36 24.47 -18.71
N LEU D 709 11.88 23.91 -17.60
CA LEU D 709 11.93 22.47 -17.39
C LEU D 709 10.88 21.75 -18.23
N THR D 710 9.83 22.46 -18.67
CA THR D 710 8.89 21.86 -19.61
C THR D 710 9.49 21.74 -21.00
N GLN D 711 10.24 22.75 -21.44
CA GLN D 711 10.75 22.83 -22.79
C GLN D 711 12.01 22.01 -23.02
N ILE D 712 12.50 21.29 -22.01
CA ILE D 712 13.72 20.51 -22.17
C ILE D 712 13.42 19.04 -22.00
N HIS D 713 12.19 18.65 -22.30
CA HIS D 713 11.85 17.23 -22.39
C HIS D 713 12.62 16.62 -23.55
N VAL D 714 13.55 15.72 -23.24
CA VAL D 714 14.51 15.21 -24.21
C VAL D 714 14.00 13.95 -24.89
N GLY D 715 12.74 13.61 -24.65
CA GLY D 715 12.21 12.41 -25.24
C GLY D 715 11.25 12.67 -26.37
N ALA D 716 11.03 13.93 -26.69
CA ALA D 716 10.10 14.30 -27.75
C ALA D 716 10.56 15.59 -28.39
N THR D 717 10.15 15.79 -29.63
CA THR D 717 10.36 17.07 -30.32
C THR D 717 9.31 18.10 -29.97
N LYS D 718 8.32 17.76 -29.17
CA LYS D 718 7.39 18.74 -28.64
C LYS D 718 7.35 18.62 -27.12
N SER D 719 7.12 19.74 -26.46
CA SER D 719 7.41 19.87 -25.05
C SER D 719 6.39 19.14 -24.20
N LEU D 720 6.78 18.86 -22.97
CA LEU D 720 5.91 18.23 -22.00
C LEU D 720 5.10 19.33 -21.32
N ARG D 721 3.88 19.01 -20.89
CA ARG D 721 3.09 20.00 -20.18
C ARG D 721 3.65 20.27 -18.79
N LEU D 722 3.95 19.22 -18.07
CA LEU D 722 4.62 19.29 -16.79
C LEU D 722 6.10 19.62 -16.97
N PRO D 723 6.72 20.25 -15.96
CA PRO D 723 8.18 20.25 -15.92
C PRO D 723 8.68 18.83 -15.77
N ILE D 724 9.88 18.57 -16.29
CA ILE D 724 10.35 17.19 -16.29
C ILE D 724 10.82 16.73 -14.92
N THR D 725 10.82 17.60 -13.91
CA THR D 725 10.89 17.15 -12.52
C THR D 725 9.68 16.30 -12.18
N THR D 726 8.50 16.94 -12.17
CA THR D 726 7.27 16.22 -11.88
C THR D 726 6.87 15.34 -13.05
N GLY D 727 7.22 15.74 -14.28
CA GLY D 727 6.91 14.92 -15.43
C GLY D 727 7.70 13.63 -15.49
N TYR D 728 9.00 13.69 -15.18
CA TYR D 728 9.79 12.47 -15.16
C TYR D 728 9.52 11.66 -13.91
N ALA D 729 9.08 12.29 -12.81
CA ALA D 729 8.60 11.52 -11.68
C ALA D 729 7.34 10.73 -12.05
N ASP D 730 6.45 11.33 -12.84
CA ASP D 730 5.29 10.60 -13.37
C ASP D 730 5.70 9.50 -14.32
N LYS D 731 6.74 9.73 -15.13
CA LYS D 731 7.17 8.71 -16.08
C LYS D 731 7.85 7.54 -15.38
N ILE D 732 8.53 7.79 -14.25
CA ILE D 732 9.09 6.69 -13.49
C ILE D 732 7.99 5.97 -12.71
N CYS D 733 6.97 6.70 -12.26
CA CYS D 733 5.84 6.03 -11.63
C CYS D 733 5.07 5.17 -12.63
N LYS D 734 5.05 5.56 -13.91
CA LYS D 734 4.45 4.71 -14.93
C LYS D 734 5.35 3.53 -15.25
N ALA D 735 6.64 3.77 -15.43
CA ALA D 735 7.62 2.71 -15.65
C ALA D 735 8.25 2.24 -14.35
N ILE D 736 7.41 1.90 -13.37
CA ILE D 736 7.90 1.56 -12.04
C ILE D 736 8.27 0.08 -11.94
N GLU D 737 7.65 -0.76 -12.77
CA GLU D 737 8.02 -2.15 -12.91
C GLU D 737 9.06 -2.36 -14.00
N PHE D 738 9.56 -1.27 -14.58
CA PHE D 738 10.48 -1.29 -15.70
C PHE D 738 11.81 -0.65 -15.35
N ILE D 739 12.04 -0.39 -14.06
CA ILE D 739 13.27 0.25 -13.61
C ILE D 739 14.41 -0.74 -13.76
N PRO D 740 15.51 -0.38 -14.44
CA PRO D 740 16.59 -1.34 -14.69
C PRO D 740 17.31 -1.72 -13.41
N GLN D 741 17.93 -2.90 -13.42
CA GLN D 741 18.50 -3.46 -12.21
C GLN D 741 19.74 -2.70 -11.76
N GLY D 742 20.71 -2.52 -12.66
CA GLY D 742 22.00 -1.97 -12.29
C GLY D 742 22.04 -0.54 -11.78
N ARG D 743 23.26 -0.01 -11.62
CA ARG D 743 23.48 1.24 -10.88
C ARG D 743 22.83 2.42 -11.61
N VAL D 744 22.17 3.28 -10.82
CA VAL D 744 21.39 4.38 -11.35
C VAL D 744 22.31 5.40 -12.00
N ASP D 745 22.01 5.76 -13.24
CA ASP D 745 22.85 6.65 -14.03
C ASP D 745 21.96 7.58 -14.85
N ASN D 746 22.56 8.23 -15.84
CA ASN D 746 21.91 9.24 -16.68
C ASN D 746 20.94 8.61 -17.69
N ARG D 747 20.91 7.30 -17.84
CA ARG D 747 20.07 6.67 -18.84
C ARG D 747 18.59 6.76 -18.45
N LEU D 748 17.78 7.22 -19.39
CA LEU D 748 16.38 7.55 -19.13
C LEU D 748 15.49 6.45 -19.69
N PHE D 749 15.36 5.39 -18.89
CA PHE D 749 14.62 4.17 -19.28
C PHE D 749 13.14 4.46 -19.51
N PHE D 750 12.63 5.50 -18.85
CA PHE D 750 11.20 5.76 -18.71
C PHE D 750 10.63 6.55 -19.88
N LEU D 751 11.34 6.66 -20.98
CA LEU D 751 11.17 7.75 -21.90
C LEU D 751 10.76 7.30 -23.30
MN MN G . 5.99 -13.07 5.90
MN MN H . 22.81 -11.73 8.69
MN MN I . 2.35 11.61 -10.09
MN MN J . 9.10 5.99 -24.79
#